data_4MMS
#
_entry.id   4MMS
#
_cell.length_a   170.753
_cell.length_b   170.753
_cell.length_c   163.890
_cell.angle_alpha   90.00
_cell.angle_beta   90.00
_cell.angle_gamma   90.00
#
_symmetry.space_group_name_H-M   'P 41 21 2'
#
loop_
_entity.id
_entity.type
_entity.pdbx_description
1 polymer 'Fusion glycoprotein F2'
2 polymer 'Fusion glycoprotein F1 fused with Fibritin trimerization domain'
3 non-polymer 'SULFATE ION'
4 water water
#
loop_
_entity_poly.entity_id
_entity_poly.type
_entity_poly.pdbx_seq_one_letter_code
_entity_poly.pdbx_strand_id
1 'polypeptide(L)'
;QNITEEFYQSTCSAVSKGYLSALRTGWYTSVITIELSNIKENKCNGTDAKVKLIKQELDKYKNAVTELQLLMQSTPATNN
RA
;
A,C,E
2 'polypeptide(L)'
;FLGFLLGVGSAIASGVAVSKVLHLEGEVNKIKSALLSTNKAVVSLSNGVSVLTFKVLDLKNYIDKQLLPILNKQSCSISN
IETVIEFQQKNNRLLEITREFSVNAGVTTPVSTYMLTNSELLSLINDMPITNDQKKLMSNNVQIVRQQSYSIMSIIKEEV
LAYVVQLPLYGVIDTPCWKLHTSPLCTTNTKEGSNICLTRTDRGWYCDNAGSVSFFPQAETCKVQSNRVFCDTMNSLTLP
SEVNLCNVDIFNPKYDCKIMTSKTDVSSSVITSLGAIVSCYGKTKCTASNKNRGIIKTFSNGCDYVSNKGVDTVSVGNTL
YYVNKQEGKSLYVKGEPIINFYDPLVFPSDEFDASISQVNEKINQSLAFIRKSDELLSAIGGYIPEAPRDGQAYVRKDGE
WVLLSTFLGGLVPR
;
B,D,F
#
loop_
_chem_comp.id
_chem_comp.type
_chem_comp.name
_chem_comp.formula
SO4 non-polymer 'SULFATE ION' 'O4 S -2'
#
# COMPACT_ATOMS: atom_id res chain seq x y z
N ASN A 2 -15.67 22.94 -17.85
CA ASN A 2 -15.88 22.61 -19.25
C ASN A 2 -15.00 21.45 -19.71
N ILE A 3 -15.44 20.22 -19.44
CA ILE A 3 -14.67 19.04 -19.81
C ILE A 3 -15.16 18.42 -21.11
N THR A 4 -14.24 18.19 -22.04
CA THR A 4 -14.57 17.57 -23.31
C THR A 4 -13.71 16.35 -23.56
N GLU A 5 -14.09 15.54 -24.55
CA GLU A 5 -13.37 14.30 -24.80
C GLU A 5 -13.39 13.92 -26.28
N GLU A 6 -12.26 13.41 -26.76
CA GLU A 6 -12.15 12.96 -28.15
C GLU A 6 -11.69 11.51 -28.21
N PHE A 7 -12.37 10.70 -29.01
CA PHE A 7 -11.94 9.32 -29.24
C PHE A 7 -11.33 9.17 -30.62
N TYR A 8 -10.17 8.53 -30.68
CA TYR A 8 -9.49 8.29 -31.95
C TYR A 8 -9.57 6.83 -32.34
N GLN A 9 -10.45 6.53 -33.31
CA GLN A 9 -10.69 5.17 -33.75
C GLN A 9 -9.43 4.51 -34.32
N SER A 10 -8.58 5.32 -34.94
CA SER A 10 -7.40 4.82 -35.63
C SER A 10 -6.35 4.23 -34.70
N THR A 11 -6.31 4.69 -33.46
CA THR A 11 -5.28 4.24 -32.51
C THR A 11 -5.84 3.71 -31.19
N CYS A 12 -7.15 3.55 -31.11
CA CYS A 12 -7.81 3.03 -29.90
C CYS A 12 -7.42 3.81 -28.66
N SER A 13 -7.62 5.13 -28.70
CA SER A 13 -7.26 5.99 -27.58
C SER A 13 -8.22 7.17 -27.43
N ALA A 14 -8.24 7.76 -26.25
CA ALA A 14 -9.14 8.88 -25.98
C ALA A 14 -8.48 9.95 -25.10
N VAL A 15 -8.75 11.21 -25.40
CA VAL A 15 -8.21 12.32 -24.64
C VAL A 15 -9.29 13.15 -23.97
N SER A 16 -9.17 13.33 -22.66
CA SER A 16 -10.11 14.15 -21.90
C SER A 16 -9.48 15.49 -21.53
N LYS A 17 -10.05 16.58 -22.03
CA LYS A 17 -9.49 17.91 -21.82
C LYS A 17 -10.37 18.78 -20.92
N GLY A 18 -9.83 19.93 -20.53
CA GLY A 18 -10.57 20.89 -19.72
C GLY A 18 -10.13 20.95 -18.28
N TYR A 19 -9.10 20.20 -17.93
CA TYR A 19 -8.61 20.16 -16.55
C TYR A 19 -7.57 21.24 -16.25
N LEU A 20 -7.44 21.58 -14.98
CA LEU A 20 -6.47 22.58 -14.53
C LEU A 20 -5.45 21.96 -13.58
N SER A 21 -4.20 22.40 -13.69
CA SER A 21 -3.11 21.77 -12.94
C SER A 21 -2.98 22.27 -11.51
N ALA A 22 -2.37 21.43 -10.68
CA ALA A 22 -1.96 21.77 -9.33
C ALA A 22 -0.82 20.81 -8.98
N LEU A 23 0.36 21.10 -9.53
CA LEU A 23 1.49 20.19 -9.43
C LEU A 23 2.41 20.52 -8.26
N ARG A 24 2.75 19.51 -7.47
CA ARG A 24 3.74 19.71 -6.42
C ARG A 24 5.10 19.79 -7.08
N THR A 25 5.78 20.92 -6.88
CA THR A 25 7.08 21.13 -7.49
C THR A 25 8.18 21.21 -6.45
N GLY A 26 7.81 21.60 -5.23
CA GLY A 26 8.77 21.75 -4.15
C GLY A 26 8.24 21.30 -2.81
N TRP A 27 9.04 21.53 -1.78
CA TRP A 27 8.64 21.18 -0.42
C TRP A 27 8.91 22.35 0.51
N TYR A 28 8.01 22.58 1.46
CA TYR A 28 8.28 23.52 2.55
C TYR A 28 8.37 22.77 3.87
N THR A 29 9.49 22.93 4.57
CA THR A 29 9.69 22.24 5.83
C THR A 29 9.47 23.19 7.01
N SER A 30 8.57 22.79 7.90
CA SER A 30 8.28 23.56 9.11
C SER A 30 8.52 22.69 10.34
N VAL A 31 8.85 23.32 11.46
CA VAL A 31 9.14 22.60 12.69
C VAL A 31 8.01 22.75 13.71
N ILE A 32 7.38 21.63 14.04
CA ILE A 32 6.30 21.63 15.02
C ILE A 32 6.82 21.18 16.38
N THR A 33 6.53 21.98 17.41
CA THR A 33 7.07 21.71 18.74
C THR A 33 5.99 21.51 19.81
N ILE A 34 6.27 20.60 20.73
CA ILE A 34 5.43 20.40 21.91
C ILE A 34 6.28 20.53 23.17
N GLU A 35 5.90 21.47 24.03
CA GLU A 35 6.67 21.72 25.25
C GLU A 35 6.33 20.70 26.33
N LEU A 36 7.35 19.93 26.73
CA LEU A 36 7.17 18.87 27.72
C LEU A 36 7.83 19.27 29.04
N SER A 37 7.69 18.43 30.06
CA SER A 37 8.33 18.69 31.35
C SER A 37 9.11 17.46 31.78
N ASN A 38 10.17 17.68 32.55
CA ASN A 38 10.98 16.56 33.04
C ASN A 38 10.49 16.08 34.40
N ILE A 39 10.00 14.84 34.42
CA ILE A 39 9.54 14.19 35.65
C ILE A 39 10.05 12.76 35.76
N LYS A 40 10.50 12.37 36.94
CA LYS A 40 10.99 11.01 37.14
C LYS A 40 10.29 10.30 38.29
N GLU A 41 10.91 9.25 38.79
CA GLU A 41 10.34 8.42 39.85
C GLU A 41 9.95 9.24 41.07
N ASN A 42 8.69 9.67 41.11
CA ASN A 42 8.17 10.35 42.28
C ASN A 42 7.95 9.37 43.42
N LYS A 43 8.60 9.65 44.54
CA LYS A 43 8.59 8.74 45.68
C LYS A 43 7.37 8.89 46.59
N CYS A 44 6.24 9.32 46.03
CA CYS A 44 5.08 9.57 46.85
C CYS A 44 4.42 8.26 47.26
N ASN A 45 3.87 8.21 48.47
CA ASN A 45 3.23 7.00 48.98
C ASN A 45 1.70 7.05 49.07
N GLY A 46 1.10 8.10 48.50
CA GLY A 46 -0.35 8.20 48.47
C GLY A 46 -0.95 7.08 47.64
N THR A 47 -1.94 6.39 48.19
CA THR A 47 -2.50 5.20 47.54
C THR A 47 -4.03 5.09 47.59
N ASP A 48 -4.71 6.11 47.07
CA ASP A 48 -6.15 6.05 46.87
C ASP A 48 -6.41 6.06 45.36
N ALA A 49 -7.67 5.95 44.96
CA ALA A 49 -8.02 5.73 43.56
C ALA A 49 -7.55 6.84 42.62
N LYS A 50 -7.69 8.09 43.06
CA LYS A 50 -7.37 9.22 42.19
C LYS A 50 -5.87 9.34 41.90
N VAL A 51 -5.05 9.02 42.89
CA VAL A 51 -3.60 9.08 42.71
C VAL A 51 -3.11 7.93 41.84
N LYS A 52 -3.74 6.77 41.98
CA LYS A 52 -3.36 5.61 41.16
C LYS A 52 -3.63 5.87 39.68
N LEU A 53 -4.75 6.54 39.40
CA LEU A 53 -5.10 6.91 38.04
C LEU A 53 -4.10 7.92 37.49
N ILE A 54 -3.69 8.87 38.33
CA ILE A 54 -2.72 9.88 37.93
C ILE A 54 -1.36 9.23 37.68
N LYS A 55 -0.98 8.33 38.58
CA LYS A 55 0.29 7.60 38.47
C LYS A 55 0.40 6.83 37.16
N GLN A 56 -0.62 6.05 36.84
CA GLN A 56 -0.58 5.20 35.65
C GLN A 56 -0.72 6.02 34.37
N GLU A 57 -1.33 7.20 34.48
CA GLU A 57 -1.40 8.10 33.35
C GLU A 57 -0.04 8.76 33.18
N LEU A 58 0.64 8.97 34.29
CA LEU A 58 1.98 9.53 34.29
C LEU A 58 2.97 8.50 33.73
N ASP A 59 2.63 7.22 33.87
CA ASP A 59 3.44 6.14 33.32
C ASP A 59 3.37 6.12 31.80
N LYS A 60 2.18 6.39 31.27
CA LYS A 60 1.99 6.49 29.82
C LYS A 60 2.86 7.63 29.27
N TYR A 61 2.91 8.73 30.00
CA TYR A 61 3.70 9.89 29.62
C TYR A 61 5.19 9.53 29.53
N LYS A 62 5.70 8.88 30.58
CA LYS A 62 7.11 8.50 30.62
C LYS A 62 7.45 7.46 29.56
N ASN A 63 6.51 6.57 29.27
CA ASN A 63 6.71 5.56 28.24
C ASN A 63 6.75 6.18 26.85
N ALA A 64 5.97 7.25 26.67
CA ALA A 64 5.94 7.97 25.40
C ALA A 64 7.27 8.66 25.17
N VAL A 65 7.81 9.27 26.23
CA VAL A 65 9.09 9.94 26.16
C VAL A 65 10.20 8.94 25.86
N THR A 66 10.11 7.76 26.47
CA THR A 66 11.08 6.70 26.25
C THR A 66 11.09 6.25 24.79
N GLU A 67 9.90 6.03 24.24
CA GLU A 67 9.77 5.60 22.85
C GLU A 67 10.25 6.70 21.89
N LEU A 68 9.89 7.95 22.18
CA LEU A 68 10.30 9.07 21.34
C LEU A 68 11.81 9.26 21.35
N GLN A 69 12.44 8.94 22.47
CA GLN A 69 13.89 9.04 22.60
C GLN A 69 14.61 8.05 21.71
N LEU A 70 13.97 6.90 21.48
CA LEU A 70 14.53 5.89 20.60
C LEU A 70 14.48 6.37 19.15
N LEU A 71 13.37 7.00 18.78
CA LEU A 71 13.18 7.50 17.43
C LEU A 71 14.10 8.69 17.11
N MET A 72 14.49 9.42 18.16
CA MET A 72 15.43 10.52 17.99
C MET A 72 16.83 10.02 17.64
N GLN A 73 17.20 8.89 18.24
CA GLN A 73 18.54 8.34 18.06
C GLN A 73 18.70 7.66 16.72
N SER A 74 17.56 7.33 16.10
CA SER A 74 17.55 6.69 14.80
C SER A 74 17.52 7.72 13.67
N THR A 75 17.78 7.24 12.45
CA THR A 75 17.65 8.06 11.25
C THR A 75 16.34 7.60 10.63
N PRO A 76 15.46 8.54 10.27
CA PRO A 76 14.08 8.16 9.93
C PRO A 76 13.90 7.35 8.65
N ALA A 77 12.98 6.39 8.73
CA ALA A 77 12.52 5.52 7.64
C ALA A 77 12.66 6.09 6.23
N THR A 78 13.53 5.47 5.44
CA THR A 78 13.68 5.85 4.04
C THR A 78 13.56 4.59 3.16
N ASN A 79 12.66 4.64 2.19
CA ASN A 79 12.30 3.52 1.34
C ASN A 79 12.45 3.76 -0.17
N ASN A 80 13.67 3.87 -0.69
CA ASN A 80 13.84 4.28 -2.09
C ASN A 80 14.21 3.22 -3.11
N ARG A 81 13.77 3.47 -4.34
CA ARG A 81 14.18 2.74 -5.52
C ARG A 81 15.66 3.02 -5.76
N ALA A 82 16.24 2.35 -6.75
CA ALA A 82 17.63 2.57 -7.11
C ALA A 82 17.73 3.02 -8.56
N PHE B 1 1.84 2.92 -17.68
CA PHE B 1 2.58 1.80 -18.25
C PHE B 1 4.08 2.07 -18.30
N LEU B 2 4.46 3.33 -18.53
CA LEU B 2 5.86 3.69 -18.68
C LEU B 2 6.45 4.20 -17.38
N GLY B 3 5.91 3.73 -16.26
CA GLY B 3 6.37 4.13 -14.94
C GLY B 3 7.80 3.71 -14.67
N PHE B 4 8.26 2.68 -15.39
CA PHE B 4 9.62 2.18 -15.19
C PHE B 4 10.66 3.11 -15.81
N LEU B 5 10.20 4.14 -16.52
CA LEU B 5 11.11 5.12 -17.11
C LEU B 5 11.41 6.26 -16.15
N LEU B 6 10.67 6.32 -15.06
CA LEU B 6 10.80 7.42 -14.10
C LEU B 6 12.14 7.41 -13.37
N GLY B 7 12.57 8.60 -12.97
CA GLY B 7 13.79 8.73 -12.18
C GLY B 7 13.53 8.36 -10.73
N VAL B 8 14.57 8.45 -9.91
CA VAL B 8 14.48 8.08 -8.50
C VAL B 8 14.92 9.22 -7.60
N GLY B 9 14.05 9.63 -6.69
CA GLY B 9 14.37 10.69 -5.76
C GLY B 9 14.16 10.27 -4.32
N SER B 10 14.59 11.10 -3.39
CA SER B 10 14.38 10.84 -1.96
C SER B 10 13.33 11.80 -1.44
N ALA B 11 12.17 11.26 -1.10
CA ALA B 11 10.99 12.08 -0.79
C ALA B 11 11.14 13.00 0.42
N ILE B 12 11.85 12.54 1.44
CA ILE B 12 11.98 13.33 2.66
C ILE B 12 13.40 13.84 2.89
N ALA B 13 14.19 13.89 1.82
CA ALA B 13 15.58 14.35 1.91
C ALA B 13 15.69 15.77 2.45
N SER B 14 14.71 16.61 2.12
CA SER B 14 14.71 17.99 2.59
C SER B 14 14.35 18.07 4.07
N GLY B 15 13.33 17.33 4.47
CA GLY B 15 12.90 17.30 5.86
C GLY B 15 13.95 16.66 6.76
N VAL B 16 14.59 15.60 6.27
CA VAL B 16 15.64 14.92 7.02
C VAL B 16 16.83 15.86 7.23
N ALA B 17 17.12 16.69 6.23
CA ALA B 17 18.19 17.66 6.32
C ALA B 17 17.95 18.65 7.46
N VAL B 18 16.70 19.10 7.59
CA VAL B 18 16.33 20.01 8.67
C VAL B 18 16.37 19.30 10.01
N SER B 19 15.93 18.03 10.02
CA SER B 19 15.92 17.23 11.25
C SER B 19 17.32 17.03 11.81
N LYS B 20 18.29 16.79 10.94
CA LYS B 20 19.66 16.56 11.36
C LYS B 20 20.29 17.82 11.95
N VAL B 21 19.85 18.98 11.46
CA VAL B 21 20.33 20.25 12.00
C VAL B 21 19.81 20.43 13.43
N LEU B 22 18.61 19.93 13.69
CA LEU B 22 18.00 20.05 15.01
C LEU B 22 18.68 19.17 16.06
N HIS B 23 19.42 18.16 15.61
CA HIS B 23 20.14 17.27 16.51
C HIS B 23 21.44 17.91 17.02
N LEU B 24 21.81 19.03 16.41
CA LEU B 24 23.05 19.70 16.74
C LEU B 24 22.93 20.39 18.10
N GLU B 25 24.00 20.36 18.90
CA GLU B 25 23.98 21.01 20.22
C GLU B 25 23.74 22.51 20.18
N GLY B 26 22.82 22.97 21.02
CA GLY B 26 22.51 24.38 21.14
C GLY B 26 21.41 24.83 20.21
N GLU B 27 21.03 23.95 19.28
CA GLU B 27 20.01 24.26 18.29
C GLU B 27 18.62 24.38 18.92
N VAL B 28 18.38 23.57 19.94
CA VAL B 28 17.08 23.55 20.62
C VAL B 28 16.83 24.86 21.38
N ASN B 29 17.89 25.45 21.92
CA ASN B 29 17.79 26.66 22.71
C ASN B 29 17.26 27.83 21.88
N LYS B 30 17.67 27.85 20.62
CA LYS B 30 17.26 28.89 19.67
C LYS B 30 15.75 28.81 19.42
N ILE B 31 15.25 27.59 19.23
CA ILE B 31 13.83 27.37 19.03
C ILE B 31 13.09 27.71 20.33
N LYS B 32 13.64 27.26 21.45
CA LYS B 32 13.03 27.49 22.76
C LYS B 32 12.98 28.97 23.11
N SER B 33 14.02 29.70 22.72
CA SER B 33 14.10 31.14 23.00
C SER B 33 13.09 31.94 22.19
N ALA B 34 12.85 31.51 20.96
CA ALA B 34 11.94 32.22 20.06
C ALA B 34 10.47 31.94 20.35
N LEU B 35 10.21 30.94 21.18
CA LEU B 35 8.85 30.51 21.46
C LEU B 35 8.38 30.74 22.90
N LEU B 36 9.17 31.48 23.68
CA LEU B 36 8.79 31.75 25.08
C LEU B 36 7.66 32.76 25.18
N SER B 37 7.54 33.63 24.19
CA SER B 37 6.54 34.70 24.19
C SER B 37 5.36 34.38 23.29
N THR B 38 5.64 33.78 22.13
CA THR B 38 4.60 33.45 21.17
C THR B 38 4.67 31.98 20.78
N ASN B 39 3.71 31.55 19.95
CA ASN B 39 3.64 30.15 19.54
C ASN B 39 4.08 29.91 18.10
N LYS B 40 4.31 30.99 17.38
CA LYS B 40 4.71 30.89 15.98
C LYS B 40 5.77 31.90 15.57
N ALA B 41 6.96 31.40 15.29
CA ALA B 41 8.09 32.24 14.94
C ALA B 41 8.95 31.63 13.84
N VAL B 42 9.79 32.47 13.22
CA VAL B 42 10.70 32.03 12.17
C VAL B 42 12.13 32.05 12.69
N VAL B 43 12.65 30.86 12.98
CA VAL B 43 13.96 30.70 13.57
C VAL B 43 15.03 30.38 12.53
N SER B 44 16.22 30.96 12.72
CA SER B 44 17.36 30.66 11.87
C SER B 44 18.19 29.54 12.49
N LEU B 45 18.45 28.50 11.71
CA LEU B 45 19.21 27.36 12.20
C LEU B 45 20.70 27.55 11.88
N SER B 46 21.54 26.68 12.44
CA SER B 46 22.98 26.88 12.40
C SER B 46 23.60 26.83 11.00
N ASN B 47 22.87 26.24 10.05
CA ASN B 47 23.36 26.19 8.67
C ASN B 47 22.73 27.27 7.80
N GLY B 48 22.15 28.28 8.45
CA GLY B 48 21.59 29.41 7.73
C GLY B 48 20.29 29.13 7.00
N VAL B 49 19.43 28.30 7.60
CA VAL B 49 18.12 28.03 7.01
C VAL B 49 16.99 28.58 7.90
N SER B 50 15.98 29.17 7.25
CA SER B 50 14.86 29.76 7.97
C SER B 50 13.60 28.90 7.84
N VAL B 51 13.13 28.39 8.97
CA VAL B 51 11.95 27.54 9.00
C VAL B 51 10.87 28.11 9.93
N LEU B 52 9.62 27.96 9.53
CA LEU B 52 8.51 28.37 10.39
C LEU B 52 8.41 27.41 11.57
N THR B 53 8.34 27.96 12.78
CA THR B 53 8.27 27.15 13.98
C THR B 53 6.90 27.34 14.63
N PHE B 54 6.38 26.25 15.20
CA PHE B 54 5.00 26.24 15.67
C PHE B 54 4.91 25.42 16.97
N LYS B 55 4.42 26.06 18.03
CA LYS B 55 4.19 25.36 19.28
C LYS B 55 2.70 25.05 19.41
N VAL B 56 2.34 23.78 19.33
CA VAL B 56 0.94 23.36 19.24
C VAL B 56 0.39 22.86 20.56
N LEU B 57 1.28 22.54 21.49
CA LEU B 57 0.87 22.01 22.79
C LEU B 57 1.90 22.34 23.87
N ASP B 58 1.43 22.82 25.00
CA ASP B 58 2.29 23.15 26.12
C ASP B 58 1.95 22.29 27.32
N LEU B 59 2.50 21.08 27.35
CA LEU B 59 2.27 20.16 28.47
C LEU B 59 3.07 20.58 29.70
N LYS B 60 4.18 21.26 29.48
CA LYS B 60 5.05 21.70 30.56
C LYS B 60 4.31 22.62 31.54
N ASN B 61 3.63 23.63 30.99
CA ASN B 61 2.88 24.58 31.78
C ASN B 61 1.82 23.90 32.63
N TYR B 62 1.14 22.91 32.05
CA TYR B 62 0.10 22.17 32.76
C TYR B 62 0.66 21.29 33.86
N ILE B 63 1.63 20.46 33.50
CA ILE B 63 2.21 19.50 34.45
C ILE B 63 2.88 20.21 35.62
N ASP B 64 3.76 21.17 35.33
CA ASP B 64 4.52 21.87 36.36
C ASP B 64 3.66 22.68 37.33
N LYS B 65 2.57 23.27 36.83
CA LYS B 65 1.75 24.15 37.64
C LYS B 65 0.52 23.47 38.26
N GLN B 66 -0.29 22.85 37.41
CA GLN B 66 -1.57 22.33 37.84
C GLN B 66 -1.53 20.84 38.22
N LEU B 67 -0.33 20.27 38.30
CA LEU B 67 -0.21 18.85 38.58
C LEU B 67 1.00 18.50 39.44
N LEU B 68 2.17 19.04 39.09
CA LEU B 68 3.42 18.71 39.79
C LEU B 68 3.51 19.10 41.28
N PRO B 69 2.98 20.27 41.68
CA PRO B 69 3.08 20.59 43.12
C PRO B 69 2.26 19.66 43.99
N ILE B 70 1.19 19.11 43.43
CA ILE B 70 0.36 18.15 44.16
C ILE B 70 1.12 16.84 44.32
N LEU B 71 2.12 16.64 43.45
CA LEU B 71 2.97 15.46 43.47
C LEU B 71 4.31 15.72 44.15
N ASN B 72 4.54 16.97 44.56
CA ASN B 72 5.74 17.32 45.32
C ASN B 72 5.62 16.83 46.77
N LYS B 73 5.58 15.51 46.93
CA LYS B 73 5.33 14.90 48.22
C LYS B 73 6.20 13.62 48.35
N GLN B 74 6.35 12.97 49.52
CA GLN B 74 5.51 13.01 50.75
C GLN B 74 4.14 12.37 50.50
N SER B 75 3.09 12.88 51.17
CA SER B 75 1.76 12.33 50.99
C SER B 75 1.11 12.99 49.79
N CYS B 76 1.01 12.28 48.66
CA CYS B 76 0.44 12.92 47.49
C CYS B 76 -1.03 12.55 47.53
N SER B 77 -1.88 13.56 47.33
CA SER B 77 -3.30 13.32 47.32
C SER B 77 -4.00 14.18 46.29
N ILE B 78 -4.90 13.57 45.56
CA ILE B 78 -5.64 14.30 44.55
C ILE B 78 -7.01 14.58 45.14
N SER B 79 -7.43 15.84 45.07
CA SER B 79 -8.68 16.27 45.67
C SER B 79 -9.85 16.08 44.69
N ASN B 80 -9.66 16.43 43.43
CA ASN B 80 -10.75 16.28 42.49
C ASN B 80 -10.57 15.26 41.35
N ILE B 81 -11.70 14.72 40.89
CA ILE B 81 -11.71 13.77 39.79
C ILE B 81 -11.45 14.47 38.47
N GLU B 82 -11.76 15.76 38.42
CA GLU B 82 -11.58 16.56 37.22
C GLU B 82 -10.11 16.69 36.87
N THR B 83 -9.25 16.57 37.88
CA THR B 83 -7.81 16.64 37.68
C THR B 83 -7.30 15.44 36.89
N VAL B 84 -7.88 14.27 37.16
CA VAL B 84 -7.48 13.05 36.46
C VAL B 84 -7.94 13.07 35.01
N ILE B 85 -9.16 13.54 34.78
CA ILE B 85 -9.72 13.59 33.44
C ILE B 85 -9.02 14.65 32.58
N GLU B 86 -8.77 15.82 33.17
CA GLU B 86 -8.12 16.92 32.46
C GLU B 86 -6.72 16.53 32.03
N PHE B 87 -6.03 15.76 32.87
CA PHE B 87 -4.69 15.28 32.54
C PHE B 87 -4.74 14.30 31.37
N GLN B 88 -5.73 13.42 31.37
CA GLN B 88 -5.91 12.46 30.29
C GLN B 88 -6.18 13.16 28.95
N GLN B 89 -6.90 14.27 29.02
CA GLN B 89 -7.21 15.06 27.83
C GLN B 89 -5.97 15.72 27.22
N LYS B 90 -5.18 16.36 28.07
CA LYS B 90 -3.96 17.05 27.65
C LYS B 90 -2.93 16.05 27.12
N ASN B 91 -2.77 14.95 27.85
CA ASN B 91 -1.75 13.95 27.56
C ASN B 91 -2.03 13.13 26.29
N ASN B 92 -3.30 13.06 25.90
CA ASN B 92 -3.73 12.19 24.82
C ASN B 92 -3.07 12.45 23.46
N ARG B 93 -2.93 13.73 23.10
CA ARG B 93 -2.35 14.07 21.81
C ARG B 93 -0.90 13.59 21.71
N LEU B 94 -0.16 13.72 22.80
CA LEU B 94 1.22 13.25 22.85
C LEU B 94 1.29 11.73 22.66
N LEU B 95 0.37 11.01 23.31
CA LEU B 95 0.34 9.56 23.22
C LEU B 95 -0.01 9.09 21.80
N GLU B 96 -0.91 9.83 21.14
CA GLU B 96 -1.32 9.47 19.79
C GLU B 96 -0.23 9.78 18.77
N ILE B 97 0.49 10.87 18.98
CA ILE B 97 1.61 11.24 18.12
C ILE B 97 2.72 10.20 18.24
N THR B 98 3.03 9.81 19.46
CA THR B 98 4.04 8.79 19.71
C THR B 98 3.63 7.45 19.10
N ARG B 99 2.33 7.17 19.15
CA ARG B 99 1.79 5.92 18.63
C ARG B 99 1.96 5.80 17.12
N GLU B 100 1.70 6.89 16.41
CA GLU B 100 1.83 6.88 14.95
C GLU B 100 3.28 6.78 14.51
N PHE B 101 4.15 7.51 15.20
CA PHE B 101 5.58 7.49 14.90
C PHE B 101 6.18 6.11 15.15
N SER B 102 5.69 5.43 16.18
CA SER B 102 6.25 4.15 16.60
C SER B 102 5.92 2.99 15.67
N VAL B 103 4.88 3.15 14.86
CA VAL B 103 4.50 2.10 13.91
C VAL B 103 4.86 2.48 12.48
N ASN B 104 5.39 3.68 12.30
CA ASN B 104 5.82 4.15 10.99
C ASN B 104 7.29 4.52 10.94
N ALA B 105 8.05 4.04 11.93
CA ALA B 105 9.49 4.28 12.02
C ALA B 105 9.86 5.77 11.95
N GLY B 106 9.04 6.61 12.55
CA GLY B 106 9.35 8.03 12.67
C GLY B 106 8.96 8.89 11.48
N VAL B 107 8.30 8.30 10.49
CA VAL B 107 7.83 9.04 9.32
C VAL B 107 6.41 8.65 8.97
N THR B 108 5.49 9.61 9.01
CA THR B 108 4.10 9.31 8.71
C THR B 108 3.61 10.09 7.49
N THR B 109 2.77 9.43 6.69
CA THR B 109 2.05 10.08 5.61
C THR B 109 0.81 9.25 5.28
N PRO B 110 -0.35 9.90 5.12
CA PRO B 110 -0.60 11.34 5.26
C PRO B 110 -0.45 11.85 6.69
N VAL B 111 -0.37 13.18 6.84
CA VAL B 111 -0.24 13.81 8.14
C VAL B 111 -1.59 13.88 8.86
N SER B 112 -1.68 13.22 10.01
CA SER B 112 -2.92 13.15 10.77
C SER B 112 -3.26 14.45 11.47
N THR B 113 -4.47 14.52 12.01
CA THR B 113 -4.91 15.70 12.76
C THR B 113 -4.25 15.75 14.13
N TYR B 114 -3.71 14.61 14.57
CA TYR B 114 -2.93 14.55 15.80
C TYR B 114 -1.60 15.26 15.60
N MET B 115 -0.98 15.03 14.44
CA MET B 115 0.27 15.69 14.08
C MET B 115 0.05 17.18 13.88
N LEU B 116 -1.06 17.52 13.23
CA LEU B 116 -1.36 18.90 12.89
C LEU B 116 -2.85 19.08 12.63
N THR B 117 -3.52 19.80 13.52
CA THR B 117 -4.97 20.01 13.41
C THR B 117 -5.30 20.90 12.22
N ASN B 118 -6.56 20.88 11.80
CA ASN B 118 -7.02 21.70 10.69
C ASN B 118 -6.79 23.19 10.92
N SER B 119 -6.93 23.62 12.17
CA SER B 119 -6.70 25.02 12.52
C SER B 119 -5.21 25.34 12.36
N GLU B 120 -4.37 24.44 12.86
CA GLU B 120 -2.92 24.63 12.79
C GLU B 120 -2.44 24.59 11.34
N LEU B 121 -3.00 23.67 10.56
CA LEU B 121 -2.62 23.54 9.16
C LEU B 121 -2.98 24.77 8.35
N LEU B 122 -4.19 25.28 8.56
CA LEU B 122 -4.65 26.49 7.89
C LEU B 122 -3.83 27.70 8.30
N SER B 123 -3.36 27.69 9.54
CA SER B 123 -2.53 28.79 10.05
C SER B 123 -1.16 28.78 9.37
N LEU B 124 -0.58 27.59 9.22
CA LEU B 124 0.69 27.43 8.51
C LEU B 124 0.59 27.95 7.09
N ILE B 125 -0.41 27.47 6.36
CA ILE B 125 -0.64 27.85 4.97
C ILE B 125 -0.76 29.37 4.82
N ASN B 126 -1.41 30.01 5.78
CA ASN B 126 -1.59 31.45 5.70
C ASN B 126 -0.28 32.18 5.95
N ASP B 127 0.65 31.53 6.66
CA ASP B 127 1.92 32.16 6.98
C ASP B 127 3.08 31.61 6.17
N MET B 128 2.80 30.73 5.22
CA MET B 128 3.89 30.32 4.37
C MET B 128 4.09 31.47 3.42
N PRO B 129 5.34 31.75 3.15
CA PRO B 129 5.67 32.79 2.18
C PRO B 129 5.28 32.28 0.81
N ILE B 130 4.00 32.18 0.48
CA ILE B 130 3.63 31.67 -0.85
C ILE B 130 2.66 32.61 -1.50
N THR B 131 2.38 32.36 -2.78
CA THR B 131 1.49 33.21 -3.56
C THR B 131 0.14 33.21 -2.85
N ASN B 132 -0.57 34.33 -2.93
CA ASN B 132 -1.86 34.44 -2.27
C ASN B 132 -2.90 33.51 -2.86
N ASP B 133 -2.69 33.12 -4.11
CA ASP B 133 -3.56 32.16 -4.79
C ASP B 133 -3.24 30.71 -4.43
N GLN B 134 -2.01 30.47 -4.00
CA GLN B 134 -1.60 29.15 -3.55
C GLN B 134 -2.21 28.86 -2.20
N LYS B 135 -2.41 29.92 -1.42
CA LYS B 135 -2.98 29.81 -0.08
C LYS B 135 -4.44 29.37 -0.13
N LYS B 136 -5.21 29.97 -1.03
CA LYS B 136 -6.62 29.62 -1.18
C LYS B 136 -6.77 28.22 -1.75
N LEU B 137 -5.85 27.83 -2.62
CA LEU B 137 -5.87 26.50 -3.21
C LEU B 137 -5.63 25.42 -2.17
N MET B 138 -4.62 25.60 -1.34
CA MET B 138 -4.27 24.65 -0.29
C MET B 138 -5.35 24.60 0.78
N SER B 139 -5.98 25.74 1.06
CA SER B 139 -7.00 25.84 2.10
C SER B 139 -8.29 25.14 1.69
N ASN B 140 -8.62 25.20 0.41
CA ASN B 140 -9.82 24.54 -0.10
C ASN B 140 -9.59 23.06 -0.40
N ASN B 141 -8.33 22.63 -0.31
CA ASN B 141 -7.98 21.24 -0.56
C ASN B 141 -7.06 20.67 0.51
N VAL B 142 -7.37 20.95 1.77
CA VAL B 142 -6.53 20.51 2.88
C VAL B 142 -6.40 19.00 2.97
N GLN B 143 -7.42 18.28 2.52
CA GLN B 143 -7.38 16.82 2.53
C GLN B 143 -6.36 16.29 1.53
N ILE B 144 -6.15 17.03 0.44
CA ILE B 144 -5.14 16.67 -0.55
C ILE B 144 -3.76 17.04 -0.03
N VAL B 145 -3.66 18.23 0.56
CA VAL B 145 -2.41 18.69 1.17
C VAL B 145 -1.92 17.69 2.21
N ARG B 146 -2.85 17.17 3.01
CA ARG B 146 -2.53 16.19 4.04
C ARG B 146 -1.95 14.92 3.44
N GLN B 147 -2.58 14.42 2.38
CA GLN B 147 -2.13 13.18 1.74
C GLN B 147 -0.76 13.31 1.08
N GLN B 148 -0.40 14.53 0.72
CA GLN B 148 0.87 14.78 0.03
C GLN B 148 1.93 15.30 0.99
N SER B 149 1.65 15.21 2.28
CA SER B 149 2.56 15.73 3.29
C SER B 149 3.25 14.64 4.10
N TYR B 150 4.37 14.99 4.70
CA TYR B 150 5.10 14.07 5.56
C TYR B 150 5.29 14.66 6.96
N SER B 151 5.30 13.80 7.96
CA SER B 151 5.66 14.22 9.31
C SER B 151 6.86 13.39 9.78
N ILE B 152 7.96 14.08 10.11
CA ILE B 152 9.20 13.41 10.43
C ILE B 152 9.64 13.68 11.87
N MET B 153 9.65 12.62 12.68
CA MET B 153 10.12 12.71 14.06
C MET B 153 11.58 13.13 14.09
N SER B 154 11.90 14.13 14.90
CA SER B 154 13.25 14.68 14.93
C SER B 154 13.93 14.49 16.28
N ILE B 155 13.61 15.35 17.24
CA ILE B 155 14.28 15.33 18.54
C ILE B 155 13.34 15.43 19.73
N ILE B 156 13.73 14.81 20.84
CA ILE B 156 13.10 15.10 22.13
C ILE B 156 14.18 15.33 23.20
N LYS B 157 14.61 16.58 23.32
CA LYS B 157 15.66 16.96 24.27
C LYS B 157 15.41 18.35 24.87
N GLU B 158 15.85 18.53 26.12
CA GLU B 158 15.62 19.77 26.87
C GLU B 158 14.15 20.13 26.86
N GLU B 159 13.36 19.29 27.52
CA GLU B 159 11.90 19.37 27.56
C GLU B 159 11.21 19.95 26.32
N VAL B 160 11.66 19.51 25.14
CA VAL B 160 11.04 19.92 23.88
C VAL B 160 10.89 18.74 22.94
N LEU B 161 9.67 18.49 22.48
CA LEU B 161 9.44 17.53 21.41
C LEU B 161 9.32 18.29 20.10
N ALA B 162 10.20 17.97 19.14
CA ALA B 162 10.16 18.64 17.85
C ALA B 162 10.11 17.64 16.71
N TYR B 163 9.18 17.85 15.78
CA TYR B 163 9.12 17.06 14.56
C TYR B 163 8.91 17.95 13.35
N VAL B 164 9.46 17.51 12.21
CA VAL B 164 9.39 18.29 10.98
C VAL B 164 8.18 17.89 10.15
N VAL B 165 7.37 18.86 9.77
CA VAL B 165 6.26 18.62 8.87
C VAL B 165 6.60 19.18 7.49
N GLN B 166 6.59 18.29 6.50
CA GLN B 166 6.99 18.63 5.14
C GLN B 166 5.75 18.80 4.27
N LEU B 167 5.38 20.04 4.00
CA LEU B 167 4.17 20.33 3.24
C LEU B 167 4.49 20.61 1.76
N PRO B 168 3.55 20.26 0.87
CA PRO B 168 3.78 20.49 -0.56
C PRO B 168 3.58 21.96 -0.94
N LEU B 169 4.40 22.46 -1.86
CA LEU B 169 4.16 23.77 -2.45
C LEU B 169 3.94 23.61 -3.95
N TYR B 170 2.88 24.23 -4.46
CA TYR B 170 2.48 24.05 -5.85
C TYR B 170 2.95 25.17 -6.75
N GLY B 171 4.09 24.96 -7.40
CA GLY B 171 4.69 25.99 -8.25
C GLY B 171 4.08 26.07 -9.64
N VAL B 172 3.26 25.09 -9.98
CA VAL B 172 2.54 25.08 -11.25
C VAL B 172 1.04 24.96 -11.01
N ILE B 173 0.31 26.02 -11.33
CA ILE B 173 -1.12 26.09 -11.05
C ILE B 173 -1.90 26.61 -12.27
N ASP B 174 -3.05 26.01 -12.52
CA ASP B 174 -4.01 26.49 -13.54
C ASP B 174 -3.50 26.42 -14.98
N THR B 175 -2.59 25.50 -15.26
CA THR B 175 -2.22 25.21 -16.64
C THR B 175 -3.11 24.08 -17.14
N PRO B 176 -3.41 24.07 -18.44
CA PRO B 176 -4.31 23.04 -18.99
C PRO B 176 -3.74 21.63 -18.84
N CYS B 177 -4.58 20.70 -18.39
CA CYS B 177 -4.21 19.30 -18.28
C CYS B 177 -5.15 18.43 -19.11
N TRP B 178 -4.64 17.29 -19.56
CA TRP B 178 -5.47 16.32 -20.26
C TRP B 178 -5.04 14.89 -19.96
N LYS B 179 -6.01 13.98 -19.96
CA LYS B 179 -5.74 12.58 -19.66
C LYS B 179 -5.89 11.72 -20.90
N LEU B 180 -4.84 10.97 -21.23
CA LEU B 180 -4.85 10.07 -22.37
C LEU B 180 -5.15 8.65 -21.92
N HIS B 181 -6.22 8.08 -22.45
CA HIS B 181 -6.58 6.69 -22.19
C HIS B 181 -6.26 5.87 -23.43
N THR B 182 -5.62 4.72 -23.24
CA THR B 182 -5.29 3.84 -24.36
C THR B 182 -5.71 2.40 -24.07
N SER B 183 -5.97 1.65 -25.14
CA SER B 183 -6.43 0.28 -25.02
C SER B 183 -5.88 -0.52 -26.21
N PRO B 184 -5.71 -1.84 -26.06
CA PRO B 184 -5.12 -2.65 -27.12
C PRO B 184 -5.90 -2.61 -28.45
N LEU B 185 -5.17 -2.44 -29.54
CA LEU B 185 -5.74 -2.43 -30.88
C LEU B 185 -5.26 -3.66 -31.67
N CYS B 186 -6.18 -4.58 -31.92
CA CYS B 186 -5.85 -5.84 -32.58
C CYS B 186 -6.65 -6.03 -33.86
N THR B 187 -6.16 -6.91 -34.72
CA THR B 187 -6.94 -7.36 -35.88
C THR B 187 -8.12 -8.14 -35.31
N THR B 188 -9.18 -8.30 -36.10
CA THR B 188 -10.45 -8.73 -35.54
C THR B 188 -10.84 -10.17 -35.83
N ASN B 189 -9.86 -11.03 -36.09
CA ASN B 189 -10.13 -12.44 -36.29
C ASN B 189 -10.60 -13.12 -35.00
N THR B 190 -11.56 -14.02 -35.12
CA THR B 190 -12.19 -14.62 -33.93
C THR B 190 -11.39 -15.76 -33.32
N LYS B 191 -10.71 -16.53 -34.17
CA LYS B 191 -9.95 -17.68 -33.70
C LYS B 191 -8.66 -17.24 -32.99
N GLU B 192 -8.31 -17.95 -31.92
CA GLU B 192 -7.19 -17.56 -31.09
C GLU B 192 -5.83 -17.63 -31.81
N GLY B 193 -4.91 -16.80 -31.33
CA GLY B 193 -3.56 -16.69 -31.84
C GLY B 193 -3.41 -16.29 -33.30
N SER B 194 -4.48 -15.83 -33.92
CA SER B 194 -4.42 -15.46 -35.33
C SER B 194 -4.29 -13.94 -35.52
N ASN B 195 -4.22 -13.22 -34.40
CA ASN B 195 -4.22 -11.76 -34.42
C ASN B 195 -2.91 -11.09 -34.06
N ILE B 196 -2.66 -9.92 -34.66
CA ILE B 196 -1.54 -9.09 -34.24
C ILE B 196 -2.11 -7.86 -33.53
N CYS B 197 -1.38 -7.36 -32.55
CA CYS B 197 -1.89 -6.26 -31.72
C CYS B 197 -0.91 -5.10 -31.58
N LEU B 198 -1.46 -3.95 -31.21
CA LEU B 198 -0.70 -2.72 -31.05
C LEU B 198 -1.37 -1.90 -29.96
N THR B 199 -0.58 -1.32 -29.07
CA THR B 199 -1.12 -0.50 -27.99
C THR B 199 -0.25 0.72 -27.73
N ARG B 200 -0.86 1.91 -27.69
CA ARG B 200 -0.14 3.11 -27.29
C ARG B 200 0.21 3.01 -25.82
N THR B 201 1.47 3.24 -25.50
CA THR B 201 1.94 3.04 -24.13
C THR B 201 2.08 4.35 -23.36
N ASP B 202 1.77 5.46 -24.02
CA ASP B 202 1.98 6.79 -23.44
C ASP B 202 0.74 7.31 -22.71
N ARG B 203 -0.09 6.39 -22.22
CA ARG B 203 -1.27 6.77 -21.44
C ARG B 203 -0.90 7.37 -20.10
N GLY B 204 -1.75 8.28 -19.60
CA GLY B 204 -1.52 8.92 -18.33
C GLY B 204 -1.94 10.37 -18.34
N TRP B 205 -1.60 11.10 -17.29
CA TRP B 205 -1.90 12.53 -17.21
C TRP B 205 -0.84 13.39 -17.91
N TYR B 206 -1.30 14.43 -18.59
CA TYR B 206 -0.42 15.41 -19.22
C TYR B 206 -0.78 16.81 -18.76
N CYS B 207 0.23 17.61 -18.40
CA CYS B 207 0.00 19.00 -18.04
C CYS B 207 1.03 19.90 -18.69
N ASP B 208 0.56 21.01 -19.28
CA ASP B 208 1.45 22.03 -19.79
C ASP B 208 2.26 22.59 -18.63
N ASN B 209 3.57 22.73 -18.82
CA ASN B 209 4.45 23.14 -17.74
C ASN B 209 5.76 23.72 -18.26
N ALA B 210 5.90 25.03 -18.13
CA ALA B 210 7.15 25.73 -18.42
C ALA B 210 7.69 25.50 -19.82
N GLY B 211 6.80 25.56 -20.81
CA GLY B 211 7.21 25.43 -22.20
C GLY B 211 7.28 23.98 -22.67
N SER B 212 7.19 23.06 -21.71
CA SER B 212 7.19 21.64 -22.03
C SER B 212 5.91 20.99 -21.52
N VAL B 213 5.89 19.66 -21.50
CA VAL B 213 4.75 18.93 -20.98
C VAL B 213 5.18 17.94 -19.92
N SER B 214 4.55 18.02 -18.75
CA SER B 214 4.79 17.03 -17.69
C SER B 214 3.90 15.82 -17.92
N PHE B 215 4.53 14.66 -18.07
CA PHE B 215 3.81 13.43 -18.36
C PHE B 215 3.87 12.47 -17.18
N PHE B 216 2.70 12.07 -16.70
CA PHE B 216 2.59 11.17 -15.56
C PHE B 216 2.09 9.81 -16.04
N PRO B 217 3.03 8.88 -16.28
CA PRO B 217 2.72 7.58 -16.90
C PRO B 217 1.78 6.72 -16.05
N GLN B 218 1.86 6.85 -14.73
CA GLN B 218 0.93 6.15 -13.84
C GLN B 218 -0.15 7.07 -13.29
N ALA B 219 -1.23 7.23 -14.05
CA ALA B 219 -2.30 8.17 -13.70
C ALA B 219 -2.93 7.94 -12.33
N GLU B 220 -2.73 6.75 -11.76
CA GLU B 220 -3.27 6.41 -10.45
C GLU B 220 -2.64 7.25 -9.35
N THR B 221 -1.44 7.78 -9.61
CA THR B 221 -0.72 8.58 -8.62
C THR B 221 -1.27 9.99 -8.48
N CYS B 222 -2.01 10.44 -9.49
CA CYS B 222 -2.58 11.78 -9.45
C CYS B 222 -3.95 11.77 -8.77
N LYS B 223 -4.26 12.86 -8.06
CA LYS B 223 -5.55 13.00 -7.41
C LYS B 223 -6.37 14.13 -8.05
N VAL B 224 -7.59 13.79 -8.45
CA VAL B 224 -8.45 14.73 -9.16
C VAL B 224 -9.62 15.22 -8.32
N GLN B 225 -9.71 16.54 -8.15
CA GLN B 225 -10.84 17.18 -7.47
C GLN B 225 -11.61 17.99 -8.50
N SER B 226 -12.75 17.47 -8.93
CA SER B 226 -13.54 18.06 -10.01
C SER B 226 -12.74 18.18 -11.30
N ASN B 227 -12.34 19.39 -11.65
CA ASN B 227 -11.51 19.61 -12.83
C ASN B 227 -10.08 19.99 -12.47
N ARG B 228 -9.74 19.84 -11.20
CA ARG B 228 -8.40 20.14 -10.73
C ARG B 228 -7.61 18.86 -10.57
N VAL B 229 -6.40 18.82 -11.13
CA VAL B 229 -5.57 17.63 -11.09
C VAL B 229 -4.33 17.84 -10.24
N PHE B 230 -4.28 17.15 -9.10
CA PHE B 230 -3.11 17.23 -8.22
C PHE B 230 -2.12 16.12 -8.55
N CYS B 231 -0.94 16.50 -9.01
CA CYS B 231 0.09 15.53 -9.36
C CYS B 231 1.44 15.91 -8.74
N ASP B 232 2.34 14.95 -8.66
CA ASP B 232 3.68 15.16 -8.15
C ASP B 232 4.69 15.06 -9.29
N THR B 233 5.48 16.11 -9.49
CA THR B 233 6.43 16.15 -10.60
C THR B 233 7.50 15.06 -10.49
N MET B 234 7.67 14.52 -9.29
CA MET B 234 8.60 13.41 -9.08
C MET B 234 8.13 12.17 -9.83
N ASN B 235 6.82 12.07 -10.06
CA ASN B 235 6.25 10.95 -10.80
C ASN B 235 6.02 11.29 -12.26
N SER B 236 6.84 12.19 -12.80
CA SER B 236 6.64 12.62 -14.18
C SER B 236 7.91 12.61 -15.02
N LEU B 237 7.71 12.53 -16.33
CA LEU B 237 8.78 12.78 -17.29
C LEU B 237 8.52 14.14 -17.93
N THR B 238 9.58 14.84 -18.29
CA THR B 238 9.44 16.12 -18.97
C THR B 238 9.62 15.93 -20.47
N LEU B 239 8.55 16.18 -21.23
CA LEU B 239 8.55 15.91 -22.65
C LEU B 239 8.32 17.18 -23.47
N PRO B 240 8.81 17.19 -24.73
CA PRO B 240 8.48 18.26 -25.66
C PRO B 240 6.98 18.29 -25.90
N SER B 241 6.42 19.46 -26.19
CA SER B 241 4.98 19.59 -26.40
C SER B 241 4.50 18.84 -27.66
N GLU B 242 5.45 18.46 -28.52
CA GLU B 242 5.12 17.74 -29.74
C GLU B 242 4.59 16.33 -29.49
N VAL B 243 4.68 15.87 -28.24
CA VAL B 243 4.16 14.57 -27.87
C VAL B 243 2.65 14.50 -28.09
N ASN B 244 2.00 15.67 -28.06
CA ASN B 244 0.56 15.75 -28.26
C ASN B 244 0.15 15.43 -29.70
N LEU B 245 1.11 15.48 -30.62
CA LEU B 245 0.85 15.19 -32.03
C LEU B 245 0.46 13.72 -32.23
N CYS B 246 0.85 12.88 -31.27
CA CYS B 246 0.56 11.45 -31.34
C CYS B 246 -0.94 11.17 -31.28
N ASN B 247 -1.69 12.12 -30.74
CA ASN B 247 -3.13 11.99 -30.62
C ASN B 247 -3.86 12.25 -31.93
N VAL B 248 -3.33 13.19 -32.72
CA VAL B 248 -3.94 13.56 -33.98
C VAL B 248 -3.32 12.79 -35.16
N ASP B 249 -2.00 12.65 -35.14
CA ASP B 249 -1.29 11.95 -36.20
C ASP B 249 -0.15 11.11 -35.62
N ILE B 250 -0.41 9.82 -35.44
CA ILE B 250 0.55 8.94 -34.78
C ILE B 250 1.77 8.64 -35.66
N PHE B 251 1.66 8.93 -36.95
CA PHE B 251 2.76 8.71 -37.88
C PHE B 251 3.53 9.99 -38.21
N ASN B 252 3.30 11.03 -37.41
CA ASN B 252 3.95 12.33 -37.63
C ASN B 252 5.47 12.22 -37.49
N PRO B 253 6.22 13.05 -38.25
CA PRO B 253 7.68 12.99 -38.25
C PRO B 253 8.33 13.70 -37.06
N LYS B 254 7.61 14.63 -36.43
CA LYS B 254 8.19 15.45 -35.37
C LYS B 254 8.42 14.69 -34.07
N TYR B 255 7.56 13.73 -33.77
CA TYR B 255 7.69 12.95 -32.54
C TYR B 255 7.48 11.46 -32.77
N ASP B 256 8.34 10.65 -32.16
CA ASP B 256 8.29 9.20 -32.30
C ASP B 256 7.35 8.60 -31.27
N CYS B 257 6.10 8.42 -31.65
CA CYS B 257 5.06 7.96 -30.73
C CYS B 257 5.32 6.55 -30.20
N LYS B 258 5.14 6.37 -28.91
CA LYS B 258 5.47 5.13 -28.24
C LYS B 258 4.33 4.11 -28.28
N ILE B 259 4.65 2.89 -28.68
CA ILE B 259 3.68 1.81 -28.76
C ILE B 259 4.28 0.49 -28.29
N MET B 260 3.41 -0.49 -28.04
CA MET B 260 3.84 -1.85 -27.78
C MET B 260 3.07 -2.80 -28.69
N THR B 261 3.72 -3.88 -29.10
CA THR B 261 3.07 -4.86 -29.95
C THR B 261 2.94 -6.20 -29.23
N SER B 262 1.93 -6.97 -29.63
CA SER B 262 1.70 -8.28 -29.05
C SER B 262 0.74 -9.09 -29.91
N LYS B 263 0.43 -10.30 -29.46
CA LYS B 263 -0.61 -11.12 -30.08
C LYS B 263 -1.68 -11.46 -29.06
N THR B 264 -1.71 -10.70 -27.97
CA THR B 264 -2.68 -10.93 -26.91
C THR B 264 -3.96 -10.18 -27.20
N ASP B 265 -4.91 -10.86 -27.84
CA ASP B 265 -6.20 -10.28 -28.15
C ASP B 265 -7.19 -10.57 -27.02
N VAL B 266 -6.92 -9.98 -25.86
CA VAL B 266 -7.79 -10.13 -24.70
C VAL B 266 -8.75 -8.94 -24.66
N SER B 267 -9.95 -9.16 -24.14
CA SER B 267 -10.98 -8.14 -24.15
C SER B 267 -11.02 -7.36 -22.83
N SER B 268 -11.33 -6.06 -22.93
CA SER B 268 -11.44 -5.21 -21.76
C SER B 268 -12.10 -3.89 -22.10
N SER B 269 -12.35 -3.09 -21.07
CA SER B 269 -12.88 -1.75 -21.26
C SER B 269 -12.14 -0.74 -20.39
N VAL B 270 -12.02 0.48 -20.89
CA VAL B 270 -11.44 1.57 -20.11
C VAL B 270 -12.45 2.69 -19.95
N ILE B 271 -12.88 2.92 -18.72
CA ILE B 271 -13.80 4.02 -18.44
C ILE B 271 -13.05 5.35 -18.49
N THR B 272 -13.49 6.23 -19.39
CA THR B 272 -12.86 7.54 -19.54
C THR B 272 -13.63 8.57 -18.73
N SER B 273 -13.37 9.84 -18.99
CA SER B 273 -14.07 10.91 -18.28
C SER B 273 -15.52 11.05 -18.75
N LEU B 274 -15.72 10.90 -20.05
CA LEU B 274 -17.05 11.14 -20.64
C LEU B 274 -17.57 9.96 -21.46
N GLY B 275 -16.97 8.79 -21.27
CA GLY B 275 -17.40 7.62 -22.03
C GLY B 275 -16.68 6.34 -21.65
N ALA B 276 -16.44 5.50 -22.64
CA ALA B 276 -15.78 4.22 -22.41
C ALA B 276 -15.14 3.69 -23.69
N ILE B 277 -13.88 3.29 -23.60
CA ILE B 277 -13.22 2.60 -24.69
C ILE B 277 -13.42 1.10 -24.50
N VAL B 278 -13.82 0.41 -25.57
CA VAL B 278 -14.02 -1.03 -25.51
C VAL B 278 -13.16 -1.76 -26.52
N SER B 279 -12.26 -2.60 -26.02
CA SER B 279 -11.48 -3.48 -26.87
C SER B 279 -12.09 -4.88 -26.81
N CYS B 280 -12.84 -5.22 -27.84
CA CYS B 280 -13.57 -6.50 -27.87
C CYS B 280 -12.97 -7.43 -28.91
N TYR B 281 -12.47 -8.57 -28.46
CA TYR B 281 -11.85 -9.55 -29.37
C TYR B 281 -12.29 -10.97 -29.06
N GLY B 282 -12.07 -11.87 -30.02
CA GLY B 282 -12.45 -13.27 -29.85
C GLY B 282 -13.95 -13.45 -29.80
N LYS B 283 -14.42 -14.20 -28.81
CA LYS B 283 -15.85 -14.47 -28.67
C LYS B 283 -16.46 -13.72 -27.49
N THR B 284 -15.77 -12.69 -27.02
CA THR B 284 -16.21 -11.95 -25.84
C THR B 284 -17.50 -11.17 -26.11
N LYS B 285 -18.42 -11.23 -25.15
CA LYS B 285 -19.65 -10.47 -25.20
C LYS B 285 -19.40 -9.07 -24.65
N CYS B 286 -19.53 -8.06 -25.51
CA CYS B 286 -19.27 -6.67 -25.11
C CYS B 286 -20.47 -5.78 -25.43
N THR B 287 -21.07 -5.18 -24.40
CA THR B 287 -22.25 -4.34 -24.58
C THR B 287 -22.22 -3.08 -23.72
N ALA B 288 -23.07 -2.13 -24.06
CA ALA B 288 -23.30 -0.95 -23.23
C ALA B 288 -24.80 -0.85 -22.96
N SER B 289 -25.16 -0.58 -21.70
CA SER B 289 -26.57 -0.61 -21.32
C SER B 289 -27.04 0.63 -20.58
N ASN B 290 -28.35 0.86 -20.63
CA ASN B 290 -29.01 1.83 -19.78
C ASN B 290 -29.83 1.03 -18.76
N LYS B 291 -29.91 1.53 -17.53
CA LYS B 291 -30.57 0.77 -16.45
C LYS B 291 -32.04 0.43 -16.74
N ASN B 292 -32.76 1.37 -17.33
CA ASN B 292 -34.18 1.19 -17.62
C ASN B 292 -34.44 0.69 -19.03
N ARG B 293 -33.70 1.25 -19.99
CA ARG B 293 -33.85 0.93 -21.40
C ARG B 293 -33.23 -0.41 -21.81
N GLY B 294 -32.15 -0.80 -21.12
CA GLY B 294 -31.42 -2.01 -21.45
C GLY B 294 -30.26 -1.80 -22.39
N ILE B 295 -29.94 -2.83 -23.17
CA ILE B 295 -28.81 -2.76 -24.09
C ILE B 295 -29.08 -1.76 -25.20
N ILE B 296 -28.17 -0.79 -25.37
CA ILE B 296 -28.35 0.23 -26.38
C ILE B 296 -27.21 0.21 -27.39
N LYS B 297 -26.20 -0.60 -27.13
CA LYS B 297 -25.09 -0.76 -28.07
C LYS B 297 -24.38 -2.10 -27.87
N THR B 298 -24.14 -2.80 -28.95
CA THR B 298 -23.35 -4.03 -28.92
C THR B 298 -22.09 -3.83 -29.74
N PHE B 299 -20.95 -4.03 -29.11
CA PHE B 299 -19.66 -3.82 -29.78
C PHE B 299 -19.28 -5.01 -30.65
N SER B 300 -18.73 -4.72 -31.82
CA SER B 300 -18.18 -5.75 -32.68
C SER B 300 -16.70 -5.90 -32.36
N ASN B 301 -16.06 -6.92 -32.94
CA ASN B 301 -14.64 -7.11 -32.74
C ASN B 301 -13.86 -5.90 -33.23
N GLY B 302 -12.89 -5.46 -32.43
CA GLY B 302 -12.13 -4.27 -32.72
C GLY B 302 -12.16 -3.32 -31.54
N CYS B 303 -11.64 -2.10 -31.75
CA CYS B 303 -11.67 -1.10 -30.70
C CYS B 303 -12.72 -0.04 -31.00
N ASP B 304 -13.69 0.11 -30.10
CA ASP B 304 -14.77 1.05 -30.30
C ASP B 304 -14.92 1.96 -29.08
N TYR B 305 -15.95 2.80 -29.10
CA TYR B 305 -16.15 3.78 -28.03
C TYR B 305 -17.61 4.16 -27.92
N VAL B 306 -18.06 4.43 -26.70
CA VAL B 306 -19.40 4.94 -26.47
C VAL B 306 -19.34 6.11 -25.49
N SER B 307 -20.17 7.13 -25.71
CA SER B 307 -20.23 8.26 -24.80
C SER B 307 -21.15 7.92 -23.63
N ASN B 308 -21.05 8.69 -22.55
CA ASN B 308 -21.83 8.42 -21.35
C ASN B 308 -23.27 8.91 -21.44
N LYS B 309 -23.60 9.59 -22.55
CA LYS B 309 -24.94 10.12 -22.75
C LYS B 309 -25.97 9.01 -22.99
N GLY B 310 -26.85 8.81 -22.02
CA GLY B 310 -27.86 7.76 -22.12
C GLY B 310 -27.34 6.40 -21.73
N VAL B 311 -26.08 6.35 -21.31
CA VAL B 311 -25.42 5.10 -20.93
C VAL B 311 -25.11 5.06 -19.44
N ASP B 312 -25.45 3.94 -18.80
CA ASP B 312 -25.17 3.78 -17.38
C ASP B 312 -24.02 2.80 -17.13
N THR B 313 -24.00 1.69 -17.87
CA THR B 313 -22.98 0.67 -17.68
C THR B 313 -22.39 0.14 -18.98
N VAL B 314 -21.22 -0.48 -18.86
CA VAL B 314 -20.59 -1.17 -19.98
C VAL B 314 -20.17 -2.55 -19.47
N SER B 315 -20.49 -3.59 -20.22
CA SER B 315 -20.13 -4.94 -19.83
C SER B 315 -19.20 -5.60 -20.83
N VAL B 316 -18.05 -6.06 -20.35
CA VAL B 316 -17.12 -6.84 -21.15
C VAL B 316 -16.84 -8.17 -20.47
N GLY B 317 -17.36 -9.25 -21.06
CA GLY B 317 -17.26 -10.55 -20.44
C GLY B 317 -18.07 -10.62 -19.16
N ASN B 318 -17.42 -11.05 -18.07
CA ASN B 318 -18.09 -11.15 -16.78
C ASN B 318 -17.86 -9.92 -15.90
N THR B 319 -17.36 -8.84 -16.50
CA THR B 319 -17.04 -7.63 -15.77
C THR B 319 -17.98 -6.47 -16.09
N LEU B 320 -18.58 -5.89 -15.06
CA LEU B 320 -19.47 -4.74 -15.23
C LEU B 320 -18.74 -3.44 -14.90
N TYR B 321 -18.75 -2.51 -15.86
CA TYR B 321 -18.12 -1.20 -15.64
C TYR B 321 -19.20 -0.12 -15.59
N TYR B 322 -19.12 0.74 -14.58
CA TYR B 322 -20.00 1.90 -14.50
C TYR B 322 -19.38 3.10 -15.19
N VAL B 323 -20.14 3.75 -16.06
CA VAL B 323 -19.64 4.92 -16.77
C VAL B 323 -19.72 6.14 -15.87
N ASN B 324 -18.88 7.13 -16.14
CA ASN B 324 -18.93 8.38 -15.40
C ASN B 324 -20.18 9.17 -15.81
N LYS B 325 -20.85 9.76 -14.83
CA LYS B 325 -22.11 10.44 -15.09
C LYS B 325 -21.88 11.93 -15.26
N GLN B 326 -20.62 12.30 -15.46
CA GLN B 326 -20.25 13.70 -15.64
C GLN B 326 -20.79 14.26 -16.95
N GLU B 327 -21.16 15.54 -16.93
CA GLU B 327 -21.67 16.20 -18.12
C GLU B 327 -20.53 16.75 -18.98
N GLY B 328 -20.68 16.63 -20.30
CA GLY B 328 -19.66 17.08 -21.23
C GLY B 328 -19.82 16.41 -22.58
N LYS B 329 -19.27 17.03 -23.62
CA LYS B 329 -19.43 16.51 -24.98
C LYS B 329 -18.26 15.64 -25.45
N SER B 330 -18.59 14.57 -26.17
CA SER B 330 -17.59 13.67 -26.72
C SER B 330 -17.55 13.77 -28.24
N LEU B 331 -16.35 13.70 -28.80
CA LEU B 331 -16.19 13.72 -30.25
C LEU B 331 -15.58 12.41 -30.73
N TYR B 332 -16.30 11.72 -31.60
CA TYR B 332 -15.82 10.48 -32.18
C TYR B 332 -15.08 10.78 -33.48
N VAL B 333 -13.76 10.63 -33.46
CA VAL B 333 -12.96 10.89 -34.65
C VAL B 333 -12.73 9.61 -35.43
N LYS B 334 -13.45 9.46 -36.54
CA LYS B 334 -13.33 8.27 -37.37
C LYS B 334 -11.97 8.17 -38.04
N GLY B 335 -11.58 6.95 -38.36
CA GLY B 335 -10.30 6.69 -39.00
C GLY B 335 -10.03 5.20 -38.99
N GLU B 336 -9.36 4.69 -40.01
CA GLU B 336 -9.05 3.28 -40.08
C GLU B 336 -8.02 2.89 -39.03
N PRO B 337 -8.29 1.82 -38.27
CA PRO B 337 -7.34 1.29 -37.29
C PRO B 337 -5.99 1.01 -37.93
N ILE B 338 -4.93 1.63 -37.41
CA ILE B 338 -3.61 1.55 -38.02
C ILE B 338 -3.02 0.14 -38.02
N ILE B 339 -3.60 -0.75 -37.23
CA ILE B 339 -3.13 -2.13 -37.19
C ILE B 339 -3.38 -2.81 -38.54
N ASN B 340 -4.30 -2.26 -39.31
CA ASN B 340 -4.61 -2.77 -40.65
C ASN B 340 -3.53 -2.43 -41.67
N PHE B 341 -2.69 -1.46 -41.35
CA PHE B 341 -1.66 -1.01 -42.29
C PHE B 341 -0.46 -1.96 -42.31
N TYR B 342 -0.43 -2.91 -41.39
CA TYR B 342 0.73 -3.78 -41.24
C TYR B 342 0.56 -5.15 -41.89
N ASP B 343 1.66 -5.68 -42.42
CA ASP B 343 1.69 -7.05 -42.93
C ASP B 343 2.00 -7.98 -41.77
N PRO B 344 1.06 -8.87 -41.43
CA PRO B 344 1.19 -9.78 -40.29
C PRO B 344 2.37 -10.75 -40.42
N LEU B 345 2.93 -10.87 -41.62
CA LEU B 345 4.03 -11.81 -41.86
C LEU B 345 5.38 -11.23 -41.48
N VAL B 346 5.47 -9.91 -41.41
CA VAL B 346 6.72 -9.26 -41.06
C VAL B 346 6.52 -8.31 -39.88
N PHE B 347 5.37 -8.40 -39.25
CA PHE B 347 5.04 -7.56 -38.10
C PHE B 347 5.72 -8.09 -36.84
N PRO B 348 6.58 -7.27 -36.22
CA PRO B 348 7.23 -7.65 -34.96
C PRO B 348 6.19 -7.68 -33.83
N SER B 349 5.78 -8.88 -33.43
CA SER B 349 4.63 -9.04 -32.55
C SER B 349 4.96 -9.21 -31.07
N ASP B 350 6.13 -8.76 -30.65
CA ASP B 350 6.46 -8.79 -29.22
C ASP B 350 7.42 -7.68 -28.82
N GLU B 351 7.04 -6.44 -29.12
CA GLU B 351 7.81 -5.28 -28.71
C GLU B 351 7.18 -4.69 -27.46
N PHE B 352 7.83 -4.89 -26.31
CA PHE B 352 7.24 -4.49 -25.03
C PHE B 352 7.28 -2.98 -24.83
N ASP B 353 8.39 -2.36 -25.22
CA ASP B 353 8.55 -0.91 -25.11
C ASP B 353 9.20 -0.36 -26.37
N ALA B 354 8.38 -0.08 -27.38
CA ALA B 354 8.89 0.36 -28.67
C ALA B 354 8.23 1.65 -29.14
N SER B 355 8.29 1.88 -30.45
CA SER B 355 7.71 3.08 -31.04
C SER B 355 7.36 2.84 -32.50
N ILE B 356 6.74 3.83 -33.13
CA ILE B 356 6.32 3.73 -34.52
C ILE B 356 7.49 3.49 -35.46
N SER B 357 8.53 4.30 -35.34
CA SER B 357 9.67 4.21 -36.24
C SER B 357 10.51 2.96 -35.98
N GLN B 358 10.58 2.55 -34.73
CA GLN B 358 11.31 1.34 -34.36
C GLN B 358 10.65 0.10 -34.97
N VAL B 359 9.33 0.08 -34.96
CA VAL B 359 8.58 -1.00 -35.59
C VAL B 359 8.82 -0.97 -37.10
N ASN B 360 8.86 0.24 -37.65
CA ASN B 360 9.08 0.43 -39.09
C ASN B 360 10.43 -0.09 -39.57
N GLU B 361 11.49 0.22 -38.81
CA GLU B 361 12.83 -0.21 -39.20
C GLU B 361 12.99 -1.72 -39.07
N LYS B 362 12.26 -2.30 -38.11
CA LYS B 362 12.31 -3.74 -37.89
C LYS B 362 11.59 -4.47 -39.02
N ILE B 363 10.55 -3.84 -39.54
CA ILE B 363 9.83 -4.38 -40.70
C ILE B 363 10.71 -4.32 -41.94
N ASN B 364 11.43 -3.20 -42.11
CA ASN B 364 12.34 -3.04 -43.24
C ASN B 364 13.44 -4.09 -43.27
N GLN B 365 13.97 -4.42 -42.09
CA GLN B 365 15.03 -5.42 -41.98
C GLN B 365 14.52 -6.81 -42.33
N SER B 366 13.31 -7.14 -41.86
CA SER B 366 12.70 -8.42 -42.16
C SER B 366 12.30 -8.47 -43.64
N LEU B 367 11.94 -7.31 -44.18
CA LEU B 367 11.53 -7.20 -45.57
C LEU B 367 12.73 -7.32 -46.50
N ALA B 368 13.86 -6.75 -46.07
CA ALA B 368 15.08 -6.77 -46.87
C ALA B 368 15.67 -8.17 -46.96
N PHE B 369 15.53 -8.94 -45.88
CA PHE B 369 16.02 -10.31 -45.83
C PHE B 369 15.30 -11.18 -46.86
N ILE B 370 14.00 -10.93 -47.01
CA ILE B 370 13.19 -11.67 -47.98
C ILE B 370 13.46 -11.18 -49.40
N ASN C 2 30.94 4.84 8.01
CA ASN C 2 31.84 5.20 6.91
C ASN C 2 31.28 4.81 5.55
N ILE C 3 30.43 5.67 5.00
CA ILE C 3 29.78 5.39 3.72
C ILE C 3 30.50 6.08 2.57
N THR C 4 30.84 5.30 1.54
CA THR C 4 31.49 5.84 0.36
C THR C 4 30.70 5.48 -0.89
N GLU C 5 31.02 6.12 -2.00
CA GLU C 5 30.28 5.93 -3.24
C GLU C 5 31.17 6.09 -4.46
N GLU C 6 30.95 5.23 -5.46
CA GLU C 6 31.70 5.31 -6.71
C GLU C 6 30.75 5.42 -7.89
N PHE C 7 31.02 6.37 -8.77
CA PHE C 7 30.24 6.50 -10.00
C PHE C 7 31.02 5.99 -11.19
N TYR C 8 30.38 5.15 -12.00
CA TYR C 8 31.00 4.59 -13.19
C TYR C 8 30.44 5.23 -14.45
N GLN C 9 31.21 6.12 -15.04
CA GLN C 9 30.80 6.86 -16.23
C GLN C 9 30.51 5.94 -17.41
N SER C 10 31.23 4.82 -17.48
CA SER C 10 31.14 3.91 -18.61
C SER C 10 29.80 3.19 -18.71
N THR C 11 29.13 3.00 -17.57
CA THR C 11 27.88 2.24 -17.55
C THR C 11 26.72 3.00 -16.91
N CYS C 12 26.94 4.28 -16.60
CA CYS C 12 25.90 5.11 -16.00
C CYS C 12 25.35 4.48 -14.73
N SER C 13 26.24 4.17 -13.80
CA SER C 13 25.81 3.53 -12.56
C SER C 13 26.67 3.96 -11.37
N ALA C 14 26.15 3.77 -10.17
CA ALA C 14 26.85 4.15 -8.96
C ALA C 14 26.62 3.14 -7.85
N VAL C 15 27.69 2.88 -7.08
CA VAL C 15 27.62 1.94 -5.99
C VAL C 15 27.89 2.61 -4.65
N SER C 16 26.97 2.47 -3.72
CA SER C 16 27.15 3.03 -2.38
C SER C 16 27.48 1.89 -1.41
N LYS C 17 28.70 1.90 -0.88
CA LYS C 17 29.13 0.83 0.03
C LYS C 17 29.41 1.33 1.45
N GLY C 18 29.65 0.39 2.35
CA GLY C 18 29.95 0.72 3.74
C GLY C 18 28.82 0.41 4.68
N TYR C 19 27.77 -0.22 4.14
CA TYR C 19 26.60 -0.56 4.93
C TYR C 19 26.75 -1.93 5.59
N LEU C 20 26.01 -2.16 6.67
CA LEU C 20 26.05 -3.43 7.39
C LEU C 20 24.69 -4.12 7.33
N SER C 21 24.71 -5.45 7.21
CA SER C 21 23.48 -6.20 6.99
C SER C 21 22.68 -6.49 8.25
N ALA C 22 21.38 -6.71 8.06
CA ALA C 22 20.49 -7.21 9.09
C ALA C 22 19.33 -7.86 8.36
N LEU C 23 19.58 -9.06 7.84
CA LEU C 23 18.62 -9.74 6.98
C LEU C 23 17.73 -10.70 7.74
N ARG C 24 16.42 -10.60 7.52
CA ARG C 24 15.51 -11.57 8.12
C ARG C 24 15.64 -12.88 7.36
N THR C 25 16.01 -13.93 8.08
CA THR C 25 16.22 -15.23 7.47
C THR C 25 15.17 -16.23 7.94
N GLY C 26 14.64 -15.98 9.14
CA GLY C 26 13.67 -16.87 9.75
C GLY C 26 12.55 -16.15 10.48
N TRP C 27 11.73 -16.92 11.17
CA TRP C 27 10.63 -16.39 11.95
C TRP C 27 10.63 -16.96 13.36
N TYR C 28 10.31 -16.12 14.34
CA TYR C 28 10.06 -16.58 15.70
C TYR C 28 8.60 -16.39 16.07
N THR C 29 7.92 -17.47 16.43
CA THR C 29 6.51 -17.41 16.78
C THR C 29 6.31 -17.46 18.30
N SER C 30 5.62 -16.46 18.83
CA SER C 30 5.31 -16.40 20.26
C SER C 30 3.79 -16.29 20.46
N VAL C 31 3.31 -16.76 21.61
CA VAL C 31 1.89 -16.72 21.90
C VAL C 31 1.56 -15.68 22.97
N ILE C 32 0.79 -14.67 22.59
CA ILE C 32 0.38 -13.63 23.53
C ILE C 32 -1.04 -13.89 24.01
N THR C 33 -1.23 -13.89 25.32
CA THR C 33 -2.53 -14.22 25.89
C THR C 33 -3.11 -13.11 26.75
N ILE C 34 -4.43 -12.96 26.70
CA ILE C 34 -5.15 -12.05 27.58
C ILE C 34 -6.22 -12.86 28.30
N GLU C 35 -6.16 -12.88 29.63
CA GLU C 35 -7.10 -13.67 30.41
C GLU C 35 -8.42 -12.94 30.57
N LEU C 36 -9.49 -13.56 30.07
CA LEU C 36 -10.81 -12.95 30.11
C LEU C 36 -11.71 -13.65 31.12
N SER C 37 -12.91 -13.10 31.31
CA SER C 37 -13.86 -13.68 32.25
C SER C 37 -15.22 -13.89 31.58
N ASN C 38 -15.97 -14.85 32.08
CA ASN C 38 -17.28 -15.17 31.52
C ASN C 38 -18.42 -14.36 32.15
N ILE C 39 -19.06 -13.57 31.30
CA ILE C 39 -20.22 -12.78 31.66
C ILE C 39 -21.23 -13.08 30.58
N LYS C 40 -22.48 -13.29 30.97
CA LYS C 40 -23.52 -13.62 30.02
C LYS C 40 -24.52 -12.50 30.19
N GLU C 41 -24.35 -11.46 29.37
CA GLU C 41 -25.08 -10.22 29.50
C GLU C 41 -24.93 -9.81 30.96
N ASN C 42 -25.84 -9.01 31.49
CA ASN C 42 -25.86 -8.77 32.94
C ASN C 42 -27.17 -8.20 33.43
N LYS C 43 -27.84 -8.98 34.27
CA LYS C 43 -29.15 -8.63 34.77
C LYS C 43 -29.04 -7.83 36.07
N CYS C 44 -29.60 -6.63 36.07
CA CYS C 44 -29.47 -5.71 37.20
C CYS C 44 -30.39 -4.52 37.02
N ASN C 45 -30.90 -3.97 38.11
CA ASN C 45 -31.75 -2.80 38.02
C ASN C 45 -30.97 -1.55 38.43
N GLY C 46 -31.66 -0.53 38.92
CA GLY C 46 -31.01 0.69 39.34
C GLY C 46 -30.62 1.48 38.10
N THR C 47 -31.36 2.57 37.88
CA THR C 47 -31.20 3.37 36.67
C THR C 47 -30.44 4.68 36.92
N ASP C 48 -29.23 4.57 37.46
CA ASP C 48 -28.40 5.75 37.65
C ASP C 48 -27.17 5.75 36.74
N ALA C 49 -26.45 6.87 36.78
CA ALA C 49 -25.36 7.16 35.86
C ALA C 49 -24.16 6.19 35.93
N LYS C 50 -23.72 5.82 37.13
CA LYS C 50 -22.49 5.01 37.26
C LYS C 50 -22.63 3.61 36.73
N VAL C 51 -23.80 3.00 36.95
CA VAL C 51 -24.01 1.66 36.45
C VAL C 51 -24.26 1.71 34.94
N LYS C 52 -24.91 2.79 34.50
CA LYS C 52 -25.24 2.97 33.09
C LYS C 52 -23.98 3.02 32.25
N LEU C 53 -22.96 3.69 32.76
CA LEU C 53 -21.66 3.74 32.08
C LEU C 53 -21.00 2.36 32.10
N ILE C 54 -21.11 1.67 33.22
CA ILE C 54 -20.53 0.34 33.37
C ILE C 54 -21.26 -0.70 32.51
N LYS C 55 -22.58 -0.61 32.47
CA LYS C 55 -23.40 -1.51 31.65
C LYS C 55 -22.96 -1.43 30.20
N GLN C 56 -22.87 -0.22 29.67
CA GLN C 56 -22.54 -0.01 28.27
C GLN C 56 -21.07 -0.29 27.97
N GLU C 57 -20.24 -0.20 28.99
CA GLU C 57 -18.83 -0.58 28.85
C GLU C 57 -18.69 -2.09 28.84
N LEU C 58 -19.53 -2.77 29.60
CA LEU C 58 -19.55 -4.23 29.59
C LEU C 58 -20.16 -4.73 28.30
N ASP C 59 -20.98 -3.91 27.67
CA ASP C 59 -21.57 -4.24 26.37
C ASP C 59 -20.48 -4.22 25.30
N LYS C 60 -19.56 -3.27 25.41
CA LYS C 60 -18.41 -3.20 24.52
C LYS C 60 -17.55 -4.46 24.68
N TYR C 61 -17.38 -4.89 25.93
CA TYR C 61 -16.60 -6.08 26.25
C TYR C 61 -17.22 -7.32 25.61
N LYS C 62 -18.52 -7.49 25.80
CA LYS C 62 -19.24 -8.65 25.29
C LYS C 62 -19.29 -8.66 23.76
N ASN C 63 -19.37 -7.49 23.15
CA ASN C 63 -19.36 -7.38 21.70
C ASN C 63 -18.00 -7.73 21.12
N ALA C 64 -16.95 -7.41 21.87
CA ALA C 64 -15.59 -7.72 21.44
C ALA C 64 -15.32 -9.22 21.38
N VAL C 65 -15.79 -9.95 22.41
CA VAL C 65 -15.60 -11.39 22.44
C VAL C 65 -16.37 -12.08 21.31
N THR C 66 -17.55 -11.57 21.00
CA THR C 66 -18.37 -12.10 19.91
C THR C 66 -17.64 -11.99 18.58
N GLU C 67 -17.08 -10.82 18.32
CA GLU C 67 -16.33 -10.60 17.09
C GLU C 67 -15.09 -11.48 17.04
N LEU C 68 -14.39 -11.58 18.18
CA LEU C 68 -13.20 -12.39 18.28
C LEU C 68 -13.52 -13.87 18.08
N GLN C 69 -14.71 -14.28 18.49
CA GLN C 69 -15.13 -15.67 18.33
C GLN C 69 -15.32 -16.04 16.87
N LEU C 70 -15.75 -15.08 16.07
CA LEU C 70 -15.90 -15.31 14.63
C LEU C 70 -14.53 -15.39 13.97
N LEU C 71 -13.61 -14.55 14.41
CA LEU C 71 -12.26 -14.52 13.85
C LEU C 71 -11.51 -15.80 14.21
N MET C 72 -11.91 -16.42 15.31
CA MET C 72 -11.33 -17.70 15.73
C MET C 72 -11.76 -18.81 14.76
N GLN C 73 -12.99 -18.71 14.27
CA GLN C 73 -13.56 -19.74 13.40
C GLN C 73 -13.08 -19.62 11.97
N SER C 74 -12.58 -18.45 11.59
CA SER C 74 -12.07 -18.23 10.23
C SER C 74 -10.59 -18.58 10.11
N THR C 75 -10.11 -18.69 8.87
CA THR C 75 -8.69 -18.89 8.63
C THR C 75 -8.01 -17.62 8.11
N PRO C 76 -6.92 -17.21 8.78
CA PRO C 76 -6.19 -15.95 8.56
C PRO C 76 -5.33 -16.03 7.29
N ALA C 77 -5.22 -14.93 6.55
CA ALA C 77 -4.31 -14.88 5.40
C ALA C 77 -3.94 -13.48 4.92
N THR C 78 -2.70 -13.33 4.48
CA THR C 78 -2.24 -12.10 3.82
C THR C 78 -1.63 -12.44 2.47
N PHE D 1 14.00 -3.58 -10.65
CA PHE D 1 13.54 -3.88 -12.01
C PHE D 1 13.33 -5.37 -12.23
N LEU D 2 14.16 -6.18 -11.59
CA LEU D 2 14.12 -7.63 -11.79
C LEU D 2 13.30 -8.34 -10.71
N GLY D 3 12.32 -7.62 -10.16
CA GLY D 3 11.46 -8.18 -9.12
C GLY D 3 10.61 -9.34 -9.61
N PHE D 4 10.39 -9.39 -10.93
CA PHE D 4 9.58 -10.44 -11.52
C PHE D 4 10.30 -11.79 -11.55
N LEU D 5 11.59 -11.77 -11.20
CA LEU D 5 12.38 -13.00 -11.14
C LEU D 5 12.28 -13.67 -9.78
N LEU D 6 11.70 -12.95 -8.82
CA LEU D 6 11.60 -13.44 -7.44
C LEU D 6 10.66 -14.64 -7.30
N GLY D 7 10.95 -15.47 -6.31
CA GLY D 7 10.09 -16.59 -5.98
C GLY D 7 8.87 -16.16 -5.21
N VAL D 8 8.03 -17.12 -4.85
CA VAL D 8 6.79 -16.83 -4.12
C VAL D 8 6.75 -17.65 -2.83
N GLY D 9 6.57 -16.97 -1.71
CA GLY D 9 6.49 -17.66 -0.43
C GLY D 9 5.24 -17.29 0.35
N SER D 10 5.01 -17.99 1.45
CA SER D 10 3.88 -17.71 2.32
C SER D 10 4.39 -17.07 3.61
N ALA D 11 4.09 -15.79 3.80
CA ALA D 11 4.68 -15.00 4.88
C ALA D 11 4.33 -15.47 6.30
N ILE D 12 3.09 -15.93 6.50
CA ILE D 12 2.65 -16.34 7.82
C ILE D 12 2.40 -17.83 7.97
N ALA D 13 2.99 -18.63 7.07
CA ALA D 13 2.81 -20.08 7.10
C ALA D 13 3.28 -20.69 8.41
N SER D 14 4.30 -20.10 9.01
CA SER D 14 4.82 -20.59 10.28
C SER D 14 3.89 -20.23 11.44
N GLY D 15 3.43 -18.98 11.46
CA GLY D 15 2.53 -18.51 12.50
C GLY D 15 1.17 -19.20 12.46
N VAL D 16 0.67 -19.43 11.25
CA VAL D 16 -0.61 -20.11 11.07
C VAL D 16 -0.55 -21.54 11.60
N ALA D 17 0.60 -22.19 11.42
CA ALA D 17 0.81 -23.54 11.90
C ALA D 17 0.66 -23.62 13.42
N VAL D 18 1.23 -22.64 14.12
CA VAL D 18 1.12 -22.58 15.58
C VAL D 18 -0.32 -22.26 15.99
N SER D 19 -0.96 -21.37 15.24
CA SER D 19 -2.34 -20.97 15.52
C SER D 19 -3.30 -22.14 15.43
N LYS D 20 -3.10 -23.00 14.43
CA LYS D 20 -3.97 -24.15 14.22
C LYS D 20 -3.83 -25.19 15.32
N VAL D 21 -2.63 -25.27 15.90
CA VAL D 21 -2.39 -26.19 17.01
C VAL D 21 -3.18 -25.73 18.24
N LEU D 22 -3.34 -24.41 18.36
CA LEU D 22 -4.06 -23.83 19.49
C LEU D 22 -5.57 -24.08 19.45
N HIS D 23 -6.09 -24.45 18.29
CA HIS D 23 -7.52 -24.74 18.16
C HIS D 23 -7.87 -26.12 18.70
N LEU D 24 -6.86 -26.92 19.00
CA LEU D 24 -7.07 -28.29 19.46
C LEU D 24 -7.58 -28.24 20.90
N GLU D 25 -8.55 -29.10 21.22
CA GLU D 25 -9.10 -29.14 22.57
C GLU D 25 -8.07 -29.57 23.62
N GLY D 26 -8.02 -28.84 24.73
CA GLY D 26 -7.12 -29.15 25.82
C GLY D 26 -5.77 -28.46 25.66
N GLU D 27 -5.53 -27.92 24.47
CA GLU D 27 -4.29 -27.21 24.22
C GLU D 27 -4.32 -25.90 24.99
N VAL D 28 -5.52 -25.34 25.11
CA VAL D 28 -5.72 -24.08 25.80
C VAL D 28 -5.48 -24.26 27.29
N ASN D 29 -5.85 -25.42 27.82
CA ASN D 29 -5.69 -25.71 29.24
C ASN D 29 -4.24 -25.77 29.67
N LYS D 30 -3.37 -26.25 28.79
CA LYS D 30 -1.95 -26.36 29.08
C LYS D 30 -1.28 -25.00 29.27
N ILE D 31 -1.62 -24.05 28.42
CA ILE D 31 -1.09 -22.69 28.52
C ILE D 31 -1.62 -21.97 29.76
N LYS D 32 -2.91 -22.09 30.00
CA LYS D 32 -3.56 -21.43 31.13
C LYS D 32 -3.00 -21.94 32.46
N SER D 33 -2.68 -23.23 32.51
CA SER D 33 -2.13 -23.85 33.71
C SER D 33 -0.70 -23.37 33.96
N ALA D 34 0.04 -23.15 32.88
CA ALA D 34 1.43 -22.72 32.99
C ALA D 34 1.53 -21.21 33.26
N LEU D 35 0.41 -20.51 33.11
CA LEU D 35 0.39 -19.05 33.31
C LEU D 35 -0.43 -18.65 34.52
N LEU D 36 -0.85 -19.63 35.30
CA LEU D 36 -1.64 -19.36 36.49
C LEU D 36 -0.76 -18.75 37.58
N SER D 37 0.52 -19.05 37.53
CA SER D 37 1.46 -18.57 38.54
C SER D 37 2.31 -17.40 38.04
N THR D 38 2.73 -17.46 36.78
CA THR D 38 3.60 -16.43 36.23
C THR D 38 3.05 -15.84 34.93
N ASN D 39 3.77 -14.85 34.39
CA ASN D 39 3.33 -14.18 33.18
C ASN D 39 4.14 -14.57 31.95
N LYS D 40 5.23 -15.29 32.15
CA LYS D 40 6.11 -15.69 31.05
C LYS D 40 6.59 -17.13 31.20
N ALA D 41 6.11 -17.99 30.32
CA ALA D 41 6.46 -19.42 30.38
C ALA D 41 6.68 -19.98 28.98
N VAL D 42 7.35 -21.12 28.90
CA VAL D 42 7.59 -21.80 27.64
C VAL D 42 6.78 -23.09 27.56
N VAL D 43 5.69 -23.07 26.80
CA VAL D 43 4.81 -24.22 26.71
C VAL D 43 5.11 -25.08 25.49
N SER D 44 5.07 -26.40 25.67
CA SER D 44 5.23 -27.34 24.56
C SER D 44 3.87 -27.79 24.04
N LEU D 45 3.67 -27.68 22.72
CA LEU D 45 2.40 -28.03 22.12
C LEU D 45 2.34 -29.48 21.65
N SER D 46 1.15 -29.95 21.28
CA SER D 46 0.90 -31.36 21.01
C SER D 46 1.60 -31.96 19.78
N ASN D 47 2.03 -31.12 18.85
CA ASN D 47 2.75 -31.62 17.68
C ASN D 47 4.25 -31.47 17.87
N GLY D 48 4.63 -31.32 19.14
CA GLY D 48 6.02 -31.24 19.55
C GLY D 48 6.71 -29.93 19.25
N VAL D 49 5.97 -28.83 19.32
CA VAL D 49 6.58 -27.52 19.12
C VAL D 49 6.53 -26.72 20.43
N SER D 50 7.64 -26.07 20.75
CA SER D 50 7.74 -25.29 21.97
C SER D 50 7.71 -23.79 21.71
N VAL D 51 6.71 -23.12 22.26
CA VAL D 51 6.55 -21.67 22.03
C VAL D 51 6.56 -20.88 23.34
N LEU D 52 7.19 -19.71 23.29
CA LEU D 52 7.19 -18.79 24.40
C LEU D 52 5.80 -18.19 24.54
N THR D 53 5.25 -18.24 25.75
CA THR D 53 3.91 -17.71 25.99
C THR D 53 3.97 -16.51 26.94
N PHE D 54 3.11 -15.53 26.72
CA PHE D 54 3.18 -14.25 27.43
C PHE D 54 1.77 -13.77 27.74
N LYS D 55 1.50 -13.55 29.03
CA LYS D 55 0.21 -12.99 29.46
C LYS D 55 0.36 -11.50 29.74
N VAL D 56 -0.27 -10.67 28.91
CA VAL D 56 -0.06 -9.23 28.95
C VAL D 56 -1.18 -8.48 29.66
N LEU D 57 -2.32 -9.15 29.83
CA LEU D 57 -3.47 -8.51 30.46
C LEU D 57 -4.38 -9.53 31.14
N ASP D 58 -4.77 -9.22 32.38
CA ASP D 58 -5.66 -10.09 33.14
C ASP D 58 -6.97 -9.36 33.45
N LEU D 59 -7.89 -9.39 32.50
CA LEU D 59 -9.20 -8.78 32.68
C LEU D 59 -10.07 -9.61 33.60
N LYS D 60 -9.83 -10.92 33.63
CA LYS D 60 -10.59 -11.83 34.46
C LYS D 60 -10.48 -11.45 35.93
N ASN D 61 -9.25 -11.25 36.38
CA ASN D 61 -8.97 -10.89 37.77
C ASN D 61 -9.66 -9.59 38.17
N TYR D 62 -9.64 -8.61 37.27
CA TYR D 62 -10.26 -7.32 37.55
C TYR D 62 -11.77 -7.39 37.61
N ILE D 63 -12.38 -7.92 36.55
CA ILE D 63 -13.84 -7.99 36.45
C ILE D 63 -14.46 -8.83 37.56
N ASP D 64 -13.99 -10.06 37.71
CA ASP D 64 -14.56 -11.00 38.66
C ASP D 64 -14.44 -10.58 40.12
N LYS D 65 -13.34 -9.92 40.45
CA LYS D 65 -13.06 -9.57 41.84
C LYS D 65 -13.47 -8.15 42.23
N GLN D 66 -12.99 -7.17 41.48
CA GLN D 66 -13.17 -5.77 41.87
C GLN D 66 -14.36 -5.08 41.19
N LEU D 67 -15.20 -5.85 40.49
CA LEU D 67 -16.31 -5.24 39.76
C LEU D 67 -17.57 -6.09 39.72
N LEU D 68 -17.42 -7.37 39.40
CA LEU D 68 -18.55 -8.29 39.24
C LEU D 68 -19.43 -8.58 40.48
N PRO D 69 -18.83 -8.68 41.69
CA PRO D 69 -19.69 -8.98 42.84
C PRO D 69 -20.73 -7.91 43.11
N ILE D 70 -20.46 -6.68 42.69
CA ILE D 70 -21.41 -5.60 42.84
C ILE D 70 -22.56 -5.85 41.86
N LEU D 71 -22.30 -6.65 40.84
CA LEU D 71 -23.29 -7.02 39.84
C LEU D 71 -23.87 -8.39 40.10
N ASN D 72 -23.34 -9.10 41.09
CA ASN D 72 -23.91 -10.38 41.52
C ASN D 72 -25.17 -10.13 42.35
N LYS D 73 -26.15 -9.54 41.68
CA LYS D 73 -27.38 -9.05 42.29
C LYS D 73 -28.50 -9.34 41.26
N GLN D 74 -29.80 -9.20 41.54
CA GLN D 74 -30.50 -8.38 42.56
C GLN D 74 -30.40 -6.90 42.22
N SER D 75 -30.43 -6.05 43.24
CA SER D 75 -30.36 -4.61 43.02
C SER D 75 -28.91 -4.17 42.95
N CYS D 76 -28.44 -3.84 41.75
CA CYS D 76 -27.05 -3.44 41.58
C CYS D 76 -26.87 -1.93 41.48
N SER D 77 -25.91 -1.42 42.24
CA SER D 77 -25.54 -0.02 42.18
C SER D 77 -24.03 0.04 42.39
N ILE D 78 -23.34 0.80 41.54
CA ILE D 78 -21.89 0.88 41.59
C ILE D 78 -21.40 2.15 42.24
N SER D 79 -20.48 2.04 43.20
CA SER D 79 -19.90 3.20 43.83
C SER D 79 -18.63 3.57 43.06
N ASN D 80 -18.11 4.78 43.29
CA ASN D 80 -16.86 5.23 42.67
C ASN D 80 -16.84 5.39 41.15
N ILE D 81 -16.63 6.62 40.69
CA ILE D 81 -16.46 6.89 39.28
C ILE D 81 -15.11 6.37 38.82
N GLU D 82 -14.17 6.28 39.77
CA GLU D 82 -12.82 5.82 39.49
C GLU D 82 -12.85 4.35 39.06
N THR D 83 -13.86 3.63 39.53
CA THR D 83 -14.03 2.23 39.16
C THR D 83 -14.45 2.15 37.69
N VAL D 84 -15.28 3.11 37.28
CA VAL D 84 -15.74 3.17 35.90
C VAL D 84 -14.59 3.60 35.00
N ILE D 85 -13.79 4.54 35.47
CA ILE D 85 -12.67 5.06 34.70
C ILE D 85 -11.57 4.01 34.53
N GLU D 86 -11.24 3.33 35.63
CA GLU D 86 -10.19 2.31 35.58
C GLU D 86 -10.59 1.14 34.69
N PHE D 87 -11.88 0.80 34.70
CA PHE D 87 -12.38 -0.27 33.85
C PHE D 87 -12.29 0.12 32.37
N GLN D 88 -12.62 1.36 32.06
CA GLN D 88 -12.50 1.86 30.70
C GLN D 88 -11.05 1.84 30.22
N GLN D 89 -10.12 2.07 31.14
CA GLN D 89 -8.71 2.04 30.81
C GLN D 89 -8.26 0.63 30.46
N LYS D 90 -8.62 -0.34 31.31
CA LYS D 90 -8.27 -1.74 31.09
C LYS D 90 -8.93 -2.32 29.86
N ASN D 91 -10.22 -2.03 29.69
CA ASN D 91 -11.01 -2.62 28.60
C ASN D 91 -10.61 -2.07 27.23
N ASN D 92 -10.02 -0.87 27.22
CA ASN D 92 -9.70 -0.20 25.98
C ASN D 92 -8.75 -0.99 25.08
N ARG D 93 -7.73 -1.59 25.70
CA ARG D 93 -6.74 -2.36 24.95
C ARG D 93 -7.37 -3.54 24.24
N LEU D 94 -8.31 -4.20 24.91
CA LEU D 94 -9.04 -5.32 24.31
C LEU D 94 -9.86 -4.85 23.12
N LEU D 95 -10.50 -3.69 23.27
CA LEU D 95 -11.32 -3.13 22.22
C LEU D 95 -10.48 -2.73 21.01
N GLU D 96 -9.28 -2.23 21.27
CA GLU D 96 -8.38 -1.80 20.20
C GLU D 96 -7.80 -2.99 19.43
N ILE D 97 -7.52 -4.07 20.16
CA ILE D 97 -7.01 -5.29 19.54
C ILE D 97 -8.08 -5.89 18.63
N THR D 98 -9.30 -5.94 19.13
CA THR D 98 -10.44 -6.44 18.37
C THR D 98 -10.68 -5.56 17.15
N ARG D 99 -10.45 -4.25 17.32
CA ARG D 99 -10.69 -3.28 16.27
C ARG D 99 -9.75 -3.50 15.09
N GLU D 100 -8.48 -3.76 15.40
CA GLU D 100 -7.47 -3.98 14.38
C GLU D 100 -7.64 -5.31 13.67
N PHE D 101 -7.94 -6.36 14.43
CA PHE D 101 -8.15 -7.69 13.86
C PHE D 101 -9.37 -7.73 12.95
N SER D 102 -10.42 -6.99 13.32
CA SER D 102 -11.68 -7.04 12.59
C SER D 102 -11.60 -6.34 11.24
N VAL D 103 -10.61 -5.46 11.09
CA VAL D 103 -10.45 -4.72 9.85
C VAL D 103 -9.28 -5.25 9.01
N ASN D 104 -8.57 -6.22 9.57
CA ASN D 104 -7.43 -6.84 8.89
C ASN D 104 -7.56 -8.35 8.69
N ALA D 105 -8.79 -8.86 8.81
CA ALA D 105 -9.07 -10.29 8.66
C ALA D 105 -8.22 -11.17 9.58
N GLY D 106 -7.94 -10.68 10.78
CA GLY D 106 -7.25 -11.46 11.79
C GLY D 106 -5.74 -11.46 11.71
N VAL D 107 -5.18 -10.72 10.76
CA VAL D 107 -3.72 -10.61 10.64
C VAL D 107 -3.30 -9.16 10.43
N THR D 108 -2.50 -8.64 11.35
CA THR D 108 -2.04 -7.26 11.25
C THR D 108 -0.53 -7.15 11.12
N THR D 109 -0.09 -6.18 10.34
CA THR D 109 1.31 -5.80 10.24
C THR D 109 1.41 -4.35 9.79
N PRO D 110 2.25 -3.55 10.47
CA PRO D 110 3.09 -3.87 11.63
C PRO D 110 2.28 -4.17 12.90
N VAL D 111 2.94 -4.74 13.90
CA VAL D 111 2.30 -5.03 15.18
C VAL D 111 2.18 -3.76 16.01
N SER D 112 0.95 -3.37 16.33
CA SER D 112 0.71 -2.12 17.05
C SER D 112 1.12 -2.23 18.52
N THR D 113 1.13 -1.09 19.20
CA THR D 113 1.48 -1.06 20.62
C THR D 113 0.34 -1.60 21.48
N TYR D 114 -0.86 -1.63 20.92
CA TYR D 114 -2.01 -2.27 21.58
C TYR D 114 -1.83 -3.78 21.59
N MET D 115 -1.38 -4.31 20.47
CA MET D 115 -1.13 -5.73 20.32
C MET D 115 0.02 -6.16 21.23
N LEU D 116 1.05 -5.32 21.30
CA LEU D 116 2.25 -5.61 22.07
C LEU D 116 2.97 -4.30 22.37
N THR D 117 2.96 -3.91 23.64
CA THR D 117 3.55 -2.64 24.04
C THR D 117 5.07 -2.65 23.89
N ASN D 118 5.67 -1.47 23.88
CA ASN D 118 7.11 -1.34 23.75
C ASN D 118 7.85 -2.05 24.87
N SER D 119 7.28 -2.05 26.06
CA SER D 119 7.86 -2.73 27.21
C SER D 119 7.81 -4.24 27.03
N GLU D 120 6.65 -4.73 26.57
CA GLU D 120 6.45 -6.16 26.37
C GLU D 120 7.32 -6.71 25.25
N LEU D 121 7.47 -5.92 24.18
CA LEU D 121 8.28 -6.32 23.04
C LEU D 121 9.75 -6.50 23.44
N LEU D 122 10.26 -5.56 24.23
CA LEU D 122 11.63 -5.62 24.71
C LEU D 122 11.86 -6.84 25.60
N SER D 123 10.81 -7.24 26.32
CA SER D 123 10.88 -8.42 27.19
C SER D 123 10.98 -9.71 26.39
N LEU D 124 10.18 -9.80 25.33
CA LEU D 124 10.20 -10.96 24.43
C LEU D 124 11.59 -11.17 23.82
N ILE D 125 12.14 -10.10 23.26
CA ILE D 125 13.45 -10.14 22.60
C ILE D 125 14.51 -10.72 23.53
N ASN D 126 14.39 -10.43 24.81
CA ASN D 126 15.34 -10.88 25.83
C ASN D 126 15.28 -12.39 26.07
N ASP D 127 14.16 -13.01 25.73
CA ASP D 127 13.95 -14.43 26.02
C ASP D 127 14.06 -15.32 24.78
N MET D 128 14.43 -14.72 23.66
CA MET D 128 14.55 -15.45 22.40
C MET D 128 15.84 -16.26 22.40
N PRO D 129 15.80 -17.50 21.91
CA PRO D 129 17.02 -18.30 21.79
C PRO D 129 17.94 -17.89 20.64
N ILE D 130 18.50 -16.69 20.74
CA ILE D 130 19.43 -16.17 19.72
C ILE D 130 20.62 -15.46 20.38
N THR D 131 21.65 -15.17 19.58
CA THR D 131 22.83 -14.49 20.10
C THR D 131 22.49 -13.09 20.66
N ASN D 132 23.29 -12.64 21.62
CA ASN D 132 23.11 -11.32 22.23
C ASN D 132 23.30 -10.16 21.25
N ASP D 133 23.96 -10.44 20.12
CA ASP D 133 24.15 -9.43 19.11
C ASP D 133 22.84 -9.23 18.36
N GLN D 134 22.00 -10.26 18.37
CA GLN D 134 20.66 -10.13 17.82
C GLN D 134 19.74 -9.39 18.79
N LYS D 135 19.98 -9.57 20.09
CA LYS D 135 19.15 -8.92 21.11
C LYS D 135 19.31 -7.41 21.16
N LYS D 136 20.55 -6.94 21.18
CA LYS D 136 20.80 -5.51 21.25
C LYS D 136 20.40 -4.84 19.94
N LEU D 137 20.56 -5.56 18.84
CA LEU D 137 20.19 -5.06 17.53
C LEU D 137 18.68 -4.84 17.44
N MET D 138 17.91 -5.83 17.88
CA MET D 138 16.46 -5.73 17.85
C MET D 138 15.95 -4.68 18.82
N SER D 139 16.63 -4.54 19.96
CA SER D 139 16.22 -3.58 20.98
C SER D 139 16.46 -2.14 20.54
N ASN D 140 17.55 -1.91 19.82
CA ASN D 140 17.88 -0.59 19.32
C ASN D 140 17.13 -0.25 18.03
N ASN D 141 16.45 -1.24 17.48
CA ASN D 141 15.68 -1.06 16.26
C ASN D 141 14.28 -1.65 16.36
N VAL D 142 13.64 -1.44 17.51
CA VAL D 142 12.32 -2.00 17.76
C VAL D 142 11.27 -1.53 16.78
N GLN D 143 11.43 -0.31 16.26
CA GLN D 143 10.49 0.23 15.28
C GLN D 143 10.58 -0.54 13.97
N ILE D 144 11.77 -1.05 13.65
CA ILE D 144 11.96 -1.86 12.46
C ILE D 144 11.41 -3.26 12.69
N VAL D 145 11.70 -3.81 13.87
CA VAL D 145 11.19 -5.12 14.26
C VAL D 145 9.67 -5.16 14.17
N ARG D 146 9.03 -4.07 14.61
CA ARG D 146 7.58 -3.94 14.57
C ARG D 146 7.05 -4.02 13.14
N GLN D 147 7.71 -3.30 12.24
CA GLN D 147 7.28 -3.26 10.84
C GLN D 147 7.42 -4.60 10.14
N GLN D 148 8.35 -5.42 10.62
CA GLN D 148 8.60 -6.72 10.00
C GLN D 148 7.93 -7.87 10.74
N SER D 149 7.03 -7.54 11.66
CA SER D 149 6.35 -8.57 12.46
C SER D 149 4.89 -8.72 12.09
N TYR D 150 4.33 -9.87 12.42
CA TYR D 150 2.91 -10.15 12.19
C TYR D 150 2.20 -10.51 13.50
N SER D 151 0.93 -10.15 13.58
CA SER D 151 0.09 -10.58 14.67
C SER D 151 -1.09 -11.36 14.11
N ILE D 152 -1.22 -12.61 14.53
CA ILE D 152 -2.24 -13.48 13.98
C ILE D 152 -3.26 -13.91 15.04
N MET D 153 -4.50 -13.49 14.86
CA MET D 153 -5.58 -13.89 15.76
C MET D 153 -5.73 -15.40 15.68
N SER D 154 -5.76 -16.06 16.84
CA SER D 154 -5.80 -17.51 16.89
C SER D 154 -7.07 -18.03 17.54
N ILE D 155 -7.11 -18.01 18.87
CA ILE D 155 -8.25 -18.56 19.59
C ILE D 155 -8.76 -17.66 20.69
N ILE D 156 -10.07 -17.73 20.91
CA ILE D 156 -10.71 -17.21 22.10
C ILE D 156 -11.61 -18.31 22.66
N LYS D 157 -11.09 -19.05 23.62
CA LYS D 157 -11.79 -20.21 24.14
C LYS D 157 -11.73 -20.13 25.65
N GLU D 158 -12.83 -20.52 26.28
CA GLU D 158 -13.04 -20.43 27.72
C GLU D 158 -11.80 -20.77 28.53
N GLU D 159 -11.16 -19.75 29.10
CA GLU D 159 -11.59 -18.35 28.99
C GLU D 159 -10.38 -17.46 28.71
N VAL D 160 -9.65 -17.79 27.65
CA VAL D 160 -8.43 -17.08 27.29
C VAL D 160 -8.41 -16.66 25.82
N LEU D 161 -8.07 -15.40 25.59
CA LEU D 161 -7.82 -14.89 24.25
C LEU D 161 -6.33 -15.01 23.93
N ALA D 162 -6.03 -15.76 22.88
CA ALA D 162 -4.65 -15.98 22.47
C ALA D 162 -4.43 -15.64 20.99
N TYR D 163 -3.39 -14.87 20.72
CA TYR D 163 -2.99 -14.58 19.35
C TYR D 163 -1.49 -14.77 19.17
N VAL D 164 -1.09 -15.17 17.98
CA VAL D 164 0.31 -15.46 17.69
C VAL D 164 1.02 -14.23 17.15
N VAL D 165 2.14 -13.88 17.78
CA VAL D 165 2.99 -12.80 17.28
C VAL D 165 4.24 -13.38 16.62
N GLN D 166 4.41 -13.05 15.34
CA GLN D 166 5.48 -13.60 14.53
C GLN D 166 6.59 -12.57 14.37
N LEU D 167 7.68 -12.77 15.10
CA LEU D 167 8.80 -11.82 15.09
C LEU D 167 9.90 -12.26 14.13
N PRO D 168 10.62 -11.29 13.53
CA PRO D 168 11.71 -11.59 12.60
C PRO D 168 12.98 -12.05 13.31
N LEU D 169 13.69 -12.98 12.69
CA LEU D 169 15.01 -13.37 13.16
C LEU D 169 16.08 -13.04 12.13
N TYR D 170 17.13 -12.35 12.57
CA TYR D 170 18.17 -11.91 11.66
C TYR D 170 19.37 -12.84 11.73
N GLY D 171 19.40 -13.83 10.84
CA GLY D 171 20.45 -14.82 10.82
C GLY D 171 21.69 -14.34 10.11
N VAL D 172 21.58 -13.22 9.43
CA VAL D 172 22.72 -12.59 8.76
C VAL D 172 22.90 -11.17 9.26
N ILE D 173 23.99 -10.93 9.99
CA ILE D 173 24.23 -9.63 10.62
C ILE D 173 25.65 -9.15 10.39
N ASP D 174 25.80 -7.85 10.11
CA ASP D 174 27.09 -7.19 10.02
C ASP D 174 27.97 -7.68 8.86
N THR D 175 27.35 -8.19 7.81
CA THR D 175 28.06 -8.49 6.58
C THR D 175 27.97 -7.26 5.67
N PRO D 176 29.01 -7.02 4.86
CA PRO D 176 29.01 -5.81 4.02
C PRO D 176 27.87 -5.78 3.00
N CYS D 177 27.21 -4.63 2.92
CA CYS D 177 26.16 -4.40 1.95
C CYS D 177 26.48 -3.20 1.06
N TRP D 178 25.96 -3.21 -0.15
CA TRP D 178 26.11 -2.08 -1.05
C TRP D 178 24.89 -1.90 -1.94
N LYS D 179 24.61 -0.66 -2.30
CA LYS D 179 23.45 -0.36 -3.13
C LYS D 179 23.89 0.10 -4.52
N LEU D 180 23.38 -0.58 -5.54
CA LEU D 180 23.68 -0.24 -6.92
C LEU D 180 22.57 0.59 -7.54
N HIS D 181 22.93 1.78 -8.01
CA HIS D 181 22.00 2.66 -8.71
C HIS D 181 22.33 2.65 -10.20
N THR D 182 21.31 2.52 -11.05
CA THR D 182 21.52 2.54 -12.49
C THR D 182 20.58 3.51 -13.19
N SER D 183 21.02 4.00 -14.35
CA SER D 183 20.26 4.99 -15.12
C SER D 183 20.55 4.77 -16.60
N PRO D 184 19.61 5.16 -17.49
CA PRO D 184 19.78 4.92 -18.92
C PRO D 184 21.03 5.58 -19.53
N LEU D 185 21.74 4.81 -20.35
CA LEU D 185 22.92 5.31 -21.06
C LEU D 185 22.65 5.33 -22.55
N CYS D 186 22.51 6.52 -23.13
CA CYS D 186 22.17 6.65 -24.55
C CYS D 186 23.20 7.47 -25.32
N THR D 187 23.24 7.27 -26.64
CA THR D 187 24.03 8.12 -27.52
C THR D 187 23.42 9.52 -27.61
N THR D 188 24.23 10.50 -28.01
CA THR D 188 23.84 11.91 -27.93
C THR D 188 23.66 12.60 -29.29
N ASN D 189 23.32 11.84 -30.32
CA ASN D 189 23.09 12.39 -31.65
C ASN D 189 21.90 13.36 -31.69
N THR D 190 21.96 14.34 -32.58
CA THR D 190 21.08 15.51 -32.53
C THR D 190 19.60 15.28 -32.85
N LYS D 191 19.29 14.36 -33.76
CA LYS D 191 17.89 14.07 -34.11
C LYS D 191 17.14 13.40 -32.97
N GLU D 192 15.86 13.73 -32.83
CA GLU D 192 15.08 13.24 -31.70
C GLU D 192 14.91 11.70 -31.71
N GLY D 193 15.21 11.06 -32.84
CA GLY D 193 15.05 9.62 -32.96
C GLY D 193 16.23 8.81 -33.47
N SER D 194 17.44 9.36 -33.42
CA SER D 194 18.61 8.69 -33.98
C SER D 194 19.45 7.93 -32.95
N ASN D 195 18.97 7.85 -31.72
CA ASN D 195 19.79 7.32 -30.63
C ASN D 195 19.43 5.92 -30.13
N ILE D 196 20.44 5.18 -29.70
CA ILE D 196 20.26 3.88 -29.05
C ILE D 196 20.57 3.97 -27.57
N CYS D 197 19.89 3.15 -26.77
CA CYS D 197 20.05 3.23 -25.32
C CYS D 197 20.33 1.88 -24.68
N LEU D 198 20.90 1.94 -23.48
CA LEU D 198 21.29 0.77 -22.72
C LEU D 198 21.15 1.09 -21.24
N THR D 199 20.59 0.17 -20.46
CA THR D 199 20.44 0.38 -19.03
C THR D 199 20.72 -0.90 -18.24
N ARG D 200 21.59 -0.80 -17.25
CA ARG D 200 21.84 -1.92 -16.34
C ARG D 200 20.59 -2.17 -15.51
N THR D 201 20.13 -3.43 -15.48
CA THR D 201 18.88 -3.75 -14.82
C THR D 201 19.08 -4.39 -13.44
N ASP D 202 20.34 -4.55 -13.05
CA ASP D 202 20.65 -5.26 -11.81
C ASP D 202 20.75 -4.32 -10.61
N ARG D 203 20.06 -3.19 -10.68
CA ARG D 203 20.03 -2.25 -9.58
C ARG D 203 19.28 -2.79 -8.36
N GLY D 204 19.70 -2.36 -7.18
CA GLY D 204 19.08 -2.79 -5.94
C GLY D 204 20.13 -2.96 -4.84
N TRP D 205 19.69 -3.54 -3.71
CA TRP D 205 20.61 -3.81 -2.61
C TRP D 205 21.33 -5.14 -2.79
N TYR D 206 22.60 -5.16 -2.44
CA TYR D 206 23.41 -6.37 -2.44
C TYR D 206 24.04 -6.57 -1.07
N CYS D 207 23.99 -7.78 -0.55
CA CYS D 207 24.65 -8.10 0.72
C CYS D 207 25.41 -9.42 0.62
N ASP D 208 26.64 -9.42 1.11
CA ASP D 208 27.39 -10.67 1.21
C ASP D 208 26.67 -11.61 2.16
N ASN D 209 26.52 -12.86 1.75
CA ASN D 209 25.74 -13.81 2.53
C ASN D 209 26.09 -15.24 2.19
N ALA D 210 26.77 -15.90 3.12
CA ALA D 210 27.04 -17.33 3.05
C ALA D 210 27.77 -17.76 1.78
N GLY D 211 28.80 -17.00 1.41
CA GLY D 211 29.63 -17.34 0.27
C GLY D 211 29.07 -16.85 -1.05
N SER D 212 27.83 -16.39 -1.02
CA SER D 212 27.19 -15.81 -2.19
C SER D 212 26.78 -14.38 -1.89
N VAL D 213 25.95 -13.82 -2.77
CA VAL D 213 25.43 -12.48 -2.58
C VAL D 213 23.91 -12.51 -2.65
N SER D 214 23.26 -11.96 -1.62
CA SER D 214 21.82 -11.80 -1.64
C SER D 214 21.47 -10.51 -2.37
N PHE D 215 20.70 -10.64 -3.44
CA PHE D 215 20.36 -9.51 -4.29
C PHE D 215 18.89 -9.15 -4.17
N PHE D 216 18.63 -7.90 -3.80
CA PHE D 216 17.27 -7.39 -3.62
C PHE D 216 16.94 -6.42 -4.74
N PRO D 217 16.28 -6.91 -5.81
CA PRO D 217 16.03 -6.13 -7.02
C PRO D 217 15.13 -4.92 -6.80
N GLN D 218 14.18 -5.04 -5.88
CA GLN D 218 13.32 -3.92 -5.52
C GLN D 218 13.76 -3.27 -4.21
N ALA D 219 14.72 -2.36 -4.31
CA ALA D 219 15.35 -1.73 -3.14
C ALA D 219 14.35 -1.06 -2.18
N GLU D 220 13.14 -0.81 -2.66
CA GLU D 220 12.10 -0.19 -1.84
C GLU D 220 11.67 -1.09 -0.69
N THR D 221 11.89 -2.39 -0.83
CA THR D 221 11.49 -3.34 0.20
C THR D 221 12.42 -3.33 1.41
N CYS D 222 13.62 -2.80 1.22
CA CYS D 222 14.60 -2.72 2.31
C CYS D 222 14.46 -1.44 3.13
N LYS D 223 14.73 -1.55 4.43
CA LYS D 223 14.68 -0.40 5.32
C LYS D 223 16.09 -0.06 5.82
N VAL D 224 16.48 1.20 5.67
CA VAL D 224 17.82 1.62 6.01
C VAL D 224 17.85 2.49 7.26
N GLN D 225 18.58 2.04 8.27
CA GLN D 225 18.77 2.81 9.50
C GLN D 225 20.23 3.22 9.63
N SER D 226 20.52 4.49 9.34
CA SER D 226 21.89 4.99 9.27
C SER D 226 22.71 4.18 8.26
N ASN D 227 23.60 3.33 8.76
CA ASN D 227 24.39 2.46 7.90
C ASN D 227 23.97 1.00 8.01
N ARG D 228 22.85 0.75 8.67
CA ARG D 228 22.32 -0.59 8.84
C ARG D 228 21.18 -0.85 7.84
N VAL D 229 21.25 -1.96 7.13
CA VAL D 229 20.25 -2.29 6.13
C VAL D 229 19.40 -3.50 6.50
N PHE D 230 18.13 -3.26 6.79
CA PHE D 230 17.20 -4.34 7.11
C PHE D 230 16.47 -4.82 5.87
N CYS D 231 16.70 -6.07 5.49
CA CYS D 231 16.05 -6.65 4.33
C CYS D 231 15.45 -8.02 4.65
N ASP D 232 14.54 -8.48 3.80
CA ASP D 232 13.92 -9.77 3.95
C ASP D 232 14.42 -10.70 2.84
N THR D 233 14.99 -11.84 3.21
CA THR D 233 15.57 -12.76 2.24
C THR D 233 14.53 -13.32 1.26
N MET D 234 13.25 -13.25 1.63
CA MET D 234 12.18 -13.69 0.74
C MET D 234 12.10 -12.80 -0.50
N ASN D 235 12.57 -11.56 -0.36
CA ASN D 235 12.59 -10.61 -1.47
C ASN D 235 13.94 -10.55 -2.16
N SER D 236 14.68 -11.66 -2.15
CA SER D 236 16.01 -11.66 -2.73
C SER D 236 16.27 -12.83 -3.67
N LEU D 237 17.25 -12.64 -4.54
CA LEU D 237 17.81 -13.73 -5.32
C LEU D 237 19.19 -14.04 -4.77
N THR D 238 19.59 -15.30 -4.85
CA THR D 238 20.93 -15.70 -4.41
C THR D 238 21.82 -15.81 -5.64
N LEU D 239 22.81 -14.94 -5.72
CA LEU D 239 23.67 -14.85 -6.91
C LEU D 239 25.12 -15.15 -6.58
N PRO D 240 25.89 -15.62 -7.58
CA PRO D 240 27.34 -15.76 -7.40
C PRO D 240 27.97 -14.41 -7.12
N SER D 241 29.06 -14.40 -6.36
CA SER D 241 29.73 -13.15 -6.00
C SER D 241 30.35 -12.45 -7.20
N GLU D 242 30.48 -13.17 -8.32
CA GLU D 242 31.05 -12.60 -9.54
C GLU D 242 30.14 -11.54 -10.16
N VAL D 243 28.91 -11.43 -9.64
CA VAL D 243 27.97 -10.43 -10.11
C VAL D 243 28.52 -9.01 -9.87
N ASN D 244 29.40 -8.89 -8.89
CA ASN D 244 30.01 -7.60 -8.56
C ASN D 244 30.99 -7.12 -9.63
N LEU D 245 31.42 -8.04 -10.50
CA LEU D 245 32.34 -7.71 -11.58
C LEU D 245 31.70 -6.77 -12.60
N CYS D 246 30.37 -6.76 -12.64
CA CYS D 246 29.63 -5.92 -13.57
C CYS D 246 29.86 -4.43 -13.31
N ASN D 247 30.28 -4.11 -12.09
CA ASN D 247 30.52 -2.73 -11.71
C ASN D 247 31.85 -2.17 -12.23
N VAL D 248 32.87 -3.03 -12.26
CA VAL D 248 34.20 -2.61 -12.72
C VAL D 248 34.43 -2.94 -14.20
N ASP D 249 33.98 -4.12 -14.62
CA ASP D 249 34.13 -4.56 -16.00
C ASP D 249 32.87 -5.28 -16.48
N ILE D 250 32.01 -4.54 -17.18
CA ILE D 250 30.71 -5.08 -17.59
C ILE D 250 30.85 -6.10 -18.72
N PHE D 251 32.01 -6.14 -19.35
CA PHE D 251 32.27 -7.08 -20.43
C PHE D 251 33.09 -8.29 -19.97
N ASN D 252 33.19 -8.48 -18.66
CA ASN D 252 33.96 -9.59 -18.10
C ASN D 252 33.40 -10.96 -18.50
N PRO D 253 34.28 -11.96 -18.64
CA PRO D 253 33.85 -13.29 -19.10
C PRO D 253 33.22 -14.12 -17.99
N LYS D 254 33.50 -13.78 -16.74
CA LYS D 254 33.05 -14.58 -15.60
C LYS D 254 31.55 -14.48 -15.31
N TYR D 255 30.97 -13.31 -15.55
CA TYR D 255 29.55 -13.10 -15.28
C TYR D 255 28.83 -12.36 -16.41
N ASP D 256 27.64 -12.83 -16.76
CA ASP D 256 26.86 -12.24 -17.84
C ASP D 256 25.99 -11.11 -17.31
N CYS D 257 26.51 -9.88 -17.37
CA CYS D 257 25.86 -8.73 -16.79
C CYS D 257 24.53 -8.40 -17.47
N LYS D 258 23.51 -8.12 -16.66
CA LYS D 258 22.16 -7.88 -17.15
C LYS D 258 21.91 -6.44 -17.55
N ILE D 259 21.37 -6.26 -18.75
CA ILE D 259 21.06 -4.94 -19.28
C ILE D 259 19.74 -4.95 -20.02
N MET D 260 19.20 -3.76 -20.28
CA MET D 260 18.04 -3.61 -21.13
C MET D 260 18.37 -2.57 -22.19
N THR D 261 17.88 -2.77 -23.41
CA THR D 261 18.16 -1.85 -24.50
C THR D 261 16.88 -1.18 -24.99
N SER D 262 17.03 0.00 -25.55
CA SER D 262 15.90 0.74 -26.11
C SER D 262 16.37 1.87 -27.01
N LYS D 263 15.42 2.59 -27.57
CA LYS D 263 15.73 3.80 -28.33
C LYS D 263 15.02 4.97 -27.67
N THR D 264 14.56 4.76 -26.44
CA THR D 264 13.86 5.78 -25.68
C THR D 264 14.85 6.60 -24.85
N ASP D 265 15.29 7.72 -25.41
CA ASP D 265 16.21 8.61 -24.70
C ASP D 265 15.51 9.70 -23.90
N VAL D 266 14.84 9.30 -22.82
CA VAL D 266 14.17 10.25 -21.94
C VAL D 266 15.10 10.64 -20.81
N SER D 267 14.91 11.85 -20.28
CA SER D 267 15.80 12.37 -19.26
C SER D 267 15.24 12.13 -17.86
N SER D 268 16.14 11.89 -16.90
CA SER D 268 15.76 11.67 -15.52
C SER D 268 16.98 11.73 -14.61
N SER D 269 16.75 11.63 -13.31
CA SER D 269 17.85 11.59 -12.36
C SER D 269 17.60 10.49 -11.32
N VAL D 270 18.70 9.89 -10.85
CA VAL D 270 18.61 8.93 -9.76
C VAL D 270 19.42 9.44 -8.58
N ILE D 271 18.73 9.79 -7.50
CA ILE D 271 19.38 10.25 -6.29
C ILE D 271 20.00 9.06 -5.57
N THR D 272 21.32 9.12 -5.38
CA THR D 272 22.05 8.04 -4.72
C THR D 272 22.22 8.35 -3.24
N SER D 273 23.10 7.60 -2.59
CA SER D 273 23.35 7.81 -1.16
C SER D 273 24.14 9.08 -0.92
N LEU D 274 25.11 9.35 -1.79
CA LEU D 274 26.02 10.47 -1.59
C LEU D 274 26.08 11.43 -2.78
N GLY D 275 25.10 11.33 -3.66
CA GLY D 275 25.08 12.19 -4.83
C GLY D 275 23.87 12.03 -5.72
N ALA D 276 24.08 12.16 -7.02
CA ALA D 276 22.99 12.07 -7.98
C ALA D 276 23.51 11.71 -9.36
N ILE D 277 22.89 10.71 -9.98
CA ILE D 277 23.16 10.37 -11.37
C ILE D 277 22.20 11.16 -12.25
N VAL D 278 22.73 11.77 -13.31
CA VAL D 278 21.89 12.54 -14.22
C VAL D 278 21.98 12.00 -15.65
N SER D 279 20.86 11.50 -16.15
CA SER D 279 20.76 11.09 -17.54
C SER D 279 20.04 12.19 -18.32
N CYS D 280 20.81 13.01 -19.03
CA CYS D 280 20.27 14.16 -19.73
C CYS D 280 20.34 13.96 -21.24
N TYR D 281 19.19 13.96 -21.89
CA TYR D 281 19.14 13.75 -23.34
C TYR D 281 18.15 14.71 -23.99
N GLY D 282 18.27 14.88 -25.30
CA GLY D 282 17.37 15.76 -26.04
C GLY D 282 17.56 17.23 -25.70
N LYS D 283 16.45 17.91 -25.42
CA LYS D 283 16.48 19.34 -25.12
C LYS D 283 16.24 19.61 -23.63
N THR D 284 16.40 18.58 -22.81
CA THR D 284 16.12 18.71 -21.38
C THR D 284 17.10 19.62 -20.65
N LYS D 285 16.57 20.47 -19.78
CA LYS D 285 17.40 21.30 -18.91
C LYS D 285 17.78 20.50 -17.67
N CYS D 286 19.08 20.23 -17.51
CA CYS D 286 19.56 19.45 -16.37
C CYS D 286 20.63 20.24 -15.61
N THR D 287 20.34 20.56 -14.36
CA THR D 287 21.25 21.36 -13.54
C THR D 287 21.37 20.82 -12.12
N ALA D 288 22.39 21.29 -11.41
CA ALA D 288 22.55 21.01 -9.99
C ALA D 288 22.71 22.34 -9.27
N SER D 289 22.02 22.51 -8.15
CA SER D 289 22.00 23.79 -7.45
C SER D 289 22.39 23.67 -5.99
N ASN D 290 22.88 24.79 -5.43
CA ASN D 290 23.09 24.93 -4.00
C ASN D 290 22.03 25.92 -3.52
N LYS D 291 21.55 25.77 -2.29
CA LYS D 291 20.42 26.57 -1.79
C LYS D 291 20.52 28.10 -1.83
N ASN D 292 21.69 28.65 -1.52
CA ASN D 292 21.88 30.10 -1.46
C ASN D 292 22.41 30.62 -2.80
N ARG D 293 23.34 29.87 -3.37
CA ARG D 293 24.01 30.25 -4.61
C ARG D 293 23.16 30.09 -5.86
N GLY D 294 22.34 29.05 -5.89
CA GLY D 294 21.62 28.71 -7.10
C GLY D 294 22.40 27.69 -7.93
N ILE D 295 22.26 27.77 -9.25
CA ILE D 295 22.88 26.80 -10.15
C ILE D 295 24.41 26.85 -10.12
N ILE D 296 25.03 25.70 -9.86
CA ILE D 296 26.49 25.63 -9.78
C ILE D 296 27.07 24.66 -10.81
N LYS D 297 26.19 23.95 -11.51
CA LYS D 297 26.62 23.02 -12.55
C LYS D 297 25.51 22.77 -13.58
N THR D 298 25.89 22.82 -14.85
CA THR D 298 24.97 22.50 -15.94
C THR D 298 25.44 21.27 -16.69
N PHE D 299 24.60 20.24 -16.73
CA PHE D 299 24.95 18.98 -17.37
C PHE D 299 24.79 19.05 -18.89
N SER D 300 25.71 18.42 -19.60
CA SER D 300 25.58 18.26 -21.04
C SER D 300 24.86 16.94 -21.31
N ASN D 301 24.51 16.71 -22.57
CA ASN D 301 23.85 15.46 -22.95
C ASN D 301 24.74 14.25 -22.70
N GLY D 302 24.13 13.20 -22.13
CA GLY D 302 24.86 12.02 -21.73
C GLY D 302 24.53 11.67 -20.30
N CYS D 303 25.27 10.71 -19.74
CA CYS D 303 25.07 10.33 -18.33
C CYS D 303 26.21 10.86 -17.47
N ASP D 304 25.85 11.68 -16.48
CA ASP D 304 26.83 12.30 -15.61
C ASP D 304 26.47 12.08 -14.14
N TYR D 305 27.25 12.70 -13.25
CA TYR D 305 27.09 12.50 -11.82
C TYR D 305 27.63 13.69 -11.05
N VAL D 306 26.99 14.02 -9.94
CA VAL D 306 27.48 15.05 -9.03
C VAL D 306 27.39 14.54 -7.58
N SER D 307 28.37 14.89 -6.76
CA SER D 307 28.34 14.50 -5.35
C SER D 307 27.50 15.47 -4.54
N ASN D 308 27.13 15.06 -3.33
CA ASN D 308 26.26 15.87 -2.49
C ASN D 308 27.01 17.00 -1.75
N LYS D 309 28.33 17.02 -1.89
CA LYS D 309 29.12 18.07 -1.23
C LYS D 309 28.92 19.41 -1.91
N GLY D 310 28.24 20.33 -1.21
CA GLY D 310 27.97 21.65 -1.74
C GLY D 310 26.77 21.70 -2.67
N VAL D 311 26.12 20.55 -2.86
CA VAL D 311 24.93 20.47 -3.70
C VAL D 311 23.71 20.15 -2.85
N ASP D 312 22.64 20.91 -3.03
CA ASP D 312 21.42 20.67 -2.28
C ASP D 312 20.33 20.05 -3.16
N THR D 313 20.22 20.52 -4.39
CA THR D 313 19.18 20.04 -5.29
C THR D 313 19.70 19.71 -6.68
N VAL D 314 18.92 18.91 -7.39
CA VAL D 314 19.18 18.60 -8.79
C VAL D 314 17.88 18.75 -9.57
N SER D 315 17.94 19.42 -10.71
CA SER D 315 16.75 19.60 -11.55
C SER D 315 16.92 18.95 -12.92
N VAL D 316 15.98 18.08 -13.27
CA VAL D 316 15.94 17.51 -14.61
C VAL D 316 14.57 17.80 -15.21
N GLY D 317 14.54 18.70 -16.19
CA GLY D 317 13.28 19.15 -16.75
C GLY D 317 12.48 19.90 -15.71
N ASN D 318 11.22 19.51 -15.54
CA ASN D 318 10.34 20.15 -14.58
C ASN D 318 10.33 19.44 -13.23
N THR D 319 11.28 18.54 -13.03
CA THR D 319 11.33 17.77 -11.79
C THR D 319 12.50 18.19 -10.91
N LEU D 320 12.18 18.59 -9.68
CA LEU D 320 13.19 18.97 -8.70
C LEU D 320 13.47 17.85 -7.73
N TYR D 321 14.74 17.47 -7.60
CA TYR D 321 15.16 16.43 -6.67
C TYR D 321 16.00 17.01 -5.55
N TYR D 322 15.67 16.65 -4.30
CA TYR D 322 16.55 16.98 -3.18
C TYR D 322 17.53 15.83 -2.96
N VAL D 323 18.82 16.16 -2.88
CA VAL D 323 19.84 15.16 -2.64
C VAL D 323 19.93 14.83 -1.15
N ASN D 324 20.40 13.62 -0.83
CA ASN D 324 20.64 13.23 0.54
C ASN D 324 21.87 13.96 1.10
N LYS D 325 21.75 14.44 2.34
CA LYS D 325 22.81 15.26 2.94
C LYS D 325 23.75 14.49 3.85
N GLN D 326 23.76 13.17 3.73
CA GLN D 326 24.66 12.34 4.52
C GLN D 326 26.12 12.61 4.14
N GLU D 327 27.01 12.53 5.10
CA GLU D 327 28.43 12.76 4.87
C GLU D 327 29.13 11.52 4.34
N GLY D 328 30.07 11.73 3.43
CA GLY D 328 30.82 10.62 2.83
C GLY D 328 31.48 11.05 1.54
N LYS D 329 32.51 10.34 1.13
CA LYS D 329 33.26 10.71 -0.06
C LYS D 329 32.79 9.97 -1.30
N SER D 330 32.73 10.68 -2.42
CA SER D 330 32.33 10.10 -3.70
C SER D 330 33.53 10.05 -4.63
N LEU D 331 33.63 8.98 -5.40
CA LEU D 331 34.71 8.82 -6.37
C LEU D 331 34.14 8.74 -7.78
N TYR D 332 34.57 9.65 -8.64
CA TYR D 332 34.15 9.67 -10.04
C TYR D 332 35.12 8.85 -10.87
N VAL D 333 34.66 7.69 -11.33
CA VAL D 333 35.49 6.81 -12.16
C VAL D 333 35.25 7.08 -13.64
N LYS D 334 36.21 7.74 -14.28
CA LYS D 334 36.09 8.08 -15.70
C LYS D 334 36.12 6.84 -16.58
N GLY D 335 35.52 6.95 -17.75
CA GLY D 335 35.47 5.85 -18.69
C GLY D 335 34.53 6.17 -19.84
N GLU D 336 34.87 5.66 -21.02
CA GLU D 336 34.03 5.88 -22.20
C GLU D 336 32.73 5.11 -22.06
N PRO D 337 31.59 5.79 -22.31
CA PRO D 337 30.28 5.15 -22.30
C PRO D 337 30.24 3.95 -23.24
N ILE D 338 29.89 2.78 -22.71
CA ILE D 338 29.94 1.55 -23.49
C ILE D 338 28.96 1.54 -24.65
N ILE D 339 27.99 2.45 -24.62
CA ILE D 339 27.00 2.58 -25.68
C ILE D 339 27.65 3.01 -26.99
N ASN D 340 28.83 3.62 -26.91
CA ASN D 340 29.57 4.05 -28.08
C ASN D 340 30.22 2.90 -28.85
N PHE D 341 30.33 1.75 -28.19
CA PHE D 341 30.99 0.60 -28.78
C PHE D 341 30.10 -0.15 -29.78
N TYR D 342 28.82 0.21 -29.82
CA TYR D 342 27.86 -0.51 -30.64
C TYR D 342 27.55 0.18 -31.97
N ASP D 343 27.32 -0.62 -33.00
CA ASP D 343 26.87 -0.11 -34.28
C ASP D 343 25.34 0.01 -34.23
N PRO D 344 24.82 1.24 -34.36
CA PRO D 344 23.38 1.51 -34.27
C PRO D 344 22.55 0.81 -35.34
N LEU D 345 23.21 0.29 -36.38
CA LEU D 345 22.50 -0.35 -37.49
C LEU D 345 22.17 -1.80 -37.21
N VAL D 346 22.88 -2.41 -36.27
CA VAL D 346 22.64 -3.82 -35.92
C VAL D 346 22.39 -3.99 -34.43
N PHE D 347 22.18 -2.87 -33.73
CA PHE D 347 21.94 -2.89 -32.30
C PHE D 347 20.51 -3.29 -31.98
N PRO D 348 20.34 -4.37 -31.20
CA PRO D 348 19.01 -4.83 -30.78
C PRO D 348 18.39 -3.81 -29.84
N SER D 349 17.45 -3.03 -30.33
CA SER D 349 16.99 -1.86 -29.59
C SER D 349 15.68 -2.05 -28.83
N ASP D 350 15.32 -3.30 -28.53
CA ASP D 350 14.16 -3.56 -27.69
C ASP D 350 14.30 -4.87 -26.92
N GLU D 351 15.39 -4.97 -26.18
CA GLU D 351 15.58 -6.11 -25.30
C GLU D 351 15.18 -5.67 -23.91
N PHE D 352 14.02 -6.12 -23.46
CA PHE D 352 13.47 -5.66 -22.19
C PHE D 352 14.19 -6.30 -21.00
N ASP D 353 14.52 -7.58 -21.15
CA ASP D 353 15.24 -8.31 -20.10
C ASP D 353 16.34 -9.17 -20.74
N ALA D 354 17.50 -8.57 -20.97
CA ALA D 354 18.59 -9.26 -21.65
C ALA D 354 19.91 -9.16 -20.88
N SER D 355 21.02 -9.34 -21.61
CA SER D 355 22.35 -9.29 -21.02
C SER D 355 23.38 -8.89 -22.06
N ILE D 356 24.63 -8.75 -21.63
CA ILE D 356 25.71 -8.35 -22.52
C ILE D 356 25.93 -9.35 -23.66
N SER D 357 26.05 -10.62 -23.31
CA SER D 357 26.33 -11.66 -24.31
C SER D 357 25.13 -11.92 -25.20
N GLN D 358 23.92 -11.79 -24.64
CA GLN D 358 22.71 -11.99 -25.41
C GLN D 358 22.55 -10.92 -26.49
N VAL D 359 22.92 -9.69 -26.15
CA VAL D 359 22.91 -8.59 -27.10
C VAL D 359 23.96 -8.86 -28.18
N ASN D 360 25.12 -9.35 -27.77
CA ASN D 360 26.21 -9.65 -28.69
C ASN D 360 25.84 -10.70 -29.73
N GLU D 361 25.19 -11.77 -29.28
CA GLU D 361 24.81 -12.85 -30.19
C GLU D 361 23.75 -12.39 -31.18
N LYS D 362 22.92 -11.44 -30.76
CA LYS D 362 21.90 -10.87 -31.63
C LYS D 362 22.56 -9.98 -32.69
N ILE D 363 23.64 -9.32 -32.31
CA ILE D 363 24.40 -8.50 -33.23
C ILE D 363 25.09 -9.36 -34.28
N ASN D 364 25.69 -10.46 -33.85
CA ASN D 364 26.36 -11.38 -34.74
C ASN D 364 25.42 -12.00 -35.78
N GLN D 365 24.22 -12.36 -35.36
CA GLN D 365 23.24 -12.95 -36.24
C GLN D 365 22.74 -11.94 -37.29
N SER D 366 22.52 -10.70 -36.85
CA SER D 366 22.11 -9.64 -37.76
C SER D 366 23.25 -9.27 -38.70
N LEU D 367 24.48 -9.38 -38.22
CA LEU D 367 25.66 -9.05 -39.01
C LEU D 367 25.94 -10.10 -40.07
N ALA D 368 25.73 -11.37 -39.71
CA ALA D 368 25.97 -12.47 -40.63
C ALA D 368 24.96 -12.52 -41.76
N PHE D 369 23.71 -12.17 -41.45
CA PHE D 369 22.65 -12.15 -42.46
C PHE D 369 22.91 -11.10 -43.54
N ILE D 370 23.42 -9.95 -43.13
CA ILE D 370 23.73 -8.88 -44.06
C ILE D 370 25.01 -9.17 -44.84
N ASN E 2 -12.06 -30.29 0.40
CA ASN E 2 -11.31 -31.30 -0.34
C ASN E 2 -10.41 -30.66 -1.38
N ILE E 3 -9.23 -30.22 -0.94
CA ILE E 3 -8.28 -29.54 -1.82
C ILE E 3 -7.20 -30.51 -2.32
N THR E 4 -7.02 -30.55 -3.63
CA THR E 4 -5.99 -31.40 -4.22
C THR E 4 -5.07 -30.56 -5.10
N GLU E 5 -3.94 -31.13 -5.49
CA GLU E 5 -2.96 -30.40 -6.25
C GLU E 5 -2.22 -31.32 -7.23
N GLU E 6 -1.95 -30.80 -8.43
CA GLU E 6 -1.20 -31.56 -9.42
C GLU E 6 0.00 -30.75 -9.89
N PHE E 7 1.17 -31.40 -9.93
CA PHE E 7 2.37 -30.76 -10.46
C PHE E 7 2.69 -31.30 -11.85
N TYR E 8 2.94 -30.38 -12.77
CA TYR E 8 3.28 -30.76 -14.15
C TYR E 8 4.76 -30.54 -14.42
N GLN E 9 5.52 -31.62 -14.44
CA GLN E 9 6.96 -31.57 -14.64
C GLN E 9 7.34 -30.96 -15.99
N SER E 10 6.49 -31.18 -16.99
CA SER E 10 6.80 -30.76 -18.35
C SER E 10 6.83 -29.24 -18.51
N THR E 11 6.08 -28.53 -17.67
CA THR E 11 5.97 -27.08 -17.80
C THR E 11 6.31 -26.32 -16.53
N CYS E 12 6.81 -27.02 -15.51
CA CYS E 12 7.19 -26.39 -14.25
C CYS E 12 6.03 -25.58 -13.67
N SER E 13 4.89 -26.22 -13.52
CA SER E 13 3.71 -25.56 -12.99
C SER E 13 2.84 -26.50 -12.16
N ALA E 14 1.98 -25.91 -11.32
CA ALA E 14 1.13 -26.71 -10.45
C ALA E 14 -0.26 -26.09 -10.34
N VAL E 15 -1.27 -26.94 -10.29
CA VAL E 15 -2.65 -26.49 -10.17
C VAL E 15 -3.29 -27.01 -8.88
N SER E 16 -3.83 -26.08 -8.09
CA SER E 16 -4.52 -26.43 -6.85
C SER E 16 -6.03 -26.34 -7.06
N LYS E 17 -6.71 -27.47 -6.94
CA LYS E 17 -8.15 -27.53 -7.21
C LYS E 17 -8.96 -27.81 -5.94
N GLY E 18 -10.28 -27.68 -6.05
CA GLY E 18 -11.17 -27.99 -4.93
C GLY E 18 -11.74 -26.77 -4.24
N TYR E 19 -11.46 -25.59 -4.78
CA TYR E 19 -11.92 -24.35 -4.17
C TYR E 19 -13.30 -23.95 -4.68
N LEU E 20 -14.01 -23.16 -3.89
CA LEU E 20 -15.34 -22.69 -4.26
C LEU E 20 -15.35 -21.17 -4.40
N SER E 21 -16.09 -20.66 -5.37
CA SER E 21 -16.06 -19.25 -5.70
C SER E 21 -16.93 -18.38 -4.81
N ALA E 22 -16.57 -17.10 -4.75
CA ALA E 22 -17.37 -16.06 -4.13
C ALA E 22 -16.95 -14.75 -4.77
N LEU E 23 -17.39 -14.56 -6.02
CA LEU E 23 -16.97 -13.42 -6.81
C LEU E 23 -17.96 -12.28 -6.67
N ARG E 24 -17.47 -11.09 -6.38
CA ARG E 24 -18.33 -9.92 -6.31
C ARG E 24 -18.77 -9.47 -7.69
N THR E 25 -20.08 -9.45 -7.91
CA THR E 25 -20.64 -9.06 -9.19
C THR E 25 -21.44 -7.77 -9.07
N GLY E 26 -21.91 -7.47 -7.87
CA GLY E 26 -22.70 -6.27 -7.66
C GLY E 26 -22.37 -5.52 -6.39
N TRP E 27 -23.12 -4.46 -6.13
CA TRP E 27 -22.91 -3.64 -4.92
C TRP E 27 -24.22 -3.36 -4.22
N TYR E 28 -24.18 -3.35 -2.89
CA TYR E 28 -25.32 -2.84 -2.13
C TYR E 28 -24.90 -1.57 -1.42
N THR E 29 -25.62 -0.49 -1.71
CA THR E 29 -25.32 0.80 -1.11
C THR E 29 -26.32 1.09 0.00
N SER E 30 -25.81 1.38 1.19
CA SER E 30 -26.66 1.73 2.32
C SER E 30 -26.27 3.10 2.84
N VAL E 31 -27.24 3.81 3.43
CA VAL E 31 -26.98 5.14 3.95
C VAL E 31 -26.95 5.13 5.47
N ILE E 32 -25.79 5.44 6.03
CA ILE E 32 -25.62 5.49 7.48
C ILE E 32 -25.71 6.94 7.94
N THR E 33 -26.57 7.19 8.93
CA THR E 33 -26.81 8.55 9.39
C THR E 33 -26.51 8.76 10.87
N ILE E 34 -25.99 9.95 11.18
CA ILE E 34 -25.80 10.37 12.56
C ILE E 34 -26.50 11.70 12.76
N GLU E 35 -27.44 11.74 13.71
CA GLU E 35 -28.22 12.93 13.97
C GLU E 35 -27.42 13.93 14.80
N LEU E 36 -27.16 15.10 14.25
CA LEU E 36 -26.36 16.11 14.92
C LEU E 36 -27.21 17.29 15.40
N SER E 37 -26.61 18.21 16.13
CA SER E 37 -27.32 19.40 16.61
C SER E 37 -26.53 20.66 16.25
N ASN E 38 -27.22 21.78 16.07
CA ASN E 38 -26.58 23.05 15.76
C ASN E 38 -26.25 23.86 17.02
N ILE E 39 -24.96 24.11 17.27
CA ILE E 39 -24.60 24.98 18.41
C ILE E 39 -23.53 26.00 18.03
N LYS E 40 -23.83 27.27 18.28
CA LYS E 40 -22.88 28.34 18.01
C LYS E 40 -22.84 29.36 19.14
N GLU E 41 -21.66 29.87 19.45
CA GLU E 41 -21.45 30.92 20.46
C GLU E 41 -22.28 30.86 21.75
N ASN E 42 -22.16 29.76 22.48
CA ASN E 42 -22.75 29.66 23.82
C ASN E 42 -22.52 30.87 24.74
N LYS E 43 -23.60 31.40 25.32
CA LYS E 43 -23.51 32.60 26.15
C LYS E 43 -22.89 32.29 27.50
N CYS E 44 -22.07 31.25 27.55
CA CYS E 44 -21.52 30.82 28.82
C CYS E 44 -20.01 30.82 28.94
N ASN E 45 -19.60 31.19 30.15
CA ASN E 45 -18.21 31.16 30.59
C ASN E 45 -18.10 30.00 31.58
N GLY E 46 -18.82 30.15 32.70
CA GLY E 46 -18.90 29.11 33.71
C GLY E 46 -17.72 29.14 34.66
N THR E 47 -16.53 29.06 34.08
CA THR E 47 -15.26 28.95 34.79
C THR E 47 -15.28 27.95 35.95
N ASP E 48 -15.86 26.78 35.72
CA ASP E 48 -15.72 25.67 36.65
C ASP E 48 -15.08 24.49 35.92
N ALA E 49 -14.67 23.46 36.65
CA ALA E 49 -13.90 22.37 36.04
C ALA E 49 -14.70 21.55 35.03
N LYS E 50 -15.92 21.20 35.40
CA LYS E 50 -16.78 20.32 34.62
C LYS E 50 -17.33 20.96 33.34
N VAL E 51 -17.64 22.25 33.38
CA VAL E 51 -18.14 22.94 32.19
C VAL E 51 -16.97 23.17 31.23
N LYS E 52 -15.79 23.37 31.79
CA LYS E 52 -14.58 23.53 30.99
C LYS E 52 -14.28 22.27 30.20
N LEU E 53 -14.49 21.12 30.84
CA LEU E 53 -14.30 19.83 30.17
C LEU E 53 -15.32 19.62 29.07
N ILE E 54 -16.57 20.03 29.32
CA ILE E 54 -17.64 19.89 28.35
C ILE E 54 -17.41 20.81 27.15
N LYS E 55 -17.01 22.05 27.42
CA LYS E 55 -16.74 23.03 26.38
C LYS E 55 -15.67 22.58 25.39
N GLN E 56 -14.53 22.12 25.91
CA GLN E 56 -13.43 21.73 25.03
C GLN E 56 -13.73 20.42 24.31
N GLU E 57 -14.64 19.62 24.88
CA GLU E 57 -15.12 18.42 24.22
C GLU E 57 -16.11 18.84 23.13
N LEU E 58 -16.85 19.92 23.41
CA LEU E 58 -17.77 20.49 22.45
C LEU E 58 -17.01 21.14 21.30
N ASP E 59 -15.78 21.57 21.59
CA ASP E 59 -14.91 22.16 20.57
C ASP E 59 -14.45 21.10 19.58
N LYS E 60 -14.19 19.90 20.09
CA LYS E 60 -13.84 18.77 19.24
C LYS E 60 -15.01 18.48 18.30
N TYR E 61 -16.22 18.57 18.86
CA TYR E 61 -17.46 18.36 18.10
C TYR E 61 -17.60 19.38 16.97
N LYS E 62 -17.45 20.65 17.29
CA LYS E 62 -17.60 21.71 16.30
C LYS E 62 -16.51 21.67 15.22
N ASN E 63 -15.30 21.29 15.61
CA ASN E 63 -14.22 21.15 14.65
C ASN E 63 -14.43 19.96 13.72
N ALA E 64 -15.04 18.91 14.24
CA ALA E 64 -15.34 17.73 13.46
C ALA E 64 -16.40 18.06 12.42
N VAL E 65 -17.40 18.83 12.84
CA VAL E 65 -18.47 19.27 11.95
C VAL E 65 -17.92 20.17 10.85
N THR E 66 -16.97 21.03 11.22
CA THR E 66 -16.32 21.94 10.28
C THR E 66 -15.55 21.17 9.21
N GLU E 67 -14.77 20.18 9.65
CA GLU E 67 -13.99 19.35 8.73
C GLU E 67 -14.88 18.53 7.81
N LEU E 68 -15.96 17.98 8.36
CA LEU E 68 -16.89 17.17 7.57
C LEU E 68 -17.59 18.01 6.51
N GLN E 69 -17.79 19.29 6.80
CA GLN E 69 -18.43 20.21 5.87
C GLN E 69 -17.57 20.45 4.62
N LEU E 70 -16.26 20.40 4.78
CA LEU E 70 -15.34 20.54 3.64
C LEU E 70 -15.39 19.32 2.73
N LEU E 71 -15.46 18.14 3.35
CA LEU E 71 -15.51 16.88 2.61
C LEU E 71 -16.83 16.71 1.86
N MET E 72 -17.87 17.37 2.34
CA MET E 72 -19.15 17.35 1.64
C MET E 72 -19.02 18.11 0.32
N GLN E 73 -18.21 19.16 0.33
CA GLN E 73 -18.03 20.00 -0.86
C GLN E 73 -17.06 19.38 -1.86
N SER E 74 -16.27 18.41 -1.41
CA SER E 74 -15.28 17.80 -2.29
C SER E 74 -15.86 16.63 -3.09
N THR E 75 -15.12 16.21 -4.11
CA THR E 75 -15.50 15.06 -4.91
C THR E 75 -14.65 13.86 -4.52
N PRO E 76 -15.29 12.72 -4.25
CA PRO E 76 -14.60 11.57 -3.69
C PRO E 76 -13.69 10.85 -4.68
N ALA E 77 -12.52 10.43 -4.19
CA ALA E 77 -11.58 9.58 -4.92
C ALA E 77 -11.05 10.15 -6.24
N THR E 78 -11.21 9.34 -7.29
CA THR E 78 -10.83 9.67 -8.66
C THR E 78 -9.33 9.45 -8.83
N ASN E 79 -8.89 8.24 -8.50
CA ASN E 79 -7.49 7.88 -8.63
C ASN E 79 -7.45 6.65 -9.51
N ASN E 80 -7.79 6.86 -10.78
CA ASN E 80 -8.00 5.77 -11.71
C ASN E 80 -6.85 5.62 -12.70
N ARG E 81 -6.62 4.38 -13.14
CA ARG E 81 -5.68 4.11 -14.21
C ARG E 81 -6.16 4.77 -15.50
N ALA E 82 -5.33 4.71 -16.54
CA ALA E 82 -5.69 5.26 -17.83
C ALA E 82 -5.67 4.17 -18.88
N PHE F 1 1.36 -11.13 -13.33
CA PHE F 1 2.35 -10.75 -14.32
C PHE F 1 1.65 -10.00 -15.45
N LEU F 2 0.42 -10.41 -15.73
CA LEU F 2 -0.36 -9.85 -16.82
C LEU F 2 -1.35 -8.79 -16.32
N GLY F 3 -0.99 -8.11 -15.23
CA GLY F 3 -1.87 -7.11 -14.63
C GLY F 3 -2.17 -5.88 -15.45
N PHE F 4 -1.30 -5.54 -16.39
CA PHE F 4 -1.50 -4.34 -17.21
C PHE F 4 -2.58 -4.57 -18.27
N LEU F 5 -3.05 -5.81 -18.38
CA LEU F 5 -4.08 -6.16 -19.35
C LEU F 5 -5.48 -5.88 -18.82
N LEU F 6 -5.58 -5.61 -17.52
CA LEU F 6 -6.88 -5.38 -16.90
C LEU F 6 -7.50 -4.08 -17.41
N GLY F 7 -8.83 -4.03 -17.42
CA GLY F 7 -9.54 -2.82 -17.80
C GLY F 7 -9.55 -1.83 -16.65
N VAL F 8 -10.17 -0.68 -16.87
CA VAL F 8 -10.19 0.35 -15.84
C VAL F 8 -11.61 0.76 -15.49
N GLY F 9 -11.96 0.58 -14.22
CA GLY F 9 -13.27 0.98 -13.70
C GLY F 9 -13.14 1.75 -12.41
N SER F 10 -14.26 2.31 -11.94
CA SER F 10 -14.31 2.97 -10.64
C SER F 10 -15.12 2.15 -9.65
N ALA F 11 -14.45 1.67 -8.61
CA ALA F 11 -15.03 0.74 -7.65
C ALA F 11 -16.23 1.34 -6.89
N ILE F 12 -16.22 2.65 -6.71
CA ILE F 12 -17.23 3.31 -5.90
C ILE F 12 -18.25 4.12 -6.69
N ALA F 13 -18.40 3.81 -7.97
CA ALA F 13 -19.34 4.53 -8.82
C ALA F 13 -20.78 4.44 -8.33
N SER F 14 -21.13 3.33 -7.68
CA SER F 14 -22.48 3.13 -7.18
C SER F 14 -22.75 4.00 -5.95
N GLY F 15 -21.80 4.04 -5.03
CA GLY F 15 -21.92 4.83 -3.83
C GLY F 15 -21.94 6.32 -4.13
N VAL F 16 -21.13 6.73 -5.11
CA VAL F 16 -21.05 8.12 -5.52
C VAL F 16 -22.40 8.59 -6.10
N ALA F 17 -23.06 7.70 -6.84
CA ALA F 17 -24.37 8.00 -7.41
C ALA F 17 -25.41 8.31 -6.33
N VAL F 18 -25.39 7.51 -5.27
CA VAL F 18 -26.31 7.71 -4.15
C VAL F 18 -25.93 8.97 -3.38
N SER F 19 -24.63 9.21 -3.24
CA SER F 19 -24.13 10.39 -2.53
C SER F 19 -24.57 11.70 -3.18
N LYS F 20 -24.54 11.73 -4.51
CA LYS F 20 -24.91 12.94 -5.24
C LYS F 20 -26.41 13.23 -5.12
N VAL F 21 -27.20 12.17 -4.99
CA VAL F 21 -28.63 12.30 -4.81
C VAL F 21 -28.93 12.90 -3.43
N LEU F 22 -28.08 12.59 -2.46
CA LEU F 22 -28.26 13.11 -1.10
C LEU F 22 -27.98 14.61 -1.07
N HIS F 23 -27.27 15.10 -2.07
CA HIS F 23 -26.99 16.54 -2.19
C HIS F 23 -28.20 17.27 -2.77
N LEU F 24 -29.17 16.51 -3.28
CA LEU F 24 -30.38 17.11 -3.89
C LEU F 24 -31.30 17.75 -2.87
N GLU F 25 -31.94 18.82 -3.33
CA GLU F 25 -32.84 19.61 -2.51
C GLU F 25 -33.96 18.73 -2.02
N GLY F 26 -34.20 18.73 -0.71
CA GLY F 26 -35.32 17.99 -0.15
C GLY F 26 -35.05 16.54 0.18
N GLU F 27 -33.91 16.03 -0.27
CA GLU F 27 -33.59 14.61 -0.10
C GLU F 27 -33.34 14.19 1.35
N VAL F 28 -32.77 15.09 2.15
CA VAL F 28 -32.47 14.77 3.54
C VAL F 28 -33.75 14.58 4.35
N ASN F 29 -34.79 15.34 4.02
CA ASN F 29 -36.05 15.28 4.74
C ASN F 29 -36.74 13.92 4.64
N LYS F 30 -36.61 13.27 3.48
CA LYS F 30 -37.21 11.97 3.28
C LYS F 30 -36.58 10.95 4.21
N ILE F 31 -35.25 11.01 4.32
CA ILE F 31 -34.52 10.13 5.24
C ILE F 31 -34.82 10.50 6.69
N LYS F 32 -34.82 11.80 6.98
CA LYS F 32 -35.06 12.29 8.33
C LYS F 32 -36.46 11.92 8.82
N SER F 33 -37.44 11.98 7.92
CA SER F 33 -38.81 11.66 8.26
C SER F 33 -39.00 10.16 8.49
N ALA F 34 -38.27 9.35 7.74
CA ALA F 34 -38.40 7.89 7.83
C ALA F 34 -37.66 7.33 9.04
N LEU F 35 -36.82 8.15 9.67
CA LEU F 35 -36.03 7.70 10.80
C LEU F 35 -36.44 8.40 12.10
N LEU F 36 -37.56 9.13 12.03
CA LEU F 36 -38.07 9.84 13.20
C LEU F 36 -38.70 8.86 14.19
N SER F 37 -39.18 7.73 13.68
CA SER F 37 -39.85 6.74 14.50
C SER F 37 -38.95 5.56 14.83
N THR F 38 -38.14 5.14 13.86
CA THR F 38 -37.25 4.00 14.03
C THR F 38 -35.82 4.36 13.66
N ASN F 39 -34.90 3.42 13.82
CA ASN F 39 -33.49 3.66 13.54
C ASN F 39 -33.07 2.99 12.24
N LYS F 40 -33.96 2.19 11.69
CA LYS F 40 -33.66 1.42 10.48
C LYS F 40 -34.85 1.41 9.52
N ALA F 41 -34.72 2.09 8.38
CA ALA F 41 -35.81 2.19 7.42
C ALA F 41 -35.31 2.07 5.98
N VAL F 42 -36.23 1.77 5.08
CA VAL F 42 -35.90 1.65 3.65
C VAL F 42 -36.51 2.80 2.86
N VAL F 43 -35.68 3.76 2.49
CA VAL F 43 -36.15 4.93 1.76
C VAL F 43 -35.88 4.80 0.26
N SER F 44 -36.84 5.24 -0.55
CA SER F 44 -36.65 5.31 -1.98
C SER F 44 -36.19 6.72 -2.33
N LEU F 45 -35.08 6.82 -3.05
CA LEU F 45 -34.52 8.13 -3.37
C LEU F 45 -35.06 8.67 -4.70
N SER F 46 -34.77 9.94 -4.97
CA SER F 46 -35.38 10.65 -6.10
C SER F 46 -34.96 10.08 -7.46
N ASN F 47 -33.87 9.31 -7.47
CA ASN F 47 -33.40 8.70 -8.71
C ASN F 47 -33.86 7.26 -8.85
N GLY F 48 -34.85 6.88 -8.05
CA GLY F 48 -35.47 5.57 -8.15
C GLY F 48 -34.61 4.41 -7.66
N VAL F 49 -33.82 4.67 -6.62
CA VAL F 49 -33.04 3.60 -6.01
C VAL F 49 -33.54 3.39 -4.58
N SER F 50 -33.62 2.13 -4.17
CA SER F 50 -34.13 1.83 -2.84
C SER F 50 -32.94 1.49 -1.95
N VAL F 51 -32.74 2.31 -0.93
CA VAL F 51 -31.60 2.13 -0.05
C VAL F 51 -32.03 1.94 1.40
N LEU F 52 -31.36 1.01 2.08
CA LEU F 52 -31.55 0.80 3.50
C LEU F 52 -30.89 1.96 4.23
N THR F 53 -31.63 2.59 5.15
CA THR F 53 -31.09 3.72 5.91
C THR F 53 -30.98 3.33 7.37
N PHE F 54 -29.94 3.83 8.02
CA PHE F 54 -29.58 3.36 9.35
C PHE F 54 -29.14 4.54 10.19
N LYS F 55 -29.80 4.79 11.31
CA LYS F 55 -29.32 5.82 12.21
C LYS F 55 -28.58 5.15 13.35
N VAL F 56 -27.27 5.36 13.41
CA VAL F 56 -26.41 4.63 14.32
C VAL F 56 -26.05 5.44 15.56
N LEU F 57 -26.26 6.75 15.49
CA LEU F 57 -25.93 7.63 16.62
C LEU F 57 -26.78 8.89 16.63
N ASP F 58 -27.32 9.21 17.80
CA ASP F 58 -28.15 10.40 17.97
C ASP F 58 -27.50 11.37 18.95
N LEU F 59 -26.55 12.17 18.46
CA LEU F 59 -25.89 13.16 19.29
C LEU F 59 -26.78 14.36 19.57
N LYS F 60 -27.70 14.63 18.65
CA LYS F 60 -28.59 15.78 18.79
C LYS F 60 -29.44 15.72 20.05
N ASN F 61 -30.10 14.58 20.26
CA ASN F 61 -30.96 14.37 21.41
C ASN F 61 -30.20 14.54 22.73
N TYR F 62 -28.97 14.04 22.76
CA TYR F 62 -28.15 14.12 23.96
C TYR F 62 -27.71 15.56 24.22
N ILE F 63 -27.14 16.19 23.20
CA ILE F 63 -26.64 17.56 23.31
C ILE F 63 -27.76 18.54 23.65
N ASP F 64 -28.86 18.47 22.91
CA ASP F 64 -29.98 19.38 23.10
C ASP F 64 -30.60 19.27 24.48
N LYS F 65 -30.57 18.07 25.05
CA LYS F 65 -31.21 17.82 26.34
C LYS F 65 -30.27 17.90 27.55
N GLN F 66 -29.17 17.16 27.51
CA GLN F 66 -28.30 17.06 28.67
C GLN F 66 -27.14 18.06 28.66
N LEU F 67 -27.17 19.00 27.73
CA LEU F 67 -26.07 19.96 27.59
C LEU F 67 -26.55 21.36 27.19
N LEU F 68 -27.43 21.42 26.20
CA LEU F 68 -27.87 22.70 25.67
C LEU F 68 -28.63 23.60 26.65
N PRO F 69 -29.53 23.04 27.48
CA PRO F 69 -30.18 23.98 28.41
C PRO F 69 -29.22 24.49 29.47
N ILE F 70 -28.23 23.68 29.83
CA ILE F 70 -27.24 24.10 30.82
C ILE F 70 -26.25 25.13 30.29
N LEU F 71 -26.03 25.16 28.98
CA LEU F 71 -25.08 26.14 28.44
C LEU F 71 -25.78 27.35 27.84
N ASN F 72 -27.10 27.29 27.72
CA ASN F 72 -27.88 28.46 27.35
C ASN F 72 -28.15 29.35 28.55
N LYS F 73 -27.05 29.86 29.11
CA LYS F 73 -27.02 30.64 30.34
C LYS F 73 -25.95 31.70 30.05
N GLN F 74 -25.70 32.75 30.83
CA GLN F 74 -25.94 33.02 32.26
C GLN F 74 -24.94 32.16 33.06
N SER F 75 -25.27 31.81 34.30
CA SER F 75 -24.34 31.03 35.11
C SER F 75 -24.53 29.52 34.98
N CYS F 76 -23.61 28.87 34.28
CA CYS F 76 -23.67 27.41 34.11
C CYS F 76 -22.68 26.66 34.98
N SER F 77 -23.13 25.55 35.55
CA SER F 77 -22.27 24.67 36.32
C SER F 77 -22.72 23.26 35.95
N ILE F 78 -21.78 22.34 35.79
CA ILE F 78 -22.13 21.00 35.35
C ILE F 78 -22.46 20.07 36.50
N SER F 79 -23.54 19.33 36.28
CA SER F 79 -24.14 18.44 37.26
C SER F 79 -23.40 17.12 37.27
N ASN F 80 -22.29 17.07 38.01
CA ASN F 80 -21.51 15.85 38.19
C ASN F 80 -20.66 15.37 37.00
N ILE F 81 -19.62 14.59 37.30
CA ILE F 81 -18.66 14.12 36.30
C ILE F 81 -19.16 13.08 35.27
N GLU F 82 -20.17 12.29 35.61
CA GLU F 82 -20.68 11.30 34.66
C GLU F 82 -21.28 11.92 33.39
N THR F 83 -21.74 13.16 33.48
CA THR F 83 -22.29 13.86 32.33
C THR F 83 -21.18 14.16 31.32
N VAL F 84 -20.02 14.54 31.83
CA VAL F 84 -18.87 14.84 30.98
C VAL F 84 -18.26 13.58 30.37
N ILE F 85 -18.22 12.50 31.16
CA ILE F 85 -17.65 11.25 30.68
C ILE F 85 -18.53 10.61 29.61
N GLU F 86 -19.84 10.59 29.84
CA GLU F 86 -20.78 10.00 28.89
C GLU F 86 -20.78 10.76 27.57
N PHE F 87 -20.61 12.08 27.63
CA PHE F 87 -20.55 12.89 26.42
C PHE F 87 -19.31 12.53 25.62
N GLN F 88 -18.19 12.33 26.31
CA GLN F 88 -16.95 11.94 25.65
C GLN F 88 -17.12 10.57 24.97
N GLN F 89 -17.94 9.72 25.57
CA GLN F 89 -18.23 8.40 25.01
C GLN F 89 -19.06 8.54 23.73
N LYS F 90 -20.11 9.34 23.80
CA LYS F 90 -21.00 9.56 22.66
C LYS F 90 -20.27 10.27 21.51
N ASN F 91 -19.51 11.30 21.87
CA ASN F 91 -18.84 12.15 20.88
C ASN F 91 -17.67 11.47 20.18
N ASN F 92 -17.10 10.45 20.82
CA ASN F 92 -15.89 9.81 20.32
C ASN F 92 -16.04 9.19 18.92
N ARG F 93 -17.17 8.54 18.68
CA ARG F 93 -17.39 7.88 17.40
C ARG F 93 -17.41 8.88 16.24
N LEU F 94 -18.01 10.04 16.48
CA LEU F 94 -18.05 11.10 15.48
C LEU F 94 -16.64 11.61 15.15
N LEU F 95 -15.83 11.79 16.18
CA LEU F 95 -14.47 12.29 16.01
C LEU F 95 -13.60 11.30 15.23
N GLU F 96 -13.82 10.02 15.48
CA GLU F 96 -13.03 8.99 14.83
C GLU F 96 -13.42 8.81 13.36
N ILE F 97 -14.70 8.94 13.07
CA ILE F 97 -15.20 8.86 11.70
C ILE F 97 -14.66 10.03 10.88
N THR F 98 -14.71 11.22 11.45
CA THR F 98 -14.20 12.42 10.82
C THR F 98 -12.70 12.28 10.57
N ARG F 99 -12.04 11.63 11.53
CA ARG F 99 -10.58 11.45 11.48
C ARG F 99 -10.15 10.54 10.33
N GLU F 100 -10.90 9.45 10.12
CA GLU F 100 -10.58 8.52 9.04
C GLU F 100 -10.86 9.15 7.68
N PHE F 101 -11.98 9.87 7.59
CA PHE F 101 -12.38 10.54 6.36
C PHE F 101 -11.39 11.63 5.96
N SER F 102 -10.81 12.31 6.95
CA SER F 102 -9.94 13.46 6.68
C SER F 102 -8.57 13.09 6.12
N VAL F 103 -8.15 11.84 6.33
CA VAL F 103 -6.87 11.37 5.81
C VAL F 103 -7.05 10.44 4.61
N ASN F 104 -8.30 10.17 4.26
CA ASN F 104 -8.61 9.32 3.12
C ASN F 104 -9.45 10.05 2.08
N ALA F 105 -9.48 11.38 2.17
CA ALA F 105 -10.22 12.22 1.24
C ALA F 105 -11.69 11.83 1.09
N GLY F 106 -12.30 11.39 2.18
CA GLY F 106 -13.72 11.10 2.20
C GLY F 106 -14.11 9.71 1.71
N VAL F 107 -13.12 8.89 1.38
CA VAL F 107 -13.39 7.51 0.97
C VAL F 107 -12.46 6.53 1.67
N THR F 108 -13.03 5.62 2.44
CA THR F 108 -12.23 4.65 3.18
C THR F 108 -12.52 3.21 2.78
N THR F 109 -11.46 2.40 2.78
CA THR F 109 -11.57 0.96 2.63
C THR F 109 -10.34 0.32 3.26
N PRO F 110 -10.52 -0.74 4.05
CA PRO F 110 -11.80 -1.36 4.46
C PRO F 110 -12.65 -0.47 5.37
N VAL F 111 -13.91 -0.85 5.54
CA VAL F 111 -14.83 -0.12 6.41
C VAL F 111 -14.58 -0.46 7.86
N SER F 112 -14.20 0.54 8.65
CA SER F 112 -13.85 0.32 10.06
C SER F 112 -15.08 0.06 10.91
N THR F 113 -14.85 -0.34 12.16
CA THR F 113 -15.93 -0.58 13.11
C THR F 113 -16.52 0.74 13.61
N TYR F 114 -15.78 1.83 13.44
CA TYR F 114 -16.29 3.16 13.74
C TYR F 114 -17.35 3.58 12.72
N MET F 115 -17.09 3.29 11.45
CA MET F 115 -18.04 3.58 10.38
C MET F 115 -19.28 2.71 10.56
N LEU F 116 -19.03 1.46 10.94
CA LEU F 116 -20.10 0.48 11.08
C LEU F 116 -19.63 -0.65 11.99
N THR F 117 -20.22 -0.76 13.17
CA THR F 117 -19.82 -1.76 14.15
C THR F 117 -20.17 -3.17 13.68
N ASN F 118 -19.55 -4.16 14.32
CA ASN F 118 -19.79 -5.56 13.98
C ASN F 118 -21.26 -5.93 14.15
N SER F 119 -21.91 -5.34 15.14
CA SER F 119 -23.34 -5.57 15.36
C SER F 119 -24.19 -4.94 14.27
N GLU F 120 -23.85 -3.71 13.91
CA GLU F 120 -24.59 -2.97 12.88
C GLU F 120 -24.45 -3.61 11.51
N LEU F 121 -23.26 -4.10 11.20
CA LEU F 121 -23.00 -4.73 9.92
C LEU F 121 -23.85 -5.99 9.76
N LEU F 122 -23.92 -6.79 10.82
CA LEU F 122 -24.73 -7.99 10.81
C LEU F 122 -26.22 -7.68 10.66
N SER F 123 -26.64 -6.54 11.19
CA SER F 123 -28.02 -6.10 11.06
C SER F 123 -28.36 -5.73 9.62
N LEU F 124 -27.45 -5.02 8.97
CA LEU F 124 -27.62 -4.65 7.56
C LEU F 124 -27.80 -5.89 6.69
N ILE F 125 -26.88 -6.83 6.83
CA ILE F 125 -26.90 -8.06 6.04
C ILE F 125 -28.24 -8.79 6.15
N ASN F 126 -28.84 -8.73 7.34
CA ASN F 126 -30.11 -9.41 7.59
C ASN F 126 -31.31 -8.77 6.86
N ASP F 127 -31.18 -7.50 6.49
CA ASP F 127 -32.30 -6.78 5.89
C ASP F 127 -32.13 -6.53 4.39
N MET F 128 -31.08 -7.10 3.82
CA MET F 128 -30.79 -6.95 2.39
C MET F 128 -31.64 -7.84 1.50
N PRO F 129 -32.05 -7.33 0.33
CA PRO F 129 -32.79 -8.17 -0.62
C PRO F 129 -31.90 -9.24 -1.23
N ILE F 130 -31.50 -10.20 -0.41
CA ILE F 130 -30.63 -11.29 -0.87
C ILE F 130 -31.10 -12.64 -0.37
N THR F 131 -30.56 -13.70 -0.97
CA THR F 131 -30.89 -15.08 -0.62
C THR F 131 -30.47 -15.37 0.82
N ASN F 132 -31.17 -16.27 1.50
CA ASN F 132 -30.80 -16.65 2.86
C ASN F 132 -29.43 -17.31 2.89
N ASP F 133 -29.03 -17.87 1.76
CA ASP F 133 -27.71 -18.49 1.65
C ASP F 133 -26.66 -17.40 1.45
N GLN F 134 -27.09 -16.27 0.89
CA GLN F 134 -26.22 -15.11 0.73
C GLN F 134 -26.03 -14.37 2.05
N LYS F 135 -27.06 -14.41 2.89
CA LYS F 135 -26.99 -13.78 4.21
C LYS F 135 -26.02 -14.54 5.08
N LYS F 136 -26.09 -15.86 5.03
CA LYS F 136 -25.23 -16.73 5.82
C LYS F 136 -23.77 -16.62 5.35
N LEU F 137 -23.58 -16.44 4.05
CA LEU F 137 -22.25 -16.30 3.49
C LEU F 137 -21.57 -15.03 3.99
N MET F 138 -22.27 -13.91 3.88
CA MET F 138 -21.73 -12.62 4.30
C MET F 138 -21.54 -12.55 5.82
N SER F 139 -22.44 -13.19 6.55
CA SER F 139 -22.38 -13.18 8.01
C SER F 139 -21.22 -14.01 8.55
N ASN F 140 -20.92 -15.11 7.87
CA ASN F 140 -19.81 -15.97 8.29
C ASN F 140 -18.47 -15.45 7.80
N ASN F 141 -18.52 -14.43 6.95
CA ASN F 141 -17.31 -13.82 6.41
C ASN F 141 -17.36 -12.30 6.46
N VAL F 142 -17.82 -11.75 7.58
CA VAL F 142 -17.95 -10.29 7.72
C VAL F 142 -16.62 -9.57 7.59
N GLN F 143 -15.54 -10.24 8.00
CA GLN F 143 -14.20 -9.65 7.90
C GLN F 143 -13.78 -9.49 6.45
N ILE F 144 -14.26 -10.38 5.59
CA ILE F 144 -13.99 -10.30 4.16
C ILE F 144 -14.89 -9.22 3.54
N VAL F 145 -16.15 -9.23 3.95
CA VAL F 145 -17.10 -8.21 3.51
C VAL F 145 -16.56 -6.81 3.81
N ARG F 146 -15.99 -6.65 5.00
CA ARG F 146 -15.42 -5.37 5.41
C ARG F 146 -14.28 -4.92 4.52
N GLN F 147 -13.36 -5.84 4.22
CA GLN F 147 -12.20 -5.52 3.41
C GLN F 147 -12.57 -5.16 1.97
N GLN F 148 -13.70 -5.68 1.51
CA GLN F 148 -14.13 -5.43 0.15
C GLN F 148 -15.20 -4.35 0.07
N SER F 149 -15.39 -3.62 1.17
CA SER F 149 -16.41 -2.58 1.23
C SER F 149 -15.81 -1.18 1.25
N TYR F 150 -16.62 -0.19 0.87
CA TYR F 150 -16.20 1.20 0.88
C TYR F 150 -17.13 2.06 1.75
N SER F 151 -16.57 3.09 2.36
CA SER F 151 -17.36 4.08 3.07
C SER F 151 -17.11 5.44 2.44
N ILE F 152 -18.17 6.06 1.94
CA ILE F 152 -18.05 7.30 1.19
C ILE F 152 -18.79 8.45 1.90
N MET F 153 -18.02 9.44 2.33
CA MET F 153 -18.60 10.63 2.95
C MET F 153 -19.51 11.34 1.96
N SER F 154 -20.72 11.67 2.39
CA SER F 154 -21.69 12.28 1.50
C SER F 154 -22.06 13.69 1.91
N ILE F 155 -22.94 13.81 2.90
CA ILE F 155 -23.43 15.13 3.32
C ILE F 155 -23.45 15.34 4.82
N ILE F 156 -23.28 16.59 5.21
CA ILE F 156 -23.59 17.02 6.57
C ILE F 156 -24.47 18.27 6.45
N LYS F 157 -25.78 18.04 6.40
CA LYS F 157 -26.75 19.11 6.16
C LYS F 157 -28.00 18.95 7.00
N GLU F 158 -28.52 20.07 7.49
CA GLU F 158 -29.73 20.12 8.32
C GLU F 158 -29.74 19.09 9.45
N GLU F 159 -28.81 19.27 10.38
CA GLU F 159 -28.59 18.39 11.53
C GLU F 159 -28.56 16.90 11.19
N VAL F 160 -27.92 16.55 10.09
CA VAL F 160 -27.75 15.15 9.69
C VAL F 160 -26.37 14.90 9.11
N LEU F 161 -25.64 13.94 9.67
CA LEU F 161 -24.42 13.46 9.03
C LEU F 161 -24.75 12.18 8.27
N ALA F 162 -24.53 12.19 6.96
CA ALA F 162 -24.82 10.99 6.17
C ALA F 162 -23.63 10.57 5.31
N TYR F 163 -23.29 9.29 5.40
CA TYR F 163 -22.26 8.71 4.53
C TYR F 163 -22.74 7.39 3.97
N VAL F 164 -22.27 7.07 2.76
CA VAL F 164 -22.69 5.86 2.07
C VAL F 164 -21.75 4.69 2.34
N VAL F 165 -22.31 3.56 2.76
CA VAL F 165 -21.54 2.34 2.89
C VAL F 165 -21.86 1.39 1.74
N GLN F 166 -20.84 1.05 0.96
CA GLN F 166 -20.99 0.24 -0.23
C GLN F 166 -20.53 -1.20 0.03
N LEU F 167 -21.48 -2.13 0.17
CA LEU F 167 -21.13 -3.51 0.46
C LEU F 167 -21.14 -4.37 -0.81
N PRO F 168 -20.27 -5.41 -0.84
CA PRO F 168 -20.18 -6.29 -2.00
C PRO F 168 -21.34 -7.30 -2.07
N LEU F 169 -21.78 -7.59 -3.29
CA LEU F 169 -22.74 -8.66 -3.50
C LEU F 169 -22.11 -9.74 -4.36
N TYR F 170 -22.18 -10.98 -3.91
CA TYR F 170 -21.51 -12.09 -4.59
C TYR F 170 -22.46 -12.88 -5.46
N GLY F 171 -22.51 -12.54 -6.74
CA GLY F 171 -23.42 -13.16 -7.69
C GLY F 171 -22.93 -14.49 -8.25
N VAL F 172 -21.67 -14.81 -7.96
CA VAL F 172 -21.11 -16.09 -8.38
C VAL F 172 -20.64 -16.85 -7.15
N ILE F 173 -21.33 -17.94 -6.84
CA ILE F 173 -21.06 -18.69 -5.62
C ILE F 173 -20.98 -20.19 -5.89
N ASP F 174 -20.01 -20.85 -5.26
CA ASP F 174 -19.87 -22.30 -5.30
C ASP F 174 -19.57 -22.87 -6.68
N THR F 175 -18.96 -22.07 -7.54
CA THR F 175 -18.43 -22.58 -8.79
C THR F 175 -16.97 -22.97 -8.53
N PRO F 176 -16.48 -24.00 -9.23
CA PRO F 176 -15.11 -24.47 -8.98
C PRO F 176 -14.05 -23.41 -9.30
N CYS F 177 -13.10 -23.24 -8.40
CA CYS F 177 -11.96 -22.35 -8.62
C CYS F 177 -10.68 -23.15 -8.54
N TRP F 178 -9.65 -22.69 -9.24
CA TRP F 178 -8.34 -23.32 -9.14
C TRP F 178 -7.22 -22.29 -9.27
N LYS F 179 -6.11 -22.55 -8.59
CA LYS F 179 -4.98 -21.64 -8.60
C LYS F 179 -3.80 -22.24 -9.35
N LEU F 180 -3.29 -21.50 -10.33
CA LEU F 180 -2.15 -21.95 -11.12
C LEU F 180 -0.86 -21.31 -10.61
N HIS F 181 0.10 -22.15 -10.23
CA HIS F 181 1.42 -21.69 -9.81
C HIS F 181 2.42 -22.00 -10.92
N THR F 182 3.26 -21.04 -11.27
CA THR F 182 4.27 -21.26 -12.31
C THR F 182 5.67 -20.84 -11.86
N SER F 183 6.67 -21.46 -12.46
CA SER F 183 8.06 -21.18 -12.11
C SER F 183 8.94 -21.39 -13.35
N PRO F 184 10.10 -20.71 -13.42
CA PRO F 184 10.95 -20.81 -14.61
C PRO F 184 11.46 -22.22 -14.92
N LEU F 185 11.37 -22.60 -16.19
CA LEU F 185 11.87 -23.88 -16.67
C LEU F 185 13.04 -23.69 -17.62
N CYS F 186 14.24 -24.07 -17.17
CA CYS F 186 15.44 -23.84 -17.97
C CYS F 186 16.17 -25.15 -18.26
N THR F 187 16.97 -25.16 -19.33
CA THR F 187 17.86 -26.28 -19.60
C THR F 187 18.97 -26.31 -18.55
N THR F 188 19.57 -27.47 -18.34
CA THR F 188 20.51 -27.67 -17.24
C THR F 188 21.94 -27.93 -17.66
N ASN F 189 22.33 -27.48 -18.85
CA ASN F 189 23.70 -27.64 -19.33
C ASN F 189 24.74 -26.86 -18.51
N THR F 190 25.95 -27.41 -18.44
CA THR F 190 26.97 -26.95 -17.50
C THR F 190 27.56 -25.59 -17.83
N LYS F 191 27.62 -25.23 -19.11
CA LYS F 191 28.18 -23.92 -19.46
C LYS F 191 27.23 -22.88 -18.89
N GLU F 192 27.80 -21.80 -18.36
CA GLU F 192 27.03 -20.82 -17.59
C GLU F 192 25.93 -20.05 -18.33
N GLY F 193 26.25 -19.53 -19.51
CA GLY F 193 25.30 -18.76 -20.30
C GLY F 193 24.70 -19.52 -21.46
N SER F 194 24.78 -20.85 -21.39
CA SER F 194 24.35 -21.70 -22.49
C SER F 194 22.92 -22.19 -22.34
N ASN F 195 22.21 -21.68 -21.36
CA ASN F 195 20.89 -22.20 -21.06
C ASN F 195 19.80 -21.25 -21.55
N ILE F 196 18.70 -21.85 -22.00
CA ILE F 196 17.51 -21.11 -22.38
C ILE F 196 16.40 -21.38 -21.37
N CYS F 197 15.52 -20.40 -21.18
CA CYS F 197 14.48 -20.53 -20.18
C CYS F 197 13.09 -20.22 -20.73
N LEU F 198 12.08 -20.72 -20.02
CA LEU F 198 10.69 -20.57 -20.43
C LEU F 198 9.85 -20.53 -19.16
N THR F 199 8.88 -19.62 -19.12
CA THR F 199 8.02 -19.52 -17.95
C THR F 199 6.58 -19.23 -18.36
N ARG F 200 5.65 -20.03 -17.85
CA ARG F 200 4.24 -19.76 -18.05
C ARG F 200 3.85 -18.49 -17.29
N THR F 201 3.21 -17.56 -17.98
CA THR F 201 2.90 -16.26 -17.42
C THR F 201 1.46 -16.13 -16.95
N ASP F 202 0.70 -17.21 -17.11
CA ASP F 202 -0.73 -17.19 -16.82
C ASP F 202 -1.05 -17.63 -15.39
N ARG F 203 -0.11 -17.43 -14.47
CA ARG F 203 -0.31 -17.76 -13.06
C ARG F 203 -1.38 -16.88 -12.44
N GLY F 204 -2.10 -17.44 -11.47
CA GLY F 204 -3.15 -16.69 -10.78
C GLY F 204 -4.37 -17.55 -10.48
N TRP F 205 -5.42 -16.90 -10.00
CA TRP F 205 -6.68 -17.60 -9.71
C TRP F 205 -7.57 -17.72 -10.94
N TYR F 206 -8.21 -18.88 -11.08
CA TYR F 206 -9.18 -19.11 -12.14
C TYR F 206 -10.47 -19.59 -11.51
N CYS F 207 -11.59 -19.02 -11.94
CA CYS F 207 -12.89 -19.47 -11.46
C CYS F 207 -13.87 -19.58 -12.62
N ASP F 208 -14.61 -20.69 -12.65
CA ASP F 208 -15.70 -20.85 -13.62
C ASP F 208 -16.75 -19.78 -13.39
N ASN F 209 -17.20 -19.15 -14.47
CA ASN F 209 -18.11 -18.03 -14.36
C ASN F 209 -18.89 -17.79 -15.65
N ALA F 210 -20.18 -18.12 -15.62
CA ALA F 210 -21.11 -17.80 -16.69
C ALA F 210 -20.69 -18.36 -18.06
N GLY F 211 -20.25 -19.61 -18.08
CA GLY F 211 -19.88 -20.26 -19.32
C GLY F 211 -18.45 -19.99 -19.75
N SER F 212 -17.81 -19.03 -19.07
CA SER F 212 -16.41 -18.71 -19.33
C SER F 212 -15.59 -18.90 -18.08
N VAL F 213 -14.36 -18.38 -18.09
CA VAL F 213 -13.49 -18.46 -16.93
C VAL F 213 -12.98 -17.07 -16.53
N SER F 214 -13.19 -16.72 -15.27
CA SER F 214 -12.66 -15.47 -14.74
C SER F 214 -11.23 -15.69 -14.27
N PHE F 215 -10.31 -14.92 -14.85
CA PHE F 215 -8.89 -15.06 -14.55
C PHE F 215 -8.37 -13.84 -13.81
N PHE F 216 -7.77 -14.06 -12.64
CA PHE F 216 -7.25 -12.99 -11.82
C PHE F 216 -5.71 -13.00 -11.82
N PRO F 217 -5.10 -12.19 -12.69
CA PRO F 217 -3.64 -12.17 -12.92
C PRO F 217 -2.86 -11.77 -11.67
N GLN F 218 -3.45 -10.92 -10.86
CA GLN F 218 -2.85 -10.53 -9.59
C GLN F 218 -3.52 -11.36 -8.51
N ALA F 219 -3.06 -12.59 -8.31
CA ALA F 219 -3.69 -13.54 -7.40
C ALA F 219 -3.79 -12.99 -5.97
N GLU F 220 -3.00 -11.96 -5.70
CA GLU F 220 -2.98 -11.26 -4.43
C GLU F 220 -4.28 -10.51 -4.15
N THR F 221 -5.05 -10.20 -5.21
CA THR F 221 -6.30 -9.49 -5.07
C THR F 221 -7.43 -10.36 -4.51
N CYS F 222 -7.26 -11.68 -4.60
CA CYS F 222 -8.26 -12.61 -4.09
C CYS F 222 -8.04 -12.91 -2.62
N LYS F 223 -9.13 -13.12 -1.89
CA LYS F 223 -9.06 -13.45 -0.47
C LYS F 223 -9.57 -14.86 -0.24
N VAL F 224 -8.77 -15.69 0.43
CA VAL F 224 -9.12 -17.10 0.63
C VAL F 224 -9.52 -17.41 2.07
N GLN F 225 -10.75 -17.90 2.23
CA GLN F 225 -11.23 -18.37 3.52
C GLN F 225 -11.48 -19.86 3.45
N SER F 226 -10.57 -20.64 4.04
CA SER F 226 -10.59 -22.10 3.94
C SER F 226 -10.52 -22.54 2.47
N ASN F 227 -11.64 -23.03 1.95
CA ASN F 227 -11.72 -23.42 0.55
C ASN F 227 -12.58 -22.47 -0.28
N ARG F 228 -12.93 -21.33 0.30
CA ARG F 228 -13.72 -20.31 -0.38
C ARG F 228 -12.86 -19.16 -0.87
N VAL F 229 -13.03 -18.79 -2.14
CA VAL F 229 -12.20 -17.75 -2.74
C VAL F 229 -13.01 -16.49 -3.04
N PHE F 230 -12.73 -15.43 -2.30
CA PHE F 230 -13.40 -14.13 -2.51
C PHE F 230 -12.59 -13.25 -3.45
N CYS F 231 -13.16 -12.96 -4.61
CA CYS F 231 -12.50 -12.12 -5.61
C CYS F 231 -13.43 -11.04 -6.15
N ASP F 232 -12.85 -10.02 -6.77
CA ASP F 232 -13.62 -8.96 -7.39
C ASP F 232 -13.47 -9.08 -8.91
N THR F 233 -14.59 -9.22 -9.60
CA THR F 233 -14.58 -9.42 -11.05
C THR F 233 -13.99 -8.24 -11.83
N MET F 234 -13.93 -7.08 -11.19
CA MET F 234 -13.31 -5.90 -11.78
C MET F 234 -11.80 -6.11 -11.99
N ASN F 235 -11.21 -6.96 -11.17
CA ASN F 235 -9.79 -7.28 -11.27
C ASN F 235 -9.51 -8.56 -12.05
N SER F 236 -10.36 -8.87 -13.01
CA SER F 236 -10.22 -10.12 -13.75
C SER F 236 -10.29 -9.94 -15.27
N LEU F 237 -9.75 -10.92 -15.97
CA LEU F 237 -9.95 -11.05 -17.41
C LEU F 237 -10.93 -12.19 -17.66
N THR F 238 -11.73 -12.06 -18.71
CA THR F 238 -12.66 -13.12 -19.10
C THR F 238 -12.10 -13.97 -20.24
N LEU F 239 -11.85 -15.24 -19.95
CA LEU F 239 -11.20 -16.12 -20.91
C LEU F 239 -12.10 -17.31 -21.26
N PRO F 240 -11.90 -17.88 -22.47
CA PRO F 240 -12.58 -19.13 -22.84
C PRO F 240 -12.16 -20.26 -21.91
N SER F 241 -13.03 -21.24 -21.70
CA SER F 241 -12.73 -22.34 -20.80
C SER F 241 -11.59 -23.22 -21.32
N GLU F 242 -11.24 -23.05 -22.59
CA GLU F 242 -10.15 -23.80 -23.20
C GLU F 242 -8.78 -23.41 -22.64
N VAL F 243 -8.75 -22.34 -21.84
CA VAL F 243 -7.50 -21.90 -21.22
C VAL F 243 -6.95 -22.97 -20.27
N ASN F 244 -7.83 -23.83 -19.77
CA ASN F 244 -7.41 -24.91 -18.88
C ASN F 244 -6.61 -26.00 -19.60
N LEU F 245 -6.70 -26.01 -20.92
CA LEU F 245 -5.95 -26.99 -21.71
C LEU F 245 -4.45 -26.78 -21.61
N CYS F 246 -4.04 -25.57 -21.25
CA CYS F 246 -2.62 -25.24 -21.10
C CYS F 246 -1.97 -26.03 -19.97
N ASN F 247 -2.79 -26.50 -19.04
CA ASN F 247 -2.30 -27.26 -17.90
C ASN F 247 -1.99 -28.72 -18.25
N VAL F 248 -2.80 -29.30 -19.12
CA VAL F 248 -2.64 -30.70 -19.52
C VAL F 248 -1.84 -30.85 -20.81
N ASP F 249 -2.09 -29.97 -21.77
CA ASP F 249 -1.40 -30.00 -23.06
C ASP F 249 -1.09 -28.58 -23.51
N ILE F 250 0.14 -28.14 -23.26
CA ILE F 250 0.52 -26.76 -23.52
C ILE F 250 0.68 -26.49 -25.02
N PHE F 251 0.76 -27.55 -25.82
CA PHE F 251 0.90 -27.41 -27.26
C PHE F 251 -0.42 -27.64 -27.98
N ASN F 252 -1.52 -27.63 -27.23
CA ASN F 252 -2.85 -27.87 -27.81
C ASN F 252 -3.23 -26.79 -28.81
N PRO F 253 -4.00 -27.16 -29.84
CA PRO F 253 -4.36 -26.21 -30.91
C PRO F 253 -5.50 -25.28 -30.51
N LYS F 254 -6.30 -25.69 -29.53
CA LYS F 254 -7.49 -24.94 -29.16
C LYS F 254 -7.16 -23.64 -28.41
N TYR F 255 -6.08 -23.64 -27.65
CA TYR F 255 -5.71 -22.44 -26.90
C TYR F 255 -4.20 -22.15 -26.99
N ASP F 256 -3.88 -20.89 -27.22
CA ASP F 256 -2.50 -20.43 -27.35
C ASP F 256 -1.93 -20.04 -25.99
N CYS F 257 -1.28 -20.98 -25.33
CA CYS F 257 -0.79 -20.78 -23.96
C CYS F 257 0.28 -19.69 -23.90
N LYS F 258 0.15 -18.80 -22.93
CA LYS F 258 1.05 -17.66 -22.83
C LYS F 258 2.31 -17.98 -22.04
N ILE F 259 3.47 -17.64 -22.61
CA ILE F 259 4.75 -17.89 -21.97
C ILE F 259 5.71 -16.72 -22.15
N MET F 260 6.78 -16.73 -21.37
CA MET F 260 7.87 -15.78 -21.56
C MET F 260 9.19 -16.53 -21.63
N THR F 261 10.11 -16.04 -22.45
CA THR F 261 11.40 -16.68 -22.61
C THR F 261 12.55 -15.78 -22.13
N SER F 262 13.65 -16.41 -21.74
CA SER F 262 14.83 -15.68 -21.29
C SER F 262 16.05 -16.60 -21.26
N LYS F 263 17.18 -16.05 -20.85
CA LYS F 263 18.39 -16.85 -20.64
C LYS F 263 18.85 -16.74 -19.19
N THR F 264 17.97 -16.23 -18.34
CA THR F 264 18.29 -16.07 -16.92
C THR F 264 17.91 -17.31 -16.14
N ASP F 265 18.88 -18.20 -15.95
CA ASP F 265 18.65 -19.41 -15.18
C ASP F 265 18.94 -19.12 -13.71
N VAL F 266 18.08 -18.29 -13.11
CA VAL F 266 18.19 -17.94 -11.71
C VAL F 266 17.31 -18.89 -10.90
N SER F 267 17.69 -19.15 -9.66
CA SER F 267 17.01 -20.13 -8.85
C SER F 267 15.98 -19.50 -7.91
N SER F 268 14.88 -20.21 -7.68
CA SER F 268 13.83 -19.73 -6.79
C SER F 268 12.86 -20.86 -6.46
N SER F 269 11.92 -20.57 -5.56
CA SER F 269 10.89 -21.52 -5.21
C SER F 269 9.52 -20.85 -5.18
N VAL F 270 8.49 -21.61 -5.54
CA VAL F 270 7.12 -21.14 -5.42
C VAL F 270 6.33 -22.03 -4.47
N ILE F 271 5.93 -21.47 -3.34
CA ILE F 271 5.11 -22.19 -2.39
C ILE F 271 3.68 -22.28 -2.89
N THR F 272 3.20 -23.52 -3.07
CA THR F 272 1.85 -23.74 -3.56
C THR F 272 0.89 -23.98 -2.40
N SER F 273 -0.30 -24.47 -2.71
CA SER F 273 -1.31 -24.75 -1.69
C SER F 273 -0.94 -25.97 -0.87
N LEU F 274 -0.41 -27.00 -1.54
CA LEU F 274 -0.13 -28.27 -0.89
C LEU F 274 1.31 -28.74 -1.05
N GLY F 275 2.20 -27.83 -1.45
CA GLY F 275 3.59 -28.19 -1.64
C GLY F 275 4.49 -27.03 -2.03
N ALA F 276 5.47 -27.32 -2.89
CA ALA F 276 6.43 -26.31 -3.32
C ALA F 276 7.08 -26.69 -4.65
N ILE F 277 7.08 -25.74 -5.58
CA ILE F 277 7.81 -25.91 -6.83
C ILE F 277 9.21 -25.36 -6.62
N VAL F 278 10.22 -26.11 -7.04
CA VAL F 278 11.60 -25.67 -6.90
C VAL F 278 12.31 -25.59 -8.24
N SER F 279 12.70 -24.39 -8.62
CA SER F 279 13.52 -24.17 -9.82
C SER F 279 14.96 -23.98 -9.40
N CYS F 280 15.76 -25.03 -9.53
CA CYS F 280 17.15 -25.00 -9.08
C CYS F 280 18.09 -25.04 -10.29
N TYR F 281 18.89 -23.99 -10.44
CA TYR F 281 19.83 -23.91 -11.56
C TYR F 281 21.20 -23.39 -11.12
N GLY F 282 22.20 -23.61 -11.95
CA GLY F 282 23.55 -23.16 -11.66
C GLY F 282 24.18 -23.88 -10.49
N LYS F 283 24.74 -23.11 -9.56
CA LYS F 283 25.41 -23.68 -8.40
C LYS F 283 24.61 -23.50 -7.12
N THR F 284 23.31 -23.22 -7.28
CA THR F 284 22.44 -22.95 -6.14
C THR F 284 22.20 -24.20 -5.30
N LYS F 285 22.26 -24.04 -3.98
CA LYS F 285 21.92 -25.10 -3.05
C LYS F 285 20.41 -25.11 -2.80
N CYS F 286 19.75 -26.20 -3.19
CA CYS F 286 18.31 -26.32 -3.04
C CYS F 286 17.94 -27.59 -2.25
N THR F 287 17.28 -27.42 -1.12
CA THR F 287 16.93 -28.54 -0.26
C THR F 287 15.51 -28.46 0.29
N ALA F 288 15.02 -29.58 0.80
CA ALA F 288 13.75 -29.62 1.51
C ALA F 288 13.96 -30.25 2.89
N SER F 289 13.38 -29.64 3.91
CA SER F 289 13.63 -30.09 5.28
C SER F 289 12.38 -30.37 6.08
N ASN F 290 12.54 -31.20 7.10
CA ASN F 290 11.54 -31.41 8.13
C ASN F 290 11.97 -30.86 9.48
N LYS F 291 10.97 -30.50 10.27
CA LYS F 291 11.15 -29.88 11.58
C LYS F 291 12.09 -30.68 12.49
N ASN F 292 12.00 -32.01 12.45
CA ASN F 292 12.82 -32.82 13.34
C ASN F 292 14.16 -33.30 12.78
N ARG F 293 14.16 -33.83 11.57
CA ARG F 293 15.37 -34.39 10.96
C ARG F 293 16.31 -33.37 10.34
N GLY F 294 15.73 -32.31 9.75
CA GLY F 294 16.51 -31.44 8.91
C GLY F 294 16.36 -31.87 7.46
N ILE F 295 17.44 -31.72 6.68
CA ILE F 295 17.41 -31.98 5.24
C ILE F 295 17.07 -33.42 4.88
N ILE F 296 16.04 -33.60 4.06
CA ILE F 296 15.59 -34.91 3.64
C ILE F 296 15.61 -35.11 2.13
N LYS F 297 15.87 -34.02 1.41
CA LYS F 297 15.96 -34.08 -0.04
C LYS F 297 16.83 -32.95 -0.55
N THR F 298 17.73 -33.29 -1.47
CA THR F 298 18.56 -32.30 -2.11
C THR F 298 18.19 -32.30 -3.59
N PHE F 299 17.78 -31.13 -4.08
CA PHE F 299 17.32 -31.03 -5.46
C PHE F 299 18.50 -30.93 -6.42
N SER F 300 18.37 -31.58 -7.56
CA SER F 300 19.33 -31.44 -8.64
C SER F 300 18.86 -30.32 -9.54
N ASN F 301 19.69 -29.93 -10.50
CA ASN F 301 19.33 -28.89 -11.44
C ASN F 301 18.09 -29.24 -12.27
N GLY F 302 17.21 -28.26 -12.43
CA GLY F 302 15.95 -28.46 -13.12
C GLY F 302 14.77 -27.97 -12.30
N CYS F 303 13.56 -28.23 -12.77
CA CYS F 303 12.37 -27.86 -12.03
C CYS F 303 11.74 -29.08 -11.40
N ASP F 304 11.64 -29.07 -10.07
CA ASP F 304 11.11 -30.20 -9.33
C ASP F 304 10.02 -29.76 -8.36
N TYR F 305 9.51 -30.70 -7.58
CA TYR F 305 8.39 -30.42 -6.69
C TYR F 305 8.35 -31.38 -5.50
N VAL F 306 7.94 -30.86 -4.34
CA VAL F 306 7.69 -31.69 -3.17
C VAL F 306 6.36 -31.31 -2.54
N SER F 307 5.64 -32.30 -2.04
CA SER F 307 4.37 -32.05 -1.36
C SER F 307 4.63 -31.66 0.08
N ASN F 308 3.62 -31.12 0.74
CA ASN F 308 3.77 -30.66 2.12
C ASN F 308 3.72 -31.79 3.14
N LYS F 309 3.47 -33.01 2.65
CA LYS F 309 3.44 -34.19 3.52
C LYS F 309 4.85 -34.53 4.00
N GLY F 310 5.10 -34.30 5.29
CA GLY F 310 6.40 -34.59 5.88
C GLY F 310 7.44 -33.51 5.60
N VAL F 311 7.04 -32.48 4.88
CA VAL F 311 7.95 -31.37 4.59
C VAL F 311 7.45 -30.09 5.26
N ASP F 312 8.35 -29.42 5.97
CA ASP F 312 8.00 -28.19 6.66
C ASP F 312 8.60 -26.96 5.98
N THR F 313 9.85 -27.08 5.53
CA THR F 313 10.52 -25.96 4.91
C THR F 313 11.24 -26.34 3.61
N VAL F 314 11.49 -25.33 2.79
CA VAL F 314 12.28 -25.48 1.58
C VAL F 314 13.30 -24.34 1.52
N SER F 315 14.55 -24.67 1.21
CA SER F 315 15.59 -23.65 1.11
C SER F 315 16.16 -23.57 -0.30
N VAL F 316 16.12 -22.37 -0.89
CA VAL F 316 16.75 -22.13 -2.18
C VAL F 316 17.75 -21.00 -2.03
N GLY F 317 19.03 -21.33 -2.08
CA GLY F 317 20.07 -20.36 -1.84
C GLY F 317 20.02 -19.89 -0.40
N ASN F 318 19.98 -18.58 -0.20
CA ASN F 318 19.92 -18.02 1.14
C ASN F 318 18.50 -17.72 1.61
N THR F 319 17.52 -18.25 0.88
CA THR F 319 16.12 -17.98 1.19
C THR F 319 15.41 -19.22 1.73
N LEU F 320 14.81 -19.08 2.92
CA LEU F 320 14.05 -20.15 3.55
C LEU F 320 12.55 -19.96 3.34
N TYR F 321 11.89 -20.99 2.81
CA TYR F 321 10.44 -20.95 2.60
C TYR F 321 9.72 -21.92 3.52
N TYR F 322 8.69 -21.43 4.21
CA TYR F 322 7.81 -22.32 4.96
C TYR F 322 6.65 -22.73 4.05
N VAL F 323 6.40 -24.04 3.97
CA VAL F 323 5.29 -24.52 3.17
C VAL F 323 3.97 -24.38 3.93
N ASN F 324 2.87 -24.30 3.20
CA ASN F 324 1.55 -24.29 3.82
C ASN F 324 1.25 -25.70 4.35
N LYS F 325 0.68 -25.76 5.55
CA LYS F 325 0.47 -27.03 6.23
C LYS F 325 -0.96 -27.58 6.07
N GLN F 326 -1.68 -27.06 5.08
CA GLN F 326 -3.04 -27.50 4.81
C GLN F 326 -3.07 -28.95 4.35
N GLU F 327 -4.14 -29.66 4.70
CA GLU F 327 -4.29 -31.06 4.33
C GLU F 327 -4.84 -31.21 2.92
N GLY F 328 -4.32 -32.21 2.20
CA GLY F 328 -4.73 -32.47 0.83
C GLY F 328 -3.70 -33.31 0.11
N LYS F 329 -4.13 -33.98 -0.96
CA LYS F 329 -3.25 -34.88 -1.70
C LYS F 329 -2.62 -34.20 -2.92
N SER F 330 -1.35 -34.51 -3.16
CA SER F 330 -0.63 -33.97 -4.32
C SER F 330 -0.33 -35.07 -5.32
N LEU F 331 -0.44 -34.75 -6.60
CA LEU F 331 -0.12 -35.70 -7.66
C LEU F 331 1.02 -35.19 -8.53
N TYR F 332 2.09 -35.98 -8.59
CA TYR F 332 3.25 -35.63 -9.42
C TYR F 332 3.07 -36.21 -10.80
N VAL F 333 2.81 -35.35 -11.78
CA VAL F 333 2.61 -35.79 -13.16
C VAL F 333 3.92 -35.69 -13.94
N LYS F 334 4.54 -36.84 -14.20
CA LYS F 334 5.81 -36.89 -14.91
C LYS F 334 5.66 -36.46 -16.37
N GLY F 335 6.76 -35.97 -16.94
CA GLY F 335 6.78 -35.52 -18.31
C GLY F 335 8.08 -34.80 -18.62
N GLU F 336 8.54 -34.92 -19.86
CA GLU F 336 9.77 -34.26 -20.27
C GLU F 336 9.57 -32.75 -20.33
N PRO F 337 10.50 -31.99 -19.73
CA PRO F 337 10.48 -30.53 -19.77
C PRO F 337 10.43 -30.04 -21.22
N ILE F 338 9.40 -29.26 -21.55
CA ILE F 338 9.17 -28.84 -22.93
C ILE F 338 10.29 -27.95 -23.46
N ILE F 339 11.12 -27.42 -22.55
CA ILE F 339 12.24 -26.59 -22.93
C ILE F 339 13.29 -27.41 -23.71
N ASN F 340 13.25 -28.73 -23.54
CA ASN F 340 14.16 -29.62 -24.24
C ASN F 340 13.81 -29.79 -25.71
N PHE F 341 12.58 -29.43 -26.07
CA PHE F 341 12.09 -29.62 -27.43
C PHE F 341 12.61 -28.53 -28.38
N TYR F 342 13.25 -27.51 -27.83
CA TYR F 342 13.67 -26.37 -28.63
C TYR F 342 15.16 -26.45 -29.00
N ASP F 343 15.48 -25.95 -30.19
CA ASP F 343 16.87 -25.81 -30.60
C ASP F 343 17.40 -24.47 -30.09
N PRO F 344 18.41 -24.52 -29.20
CA PRO F 344 18.99 -23.32 -28.58
C PRO F 344 19.62 -22.37 -29.60
N LEU F 345 19.81 -22.85 -30.83
CA LEU F 345 20.46 -22.06 -31.86
C LEU F 345 19.49 -21.11 -32.55
N VAL F 346 18.21 -21.43 -32.48
CA VAL F 346 17.18 -20.59 -33.10
C VAL F 346 16.08 -20.21 -32.09
N PHE F 347 16.33 -20.46 -30.82
CA PHE F 347 15.36 -20.17 -29.78
C PHE F 347 15.35 -18.68 -29.43
N PRO F 348 14.18 -18.03 -29.60
CA PRO F 348 14.02 -16.61 -29.25
C PRO F 348 14.07 -16.43 -27.74
N SER F 349 15.19 -15.92 -27.24
CA SER F 349 15.46 -15.94 -25.80
C SER F 349 15.15 -14.61 -25.09
N ASP F 350 14.28 -13.79 -25.67
CA ASP F 350 13.85 -12.56 -25.00
C ASP F 350 12.44 -12.16 -25.38
N GLU F 351 11.50 -13.07 -25.20
CA GLU F 351 10.09 -12.78 -25.41
C GLU F 351 9.44 -12.50 -24.06
N PHE F 352 9.16 -11.23 -23.78
CA PHE F 352 8.67 -10.85 -22.45
C PHE F 352 7.20 -11.22 -22.24
N ASP F 353 6.39 -11.04 -23.26
CA ASP F 353 4.97 -11.39 -23.21
C ASP F 353 4.55 -12.07 -24.50
N ALA F 354 4.77 -13.38 -24.57
CA ALA F 354 4.52 -14.12 -25.79
C ALA F 354 3.64 -15.34 -25.55
N SER F 355 3.71 -16.29 -26.48
CA SER F 355 2.93 -17.51 -26.38
C SER F 355 3.60 -18.65 -27.13
N ILE F 356 3.01 -19.83 -27.05
CA ILE F 356 3.58 -21.02 -27.70
C ILE F 356 3.69 -20.87 -29.21
N SER F 357 2.60 -20.46 -29.86
CA SER F 357 2.58 -20.36 -31.31
C SER F 357 3.43 -19.19 -31.81
N GLN F 358 3.47 -18.13 -31.01
CA GLN F 358 4.27 -16.95 -31.34
C GLN F 358 5.76 -17.29 -31.33
N VAL F 359 6.17 -18.10 -30.36
CA VAL F 359 7.55 -18.57 -30.30
C VAL F 359 7.84 -19.48 -31.49
N ASN F 360 6.88 -20.34 -31.83
CA ASN F 360 7.03 -21.27 -32.94
C ASN F 360 7.20 -20.57 -34.29
N GLU F 361 6.41 -19.54 -34.52
CA GLU F 361 6.47 -18.82 -35.79
C GLU F 361 7.77 -18.02 -35.91
N LYS F 362 8.32 -17.59 -34.78
CA LYS F 362 9.59 -16.87 -34.78
C LYS F 362 10.73 -17.83 -35.08
N ILE F 363 10.59 -19.06 -34.61
CA ILE F 363 11.58 -20.11 -34.87
C ILE F 363 11.56 -20.47 -36.36
N ASN F 364 10.36 -20.59 -36.91
CA ASN F 364 10.19 -20.89 -38.33
C ASN F 364 10.80 -19.82 -39.23
N GLN F 365 10.63 -18.56 -38.84
CA GLN F 365 11.16 -17.43 -39.61
C GLN F 365 12.69 -17.38 -39.56
N SER F 366 13.24 -17.65 -38.38
CA SER F 366 14.69 -17.69 -38.21
C SER F 366 15.30 -18.89 -38.93
N LEU F 367 14.54 -19.97 -39.00
CA LEU F 367 15.00 -21.19 -39.65
C LEU F 367 15.03 -21.02 -41.17
N ALA F 368 14.03 -20.29 -41.69
CA ALA F 368 13.92 -20.05 -43.12
C ALA F 368 15.03 -19.11 -43.61
N PHE F 369 15.41 -18.16 -42.76
CA PHE F 369 16.45 -17.20 -43.10
C PHE F 369 17.79 -17.90 -43.30
S SO4 G . -0.93 0.77 -16.51
O1 SO4 G . -1.56 -0.32 -17.25
O2 SO4 G . 0.43 0.38 -16.16
O3 SO4 G . -0.91 1.98 -17.35
O4 SO4 G . -1.69 1.05 -15.30
S SO4 H . -22.41 13.55 -26.53
O1 SO4 H . -22.28 12.25 -27.17
O2 SO4 H . -22.66 13.37 -25.10
O3 SO4 H . -21.18 14.32 -26.72
O4 SO4 H . -23.53 14.27 -27.13
S SO4 I . -9.92 24.98 -6.18
O1 SO4 I . -9.21 23.71 -6.25
O2 SO4 I . -10.89 24.94 -5.08
O3 SO4 I . -8.98 26.06 -5.96
O4 SO4 I . -10.64 25.21 -7.44
S SO4 J . -31.65 8.58 -18.38
O1 SO4 J . -30.19 8.48 -18.45
O2 SO4 J . -32.22 7.26 -18.13
O3 SO4 J . -32.01 9.47 -17.28
O4 SO4 J . -32.13 9.12 -19.65
S SO4 K . -11.31 -16.37 -38.45
O1 SO4 K . -10.95 -17.64 -37.83
O2 SO4 K . -12.75 -16.21 -38.48
O3 SO4 K . -10.74 -15.27 -37.68
O4 SO4 K . -10.78 -16.31 -39.81
S SO4 L . 12.66 -0.34 -10.67
O1 SO4 L . 14.03 -0.85 -10.67
O2 SO4 L . 12.42 0.43 -9.45
O3 SO4 L . 12.47 0.51 -11.85
O4 SO4 L . 11.72 -1.46 -10.72
S SO4 M . 33.19 14.43 -2.03
O1 SO4 M . 33.78 13.17 -2.51
O2 SO4 M . 34.11 15.09 -1.12
O3 SO4 M . 32.93 15.30 -3.18
O4 SO4 M . 31.93 14.15 -1.34
S SO4 N . 22.72 -0.78 15.53
O1 SO4 N . 22.21 -1.84 16.40
O2 SO4 N . 22.63 0.50 16.23
O3 SO4 N . 24.12 -1.06 15.22
O4 SO4 N . 21.94 -0.74 14.31
S SO4 O . 27.26 20.74 2.52
O1 SO4 O . 27.72 19.53 1.82
O2 SO4 O . 26.43 20.34 3.66
O3 SO4 O . 28.42 21.49 3.00
O4 SO4 O . 26.48 21.57 1.60
S SO4 P . 15.63 -24.23 21.95
O1 SO4 P . 16.98 -24.04 22.50
O2 SO4 P . 14.80 -24.93 22.93
O3 SO4 P . 15.03 -22.92 21.66
O4 SO4 P . 15.71 -25.02 20.73
S SO4 Q . 0.76 -36.45 -0.64
O1 SO4 Q . 0.33 -37.59 0.16
O2 SO4 Q . 0.78 -35.25 0.21
O3 SO4 Q . 2.10 -36.69 -1.17
O4 SO4 Q . -0.18 -36.24 -1.73
S SO4 R . 3.51 -12.23 -10.59
O1 SO4 R . 2.74 -12.74 -11.72
O2 SO4 R . 4.81 -12.88 -10.54
O3 SO4 R . 3.69 -10.78 -10.74
O4 SO4 R . 2.78 -12.50 -9.36
S SO4 S . -19.11 -20.49 4.30
O1 SO4 S . -19.57 -21.86 4.08
O2 SO4 S . -18.64 -20.34 5.66
O3 SO4 S . -18.03 -20.19 3.36
O4 SO4 S . -20.23 -19.57 4.06
S SO4 T . 2.91 -33.64 8.50
O1 SO4 T . 2.46 -34.95 8.96
O2 SO4 T . 2.05 -32.60 9.04
O3 SO4 T . 4.29 -33.43 8.95
O4 SO4 T . 2.88 -33.60 7.04
#